data_7YEP
#
_entry.id   7YEP
#
_cell.length_a   1.00
_cell.length_b   1.00
_cell.length_c   1.00
_cell.angle_alpha   90.00
_cell.angle_beta   90.00
_cell.angle_gamma   90.00
#
_symmetry.space_group_name_H-M   'P 1'
#
loop_
_entity.id
_entity.type
_entity.pdbx_description
1 polymer 'Transient receptor potential cation channel subfamily V member 2'
2 non-polymer '2-aminoethyl diphenylborinate'
#
_entity_poly.entity_id   1
_entity_poly.type   'polypeptide(L)'
_entity_poly.pdbx_seq_one_letter_code
;MTSASNPPAFRLETSDGDEEGSAEVNKGKNEPPPMESPFQGEDRNFSPQIKVNLNYRKGLGPSQQDPNRFDRDRLFSVVS
RGVPEELTGLLEYLRRTSKYLTDSAYTEGSTGKTCLMKAVLNLQDGVNACILPLLQIDRDSGNPQPLVNAQCTDEFYRGH
SALHIAIEKRSLWCVKLLVENGANVHIRACGRFFQKHQGTCFYFGELPLSLAACTKQWDVVTYLLENPHQPASLEATDSL
GNTVLHALVMIADNSPENSALVIHMYDSLLQMGARLCPTVQLEDICNHQGLTPLKLAAKEGKIEIFRHILQREFSGLYQP
LSRKFTEWCYGPVRVSLYDLSSVDSWEKNSVLEIIAFHCKSPHRHRMVVLEPLNKLLQEKWDRLIPRFFFNFACYLVYMI
IFTIVAYHQPSLEQPAIPSSKATFGDSMLLLGHILILLGGIYLLLGQLWYFWRRRLFIWISFMDSYFEILFLVQALLTVL
SQVLRFVETEWYLPLLVSSLVLGWLNLLYYTRGFQHTGIYSVMIQKVILRDLLRFLLVYLVFLFGFAVALVSLSREARSP
KAPEDSNTTVTEKPTLGQEEEPVPYGGILDASLELFKFTIGMGELAFQEQLRFRGVVLLLLLAYVLLTYVLLLNMLIALM
SETVNSVATDSWSIWKLQKAISVLEMENGYWWCRRKRHRAGRLLKVGTKGDGIPDERWCFRVEEVNWAAWEKTLPTLSED
PSGAGITGYKKNPTSKPGKNSASEEDHLPLQVLQSH
;
_entity_poly.pdbx_strand_id   A,B,C,D
#
# COMPACT_ATOMS: atom_id res chain seq x y z
N PRO A 67 15.19 62.20 -46.01
CA PRO A 67 15.43 61.91 -44.59
C PRO A 67 14.73 62.90 -43.66
N ASN A 68 13.96 63.83 -44.24
CA ASN A 68 13.25 64.84 -43.47
C ASN A 68 11.89 64.34 -43.00
N ARG A 69 11.04 63.91 -43.94
CA ARG A 69 9.72 63.41 -43.59
C ARG A 69 9.86 62.00 -43.00
N PHE A 70 9.38 61.82 -41.78
CA PHE A 70 9.48 60.55 -41.07
C PHE A 70 8.13 59.86 -41.03
N ASP A 71 8.15 58.53 -41.11
CA ASP A 71 6.96 57.71 -41.05
C ASP A 71 7.11 56.67 -39.95
N ARG A 72 5.97 56.10 -39.55
CA ARG A 72 5.98 55.11 -38.47
C ARG A 72 6.81 53.89 -38.84
N ASP A 73 6.67 53.40 -40.07
CA ASP A 73 7.34 52.15 -40.45
C ASP A 73 8.86 52.33 -40.46
N ARG A 74 9.35 53.37 -41.14
CA ARG A 74 10.79 53.58 -41.22
C ARG A 74 11.38 53.90 -39.86
N LEU A 75 10.66 54.69 -39.05
CA LEU A 75 11.15 54.99 -37.71
C LEU A 75 11.22 53.73 -36.84
N PHE A 76 10.21 52.87 -36.95
CA PHE A 76 10.22 51.61 -36.21
C PHE A 76 11.37 50.73 -36.66
N SER A 77 11.62 50.66 -37.97
CA SER A 77 12.76 49.89 -38.45
C SER A 77 14.07 50.46 -37.92
N VAL A 78 14.19 51.78 -37.89
CA VAL A 78 15.42 52.42 -37.42
C VAL A 78 15.65 52.09 -35.95
N VAL A 79 14.61 52.22 -35.13
CA VAL A 79 14.77 51.95 -33.70
C VAL A 79 15.00 50.46 -33.46
N SER A 80 14.44 49.60 -34.32
CA SER A 80 14.61 48.15 -34.12
C SER A 80 16.07 47.74 -34.25
N ARG A 81 16.78 48.27 -35.25
CA ARG A 81 18.18 47.89 -35.44
C ARG A 81 19.08 48.36 -34.31
N GLY A 82 18.66 49.38 -33.55
CA GLY A 82 19.48 49.87 -32.46
C GLY A 82 20.66 50.70 -32.89
N VAL A 83 20.65 51.24 -34.10
CA VAL A 83 21.70 52.12 -34.60
C VAL A 83 21.14 53.54 -34.62
N PRO A 84 21.63 54.45 -33.77
CA PRO A 84 21.05 55.80 -33.69
C PRO A 84 21.64 56.82 -34.63
N GLU A 85 22.56 56.44 -35.53
CA GLU A 85 23.20 57.42 -36.40
C GLU A 85 22.19 58.12 -37.30
N GLU A 86 21.22 57.39 -37.82
CA GLU A 86 20.26 57.93 -38.77
C GLU A 86 19.03 58.52 -38.09
N LEU A 87 19.15 58.96 -36.84
CA LEU A 87 18.07 59.67 -36.17
C LEU A 87 18.17 61.17 -36.33
N THR A 88 19.15 61.67 -37.09
CA THR A 88 19.27 63.10 -37.35
C THR A 88 18.20 63.49 -38.36
N GLY A 89 17.24 64.30 -37.92
CA GLY A 89 16.15 64.71 -38.78
C GLY A 89 14.82 64.74 -38.05
N LEU A 90 14.74 64.03 -36.92
CA LEU A 90 13.52 64.02 -36.14
C LEU A 90 13.21 65.42 -35.62
N LEU A 91 14.22 66.12 -35.11
CA LEU A 91 14.01 67.47 -34.61
C LEU A 91 13.50 68.40 -35.70
N GLU A 92 14.11 68.31 -36.88
CA GLU A 92 13.72 69.18 -37.99
C GLU A 92 12.27 68.92 -38.39
N TYR A 93 11.88 67.65 -38.49
CA TYR A 93 10.50 67.34 -38.84
C TYR A 93 9.54 67.81 -37.76
N LEU A 94 9.88 67.60 -36.50
CA LEU A 94 8.98 67.98 -35.41
C LEU A 94 8.79 69.49 -35.36
N ARG A 95 9.86 70.26 -35.57
CA ARG A 95 9.76 71.72 -35.54
C ARG A 95 9.30 72.32 -36.87
N ARG A 96 9.27 71.53 -37.94
CA ARG A 96 8.80 72.00 -39.24
C ARG A 96 7.31 71.74 -39.42
N THR A 97 6.86 70.52 -39.12
CA THR A 97 5.46 70.17 -39.20
C THR A 97 4.70 70.53 -37.93
N SER A 98 5.40 71.01 -36.89
CA SER A 98 4.75 71.39 -35.62
C SER A 98 3.98 70.21 -35.04
N LYS A 99 4.65 69.05 -34.99
CA LYS A 99 4.05 67.84 -34.45
C LYS A 99 5.02 67.20 -33.47
N TYR A 100 4.46 66.46 -32.51
CA TYR A 100 5.24 65.79 -31.48
C TYR A 100 5.47 64.34 -31.89
N LEU A 101 6.21 63.61 -31.05
CA LEU A 101 6.45 62.19 -31.27
C LEU A 101 5.33 61.32 -30.73
N THR A 102 4.41 61.87 -29.95
CA THR A 102 3.29 61.14 -29.40
C THR A 102 2.08 61.15 -30.32
N ASP A 103 2.20 61.73 -31.51
CA ASP A 103 1.09 61.82 -32.44
C ASP A 103 0.68 60.43 -32.92
N SER A 104 -0.57 60.32 -33.38
CA SER A 104 -1.08 59.05 -33.87
C SER A 104 -0.28 58.53 -35.06
N ALA A 105 0.40 59.42 -35.80
CA ALA A 105 1.12 59.00 -36.99
C ALA A 105 2.26 58.04 -36.67
N TYR A 106 2.88 58.16 -35.50
CA TYR A 106 4.03 57.34 -35.14
C TYR A 106 3.67 56.21 -34.18
N THR A 107 2.40 56.04 -33.84
CA THR A 107 1.95 54.96 -32.99
C THR A 107 0.87 54.15 -33.71
N GLU A 108 0.83 52.85 -33.43
CA GLU A 108 -0.18 52.01 -34.03
C GLU A 108 -1.57 52.55 -33.68
N GLY A 109 -2.41 52.70 -34.70
CA GLY A 109 -3.73 53.29 -34.51
C GLY A 109 -4.78 52.34 -34.00
N SER A 110 -4.43 51.08 -33.75
CA SER A 110 -5.38 50.07 -33.29
C SER A 110 -5.23 49.78 -31.80
N THR A 111 -4.01 49.69 -31.29
CA THR A 111 -3.76 49.35 -29.89
C THR A 111 -3.27 50.52 -29.06
N GLY A 112 -2.34 51.31 -29.61
CA GLY A 112 -1.69 52.38 -28.86
C GLY A 112 -0.20 52.19 -28.70
N LYS A 113 0.37 51.12 -29.24
CA LYS A 113 1.81 50.91 -29.16
C LYS A 113 2.55 52.05 -29.83
N THR A 114 3.64 52.49 -29.22
CA THR A 114 4.48 53.56 -29.75
C THR A 114 5.88 53.04 -30.06
N CYS A 115 6.70 53.91 -30.62
CA CYS A 115 8.06 53.50 -30.99
C CYS A 115 8.85 53.04 -29.78
N LEU A 116 8.64 53.69 -28.63
CA LEU A 116 9.30 53.26 -27.41
C LEU A 116 9.01 51.80 -27.14
N MET A 117 7.76 51.37 -27.36
CA MET A 117 7.37 49.99 -27.10
C MET A 117 8.19 49.03 -27.96
N LYS A 118 8.27 49.30 -29.26
CA LYS A 118 9.03 48.42 -30.15
C LYS A 118 10.49 48.40 -29.76
N ALA A 119 11.06 49.58 -29.46
CA ALA A 119 12.47 49.64 -29.11
C ALA A 119 12.77 48.83 -27.86
N VAL A 120 11.92 48.93 -26.85
CA VAL A 120 12.17 48.24 -25.58
C VAL A 120 11.81 46.76 -25.67
N LEU A 121 10.93 46.38 -26.59
CA LEU A 121 10.63 44.97 -26.79
C LEU A 121 11.78 44.21 -27.42
N ASN A 122 12.61 44.88 -28.21
CA ASN A 122 13.73 44.25 -28.91
C ASN A 122 15.03 44.86 -28.41
N LEU A 123 15.92 44.02 -27.89
CA LEU A 123 17.22 44.45 -27.41
C LEU A 123 18.27 43.44 -27.85
N GLN A 124 19.45 43.95 -28.21
CA GLN A 124 20.59 43.10 -28.54
C GLN A 124 21.32 42.80 -27.24
N ASP A 125 21.24 41.54 -26.80
CA ASP A 125 21.88 41.09 -25.56
C ASP A 125 21.62 42.05 -24.41
N GLY A 126 20.48 42.73 -24.43
CA GLY A 126 20.09 43.61 -23.36
C GLY A 126 20.50 45.06 -23.52
N VAL A 127 20.94 45.47 -24.70
CA VAL A 127 21.42 46.83 -24.94
C VAL A 127 20.59 47.45 -26.05
N ASN A 128 20.28 48.73 -25.91
CA ASN A 128 19.60 49.49 -26.96
C ASN A 128 20.02 50.96 -26.82
N ALA A 129 21.02 51.35 -27.62
CA ALA A 129 21.55 52.70 -27.55
C ALA A 129 20.58 53.75 -28.08
N CYS A 130 19.71 53.38 -29.02
CA CYS A 130 18.83 54.37 -29.64
C CYS A 130 17.85 54.97 -28.65
N ILE A 131 17.66 54.35 -27.48
CA ILE A 131 16.69 54.85 -26.52
C ILE A 131 17.08 56.23 -26.03
N LEU A 132 18.36 56.44 -25.73
CA LEU A 132 18.80 57.72 -25.18
C LEU A 132 18.57 58.87 -26.14
N PRO A 133 18.99 58.80 -27.41
CA PRO A 133 18.58 59.86 -28.36
C PRO A 133 17.07 60.00 -28.45
N LEU A 134 16.35 58.88 -28.44
CA LEU A 134 14.90 58.95 -28.56
C LEU A 134 14.31 59.76 -27.40
N LEU A 135 14.68 59.41 -26.17
CA LEU A 135 14.11 60.09 -25.01
C LEU A 135 14.54 61.55 -24.98
N GLN A 136 15.82 61.83 -25.28
CA GLN A 136 16.29 63.21 -25.18
C GLN A 136 15.61 64.09 -26.22
N ILE A 137 15.45 63.58 -27.45
CA ILE A 137 14.77 64.38 -28.47
C ILE A 137 13.30 64.53 -28.13
N ASP A 138 12.68 63.50 -27.56
CA ASP A 138 11.28 63.62 -27.16
C ASP A 138 11.10 64.70 -26.12
N ARG A 139 11.95 64.71 -25.09
CA ARG A 139 11.82 65.73 -24.05
C ARG A 139 12.17 67.11 -24.59
N ASP A 140 13.12 67.21 -25.51
CA ASP A 140 13.42 68.51 -26.12
C ASP A 140 12.22 69.05 -26.89
N SER A 141 11.42 68.16 -27.50
CA SER A 141 10.27 68.59 -28.28
C SER A 141 9.20 67.51 -28.16
N GLY A 142 8.09 67.83 -27.51
CA GLY A 142 7.04 66.87 -27.33
C GLY A 142 5.92 67.43 -26.47
N ASN A 143 4.84 66.66 -26.38
CA ASN A 143 3.73 67.02 -25.52
C ASN A 143 4.16 66.82 -24.07
N PRO A 144 3.44 67.44 -23.09
CA PRO A 144 3.91 67.36 -21.70
C PRO A 144 4.27 65.95 -21.25
N GLN A 145 3.61 64.93 -21.81
CA GLN A 145 3.98 63.55 -21.53
C GLN A 145 5.03 63.13 -22.56
N PRO A 146 6.25 62.78 -22.16
CA PRO A 146 7.27 62.37 -23.14
C PRO A 146 7.20 60.86 -23.45
N LEU A 147 6.03 60.44 -23.93
CA LEU A 147 5.80 59.06 -24.37
C LEU A 147 6.15 58.03 -23.30
N VAL A 148 6.23 58.44 -22.05
CA VAL A 148 6.42 57.52 -20.94
C VAL A 148 5.13 57.23 -20.19
N ASN A 149 4.22 58.20 -20.10
CA ASN A 149 2.89 57.97 -19.55
C ASN A 149 1.89 57.48 -20.57
N ALA A 150 2.23 57.54 -21.86
CA ALA A 150 1.37 56.98 -22.89
C ALA A 150 1.30 55.47 -22.73
N GLN A 151 0.08 54.93 -22.78
CA GLN A 151 -0.16 53.53 -22.50
C GLN A 151 -1.10 52.94 -23.55
N CYS A 152 -1.01 51.62 -23.71
CA CYS A 152 -1.85 50.93 -24.67
C CYS A 152 -3.31 51.16 -24.34
N THR A 153 -4.11 51.39 -25.38
CA THR A 153 -5.53 51.65 -25.24
C THR A 153 -6.41 50.44 -25.55
N ASP A 154 -5.87 49.40 -26.19
CA ASP A 154 -6.67 48.26 -26.57
C ASP A 154 -7.26 47.59 -25.34
N GLU A 155 -8.48 47.04 -25.50
CA GLU A 155 -9.15 46.38 -24.39
C GLU A 155 -8.26 45.30 -23.77
N PHE A 156 -7.43 44.65 -24.59
CA PHE A 156 -6.57 43.60 -24.06
C PHE A 156 -5.59 44.15 -23.03
N TYR A 157 -5.08 45.36 -23.26
CA TYR A 157 -3.99 45.94 -22.46
C TYR A 157 -4.29 47.39 -22.10
N ARG A 158 -5.50 47.69 -21.66
CA ARG A 158 -5.79 49.05 -21.24
C ARG A 158 -4.96 49.39 -20.00
N GLY A 159 -4.36 50.59 -20.00
CA GLY A 159 -3.50 51.02 -18.94
C GLY A 159 -2.11 50.44 -18.98
N HIS A 160 -1.84 49.50 -19.88
CA HIS A 160 -0.52 48.89 -19.98
C HIS A 160 0.47 49.91 -20.52
N SER A 161 1.50 50.20 -19.71
CA SER A 161 2.45 51.26 -20.01
C SER A 161 3.80 50.66 -20.38
N ALA A 162 4.71 51.53 -20.81
CA ALA A 162 6.05 51.08 -21.19
C ALA A 162 6.79 50.52 -19.99
N LEU A 163 6.46 50.97 -18.78
CA LEU A 163 7.15 50.49 -17.59
C LEU A 163 6.92 48.99 -17.40
N HIS A 164 5.67 48.54 -17.57
CA HIS A 164 5.40 47.11 -17.48
C HIS A 164 6.14 46.34 -18.56
N ILE A 165 6.15 46.87 -19.78
CA ILE A 165 6.84 46.21 -20.89
C ILE A 165 8.31 46.02 -20.53
N ALA A 166 8.96 47.07 -20.04
CA ALA A 166 10.36 46.98 -19.64
C ALA A 166 10.54 45.99 -18.50
N ILE A 167 9.64 46.01 -17.53
CA ILE A 167 9.78 45.16 -16.36
C ILE A 167 9.60 43.69 -16.74
N GLU A 168 8.90 43.40 -17.83
CA GLU A 168 8.68 42.02 -18.21
C GLU A 168 9.99 41.30 -18.50
N LYS A 169 10.88 41.94 -19.26
CA LYS A 169 12.07 41.24 -19.74
C LYS A 169 13.10 40.98 -18.65
N ARG A 170 12.83 41.33 -17.39
CA ARG A 170 13.77 41.10 -16.30
C ARG A 170 15.05 41.92 -16.50
N SER A 171 14.88 43.21 -16.79
CA SER A 171 15.99 44.11 -17.04
C SER A 171 15.89 45.32 -16.11
N LEU A 172 17.05 45.89 -15.81
CA LEU A 172 17.14 46.98 -14.85
C LEU A 172 17.45 48.30 -15.54
N TRP A 173 18.40 48.27 -16.48
CA TRP A 173 18.94 49.51 -17.03
C TRP A 173 17.85 50.33 -17.71
N CYS A 174 16.97 49.66 -18.47
CA CYS A 174 15.85 50.37 -19.08
C CYS A 174 14.96 50.98 -18.00
N VAL A 175 14.74 50.26 -16.91
CA VAL A 175 13.94 50.81 -15.82
C VAL A 175 14.61 52.05 -15.24
N LYS A 176 15.93 52.00 -15.05
CA LYS A 176 16.65 53.14 -14.52
C LYS A 176 16.49 54.35 -15.43
N LEU A 177 16.66 54.14 -16.73
CA LEU A 177 16.54 55.26 -17.66
C LEU A 177 15.11 55.81 -17.69
N LEU A 178 14.12 54.91 -17.67
CA LEU A 178 12.73 55.35 -17.70
C LEU A 178 12.38 56.18 -16.48
N VAL A 179 12.74 55.70 -15.29
CA VAL A 179 12.40 56.42 -14.08
C VAL A 179 13.20 57.72 -13.98
N GLU A 180 14.46 57.70 -14.41
CA GLU A 180 15.26 58.91 -14.37
C GLU A 180 14.66 60.01 -15.23
N ASN A 181 14.22 59.66 -16.44
CA ASN A 181 13.60 60.65 -17.32
C ASN A 181 12.19 61.03 -16.87
N GLY A 182 11.63 60.32 -15.90
CA GLY A 182 10.31 60.63 -15.39
C GLY A 182 9.31 59.58 -15.88
N ALA A 183 8.39 59.23 -15.00
CA ALA A 183 7.37 58.22 -15.29
C ALA A 183 6.36 58.22 -14.16
N ASN A 184 5.31 57.42 -14.31
CA ASN A 184 4.25 57.30 -13.31
C ASN A 184 4.20 55.83 -12.88
N VAL A 185 5.03 55.48 -11.90
CA VAL A 185 5.18 54.11 -11.46
C VAL A 185 3.86 53.57 -10.91
N HIS A 186 3.03 54.46 -10.36
CA HIS A 186 1.75 54.03 -9.83
C HIS A 186 0.74 53.73 -10.94
N ILE A 187 1.05 54.06 -12.19
CA ILE A 187 0.14 53.74 -13.28
C ILE A 187 -0.09 52.25 -13.32
N ARG A 188 -1.34 51.85 -13.54
CA ARG A 188 -1.75 50.46 -13.47
C ARG A 188 -2.42 50.04 -14.78
N ALA A 189 -2.27 48.76 -15.12
CA ALA A 189 -2.74 48.22 -16.39
C ALA A 189 -4.05 47.47 -16.15
N CYS A 190 -5.16 48.18 -16.34
CA CYS A 190 -6.50 47.63 -16.12
C CYS A 190 -7.13 47.39 -17.48
N GLY A 191 -6.84 46.23 -18.06
CA GLY A 191 -7.32 45.89 -19.39
C GLY A 191 -8.23 44.69 -19.41
N ARG A 192 -7.85 43.66 -20.14
CA ARG A 192 -8.59 42.41 -20.19
C ARG A 192 -7.71 41.20 -19.93
N PHE A 193 -6.47 41.19 -20.43
CA PHE A 193 -5.57 40.08 -20.15
C PHE A 193 -5.18 40.04 -18.68
N PHE A 194 -4.90 41.20 -18.10
CA PHE A 194 -4.43 41.26 -16.72
C PHE A 194 -5.55 41.02 -15.73
N GLN A 195 -6.75 41.51 -16.01
CA GLN A 195 -7.87 41.32 -15.11
C GLN A 195 -8.15 39.84 -14.94
N LYS A 196 -8.53 39.43 -13.74
CA LYS A 196 -8.81 38.02 -13.48
C LYS A 196 -10.11 37.61 -14.18
N HIS A 197 -10.02 36.59 -15.03
CA HIS A 197 -11.18 36.03 -15.70
C HIS A 197 -10.81 34.62 -16.17
N GLN A 198 -11.63 34.04 -17.03
CA GLN A 198 -11.41 32.69 -17.54
C GLN A 198 -10.83 32.75 -18.94
N GLY A 199 -9.74 32.04 -19.16
CA GLY A 199 -9.13 32.01 -20.47
C GLY A 199 -7.67 32.41 -20.44
N THR A 200 -7.24 33.19 -21.43
CA THR A 200 -5.89 33.72 -21.46
C THR A 200 -5.77 34.84 -20.43
N CYS A 201 -4.95 34.62 -19.40
CA CYS A 201 -4.86 35.58 -18.30
C CYS A 201 -3.67 35.27 -17.43
N PHE A 202 -3.24 36.28 -16.69
CA PHE A 202 -2.26 36.14 -15.62
C PHE A 202 -2.42 37.34 -14.70
N TYR A 203 -2.89 37.09 -13.49
CA TYR A 203 -3.16 38.18 -12.55
C TYR A 203 -1.91 38.45 -11.72
N PHE A 204 -1.53 39.72 -11.65
CA PHE A 204 -0.39 40.12 -10.83
C PHE A 204 -0.63 41.44 -10.12
N GLY A 205 -1.87 41.94 -10.10
CA GLY A 205 -2.18 43.19 -9.45
C GLY A 205 -2.08 44.42 -10.34
N GLU A 206 -1.69 44.26 -11.60
CA GLU A 206 -1.57 45.37 -12.56
C GLU A 206 -0.92 46.60 -11.93
N LEU A 207 0.15 46.37 -11.16
CA LEU A 207 1.03 47.45 -10.74
C LEU A 207 2.44 47.03 -11.10
N PRO A 208 3.29 47.98 -11.52
CA PRO A 208 4.68 47.58 -11.85
C PRO A 208 5.39 46.93 -10.68
N LEU A 209 5.18 47.42 -9.47
CA LEU A 209 5.83 46.80 -8.31
C LEU A 209 5.24 45.43 -8.03
N SER A 210 3.92 45.29 -8.14
CA SER A 210 3.29 43.98 -7.98
C SER A 210 3.75 43.03 -9.07
N LEU A 211 3.90 43.52 -10.29
CA LEU A 211 4.45 42.69 -11.36
C LEU A 211 5.85 42.22 -11.03
N ALA A 212 6.69 43.12 -10.54
CA ALA A 212 8.06 42.74 -10.19
C ALA A 212 8.06 41.69 -9.09
N ALA A 213 7.19 41.87 -8.09
CA ALA A 213 7.15 40.93 -6.98
C ALA A 213 6.65 39.56 -7.44
N CYS A 214 5.56 39.52 -8.20
CA CYS A 214 5.03 38.27 -8.70
C CYS A 214 5.94 37.62 -9.72
N THR A 215 6.86 38.39 -10.32
CA THR A 215 7.78 37.90 -11.32
C THR A 215 9.19 37.70 -10.76
N LYS A 216 9.34 37.61 -9.44
CA LYS A 216 10.62 37.30 -8.80
C LYS A 216 11.72 38.25 -9.28
N GLN A 217 11.41 39.54 -9.33
CA GLN A 217 12.40 40.55 -9.68
C GLN A 217 12.85 41.19 -8.36
N TRP A 218 13.79 40.52 -7.70
CA TRP A 218 14.34 41.02 -6.45
C TRP A 218 14.90 42.42 -6.57
N ASP A 219 15.44 42.79 -7.73
CA ASP A 219 16.18 44.03 -7.88
C ASP A 219 15.30 45.15 -8.43
N VAL A 220 14.37 44.81 -9.32
CA VAL A 220 13.49 45.83 -9.85
C VAL A 220 12.67 46.45 -8.72
N VAL A 221 12.09 45.63 -7.85
CA VAL A 221 11.32 46.17 -6.74
C VAL A 221 12.19 47.08 -5.89
N THR A 222 13.44 46.69 -5.66
CA THR A 222 14.34 47.51 -4.86
C THR A 222 14.54 48.87 -5.50
N TYR A 223 14.78 48.90 -6.81
CA TYR A 223 14.98 50.19 -7.47
C TYR A 223 13.71 51.03 -7.43
N LEU A 224 12.55 50.40 -7.67
CA LEU A 224 11.30 51.15 -7.61
C LEU A 224 11.08 51.75 -6.23
N LEU A 225 11.46 51.01 -5.19
CA LEU A 225 11.21 51.49 -3.83
C LEU A 225 12.19 52.58 -3.43
N GLU A 226 13.46 52.44 -3.83
CA GLU A 226 14.51 53.37 -3.43
C GLU A 226 15.08 54.18 -4.59
N ASN A 227 14.29 54.46 -5.61
CA ASN A 227 14.74 55.43 -6.61
C ASN A 227 14.58 56.83 -6.02
N PRO A 228 15.64 57.65 -5.99
CA PRO A 228 15.50 58.98 -5.38
C PRO A 228 14.56 59.89 -6.12
N HIS A 229 14.46 59.77 -7.46
CA HIS A 229 13.68 60.71 -8.24
C HIS A 229 12.20 60.65 -7.86
N GLN A 230 11.67 59.44 -7.70
CA GLN A 230 10.25 59.25 -7.35
C GLN A 230 10.07 57.87 -6.75
N PRO A 231 10.18 57.76 -5.42
CA PRO A 231 10.05 56.45 -4.78
C PRO A 231 8.68 55.84 -5.04
N ALA A 232 8.65 54.50 -5.13
CA ALA A 232 7.44 53.76 -5.43
C ALA A 232 6.75 53.33 -4.14
N SER A 233 5.49 53.72 -3.99
CA SER A 233 4.73 53.35 -2.79
C SER A 233 4.51 51.85 -2.74
N LEU A 234 4.40 51.33 -1.53
CA LEU A 234 4.20 49.90 -1.29
C LEU A 234 2.77 49.56 -0.90
N GLU A 235 1.99 50.55 -0.44
CA GLU A 235 0.61 50.32 -0.05
C GLU A 235 -0.34 50.47 -1.23
N ALA A 236 0.19 50.80 -2.40
CA ALA A 236 -0.66 51.10 -3.55
C ALA A 236 -1.54 49.90 -3.89
N THR A 237 -2.81 50.17 -4.11
CA THR A 237 -3.81 49.16 -4.42
C THR A 237 -4.10 49.17 -5.91
N ASP A 238 -4.59 48.03 -6.41
CA ASP A 238 -4.95 47.90 -7.79
C ASP A 238 -6.45 48.18 -7.95
N SER A 239 -6.92 48.22 -9.19
CA SER A 239 -8.32 48.52 -9.45
C SER A 239 -9.23 47.60 -8.66
N LEU A 240 -8.83 46.34 -8.49
CA LEU A 240 -9.62 45.37 -7.75
C LEU A 240 -9.53 45.58 -6.24
N GLY A 241 -8.56 46.36 -5.77
CA GLY A 241 -8.34 46.57 -4.35
C GLY A 241 -7.19 45.78 -3.77
N ASN A 242 -6.62 44.86 -4.53
CA ASN A 242 -5.50 44.08 -4.03
C ASN A 242 -4.24 44.93 -3.96
N THR A 243 -3.43 44.65 -2.94
CA THR A 243 -2.09 45.18 -2.81
C THR A 243 -1.10 44.14 -3.28
N VAL A 244 0.19 44.46 -3.18
CA VAL A 244 1.21 43.51 -3.61
C VAL A 244 1.09 42.22 -2.82
N LEU A 245 0.79 42.30 -1.53
CA LEU A 245 0.61 41.09 -0.73
C LEU A 245 -0.64 40.33 -1.18
N HIS A 246 -1.74 41.05 -1.42
CA HIS A 246 -2.95 40.40 -1.89
C HIS A 246 -2.69 39.67 -3.20
N ALA A 247 -2.12 40.37 -4.18
CA ALA A 247 -1.84 39.74 -5.46
C ALA A 247 -0.88 38.57 -5.31
N LEU A 248 0.16 38.75 -4.49
CA LEU A 248 1.16 37.72 -4.32
C LEU A 248 0.56 36.48 -3.70
N VAL A 249 -0.48 36.65 -2.88
CA VAL A 249 -1.27 35.50 -2.42
C VAL A 249 -2.08 34.93 -3.58
N MET A 250 -2.66 35.81 -4.40
CA MET A 250 -3.60 35.36 -5.42
C MET A 250 -2.95 34.38 -6.38
N ILE A 251 -1.72 34.68 -6.81
CA ILE A 251 -0.99 33.76 -7.68
C ILE A 251 -0.55 32.51 -6.95
N ALA A 252 -0.59 32.51 -5.62
CA ALA A 252 -0.13 31.35 -4.87
C ALA A 252 -0.94 30.12 -5.26
N ASP A 253 -0.23 29.02 -5.49
CA ASP A 253 -0.85 27.73 -5.72
C ASP A 253 -0.06 26.69 -4.92
N ASN A 254 -0.68 25.55 -4.65
CA ASN A 254 -0.12 24.57 -3.74
C ASN A 254 1.08 23.82 -4.32
N SER A 255 1.57 24.23 -5.48
CA SER A 255 2.80 23.66 -6.00
C SER A 255 3.96 23.98 -5.05
N PRO A 256 4.82 23.00 -4.73
CA PRO A 256 5.91 23.28 -3.79
C PRO A 256 6.81 24.42 -4.22
N GLU A 257 7.14 24.50 -5.52
CA GLU A 257 8.00 25.58 -5.99
C GLU A 257 7.26 26.92 -5.95
N ASN A 258 5.99 26.92 -6.40
CA ASN A 258 5.19 28.13 -6.30
C ASN A 258 5.03 28.56 -4.86
N SER A 259 4.77 27.60 -3.96
CA SER A 259 4.60 27.95 -2.55
C SER A 259 5.89 28.54 -1.99
N ALA A 260 7.03 27.94 -2.34
CA ALA A 260 8.30 28.48 -1.85
C ALA A 260 8.51 29.90 -2.35
N LEU A 261 8.25 30.14 -3.64
CA LEU A 261 8.41 31.48 -4.18
C LEU A 261 7.50 32.48 -3.47
N VAL A 262 6.24 32.10 -3.30
CA VAL A 262 5.28 33.01 -2.67
C VAL A 262 5.72 33.32 -1.25
N ILE A 263 6.10 32.29 -0.50
CA ILE A 263 6.51 32.50 0.89
C ILE A 263 7.71 33.42 0.96
N HIS A 264 8.73 33.15 0.13
CA HIS A 264 9.95 33.94 0.18
C HIS A 264 9.66 35.39 -0.15
N MET A 265 8.93 35.65 -1.24
CA MET A 265 8.72 37.02 -1.65
C MET A 265 7.79 37.73 -0.68
N TYR A 266 6.81 37.01 -0.13
CA TYR A 266 5.91 37.58 0.88
C TYR A 266 6.71 38.06 2.09
N ASP A 267 7.54 37.18 2.65
CA ASP A 267 8.34 37.55 3.81
C ASP A 267 9.27 38.71 3.50
N SER A 268 9.98 38.63 2.37
CA SER A 268 10.95 39.65 2.05
C SER A 268 10.29 41.01 1.83
N LEU A 269 9.15 41.01 1.13
CA LEU A 269 8.48 42.27 0.87
C LEU A 269 7.90 42.85 2.15
N LEU A 270 7.41 42.00 3.04
CA LEU A 270 6.94 42.49 4.33
C LEU A 270 8.07 43.11 5.14
N GLN A 271 9.25 42.47 5.14
CA GLN A 271 10.41 43.04 5.80
C GLN A 271 10.78 44.38 5.20
N MET A 272 10.80 44.48 3.87
CA MET A 272 11.12 45.74 3.23
C MET A 272 10.11 46.82 3.60
N GLY A 273 8.81 46.47 3.61
CA GLY A 273 7.81 47.43 4.00
C GLY A 273 8.02 47.94 5.41
N ALA A 274 8.40 47.04 6.33
CA ALA A 274 8.72 47.48 7.68
C ALA A 274 9.93 48.42 7.68
N ARG A 275 10.95 48.09 6.88
CA ARG A 275 12.15 48.91 6.85
C ARG A 275 11.86 50.32 6.33
N LEU A 276 11.10 50.44 5.25
CA LEU A 276 10.90 51.73 4.60
C LEU A 276 9.96 52.62 5.39
N CYS A 277 8.71 52.18 5.59
CA CYS A 277 7.68 52.96 6.26
C CYS A 277 7.05 52.09 7.35
N PRO A 278 7.69 51.99 8.51
CA PRO A 278 7.12 51.17 9.59
C PRO A 278 5.77 51.65 10.07
N THR A 279 5.48 52.95 9.93
CA THR A 279 4.27 53.52 10.53
C THR A 279 2.99 52.87 10.03
N VAL A 280 3.04 52.25 8.85
CA VAL A 280 1.84 51.69 8.21
C VAL A 280 1.97 50.17 8.25
N GLN A 281 0.88 49.51 8.66
CA GLN A 281 0.88 48.06 8.82
C GLN A 281 0.26 47.44 7.57
N LEU A 282 1.09 46.77 6.76
CA LEU A 282 0.62 46.27 5.47
C LEU A 282 -0.25 45.03 5.59
N GLU A 283 -0.03 44.20 6.62
CA GLU A 283 -0.81 42.98 6.73
C GLU A 283 -2.30 43.27 6.85
N ASP A 284 -2.67 44.48 7.27
CA ASP A 284 -4.07 44.84 7.50
C ASP A 284 -4.46 45.87 6.44
N ILE A 285 -4.79 45.36 5.25
CA ILE A 285 -5.28 46.22 4.17
C ILE A 285 -6.44 45.51 3.49
N CYS A 286 -7.66 45.94 3.81
CA CYS A 286 -8.85 45.33 3.26
C CYS A 286 -9.00 45.74 1.80
N ASN A 287 -8.97 44.76 0.90
CA ASN A 287 -9.21 45.07 -0.51
C ASN A 287 -10.70 45.33 -0.69
N HIS A 288 -11.14 45.46 -1.94
CA HIS A 288 -12.52 45.82 -2.19
C HIS A 288 -13.47 44.77 -1.64
N GLN A 289 -13.03 43.51 -1.59
CA GLN A 289 -13.85 42.46 -0.98
C GLN A 289 -13.79 42.50 0.54
N GLY A 290 -12.87 43.28 1.11
CA GLY A 290 -12.76 43.38 2.54
C GLY A 290 -11.97 42.24 3.15
N LEU A 291 -10.96 41.75 2.42
CA LEU A 291 -10.15 40.64 2.89
C LEU A 291 -8.70 41.08 2.99
N THR A 292 -8.05 40.65 4.06
CA THR A 292 -6.62 40.78 4.24
C THR A 292 -5.92 39.67 3.51
N PRO A 293 -4.59 39.76 3.34
CA PRO A 293 -3.89 38.68 2.65
C PRO A 293 -4.11 37.32 3.30
N LEU A 294 -4.21 37.26 4.62
CA LEU A 294 -4.47 36.00 5.30
C LEU A 294 -5.88 35.52 5.04
N LYS A 295 -6.86 36.41 5.21
CA LYS A 295 -8.24 36.03 4.92
C LYS A 295 -8.39 35.67 3.44
N LEU A 296 -7.71 36.41 2.57
CA LEU A 296 -7.75 36.10 1.14
C LEU A 296 -7.16 34.73 0.87
N ALA A 297 -6.06 34.38 1.54
CA ALA A 297 -5.50 33.04 1.37
C ALA A 297 -6.47 31.98 1.84
N ALA A 298 -7.16 32.25 2.95
CA ALA A 298 -8.13 31.28 3.46
C ALA A 298 -9.28 31.08 2.49
N LYS A 299 -9.86 32.18 2.01
CA LYS A 299 -11.00 32.08 1.11
C LYS A 299 -10.62 31.43 -0.21
N GLU A 300 -9.45 31.79 -0.75
CA GLU A 300 -9.07 31.29 -2.06
C GLU A 300 -8.47 29.89 -2.02
N GLY A 301 -8.46 29.24 -0.85
CA GLY A 301 -8.02 27.88 -0.76
C GLY A 301 -6.53 27.70 -0.70
N LYS A 302 -5.74 28.75 -0.91
CA LYS A 302 -4.30 28.63 -0.81
C LYS A 302 -3.96 28.15 0.59
N ILE A 303 -3.36 26.97 0.70
CA ILE A 303 -3.13 26.31 1.97
C ILE A 303 -1.69 26.51 2.44
N GLU A 304 -0.72 26.38 1.53
CA GLU A 304 0.67 26.50 1.94
C GLU A 304 1.00 27.91 2.39
N ILE A 305 0.64 28.91 1.56
CA ILE A 305 0.84 30.29 1.98
C ILE A 305 -0.04 30.60 3.17
N PHE A 306 -1.24 30.02 3.22
CA PHE A 306 -2.12 30.24 4.37
C PHE A 306 -1.49 29.74 5.66
N ARG A 307 -1.02 28.50 5.66
CA ARG A 307 -0.41 27.97 6.87
C ARG A 307 0.86 28.74 7.22
N HIS A 308 1.66 29.09 6.22
CA HIS A 308 2.87 29.85 6.52
C HIS A 308 2.54 31.17 7.19
N ILE A 309 1.64 31.97 6.58
CA ILE A 309 1.24 33.21 7.22
C ILE A 309 0.67 32.93 8.59
N LEU A 310 0.05 31.77 8.76
CA LEU A 310 -0.66 31.47 10.00
C LEU A 310 0.32 31.19 11.13
N GLN A 311 1.56 30.87 10.78
CA GLN A 311 2.60 30.54 11.76
C GLN A 311 3.96 30.92 11.18
N ARG A 312 4.43 32.12 11.52
CA ARG A 312 5.71 32.60 11.04
C ARG A 312 6.38 33.41 12.14
N GLU A 313 7.71 33.35 12.17
CA GLU A 313 8.50 34.10 13.14
C GLU A 313 9.84 34.47 12.53
N PHE A 314 10.37 35.60 12.96
CA PHE A 314 11.63 36.15 12.47
C PHE A 314 12.58 36.36 13.64
N SER A 315 13.75 36.92 13.33
CA SER A 315 14.78 37.18 14.33
C SER A 315 14.40 38.44 15.11
N GLY A 316 15.37 38.98 15.86
CA GLY A 316 15.09 40.17 16.64
C GLY A 316 14.59 41.31 15.79
N LEU A 317 15.24 41.57 14.67
CA LEU A 317 14.77 42.59 13.74
C LEU A 317 13.63 42.03 12.91
N TYR A 318 12.62 42.86 12.67
CA TYR A 318 11.36 42.45 12.06
C TYR A 318 10.58 41.50 12.93
N GLN A 319 10.95 41.39 14.21
CA GLN A 319 10.22 40.51 15.11
C GLN A 319 8.74 40.84 15.17
N PRO A 320 8.32 42.10 15.22
CA PRO A 320 6.87 42.38 15.25
C PRO A 320 6.11 41.78 14.08
N LEU A 321 6.77 41.60 12.94
CA LEU A 321 6.16 40.96 11.77
C LEU A 321 6.21 39.43 11.93
N SER A 322 5.64 38.96 13.04
CA SER A 322 5.61 37.54 13.34
C SER A 322 4.25 37.18 13.91
N ARG A 323 3.74 36.02 13.52
CA ARG A 323 2.44 35.54 14.00
C ARG A 323 2.60 34.53 15.12
N LYS A 324 3.56 33.61 14.98
CA LYS A 324 3.90 32.71 16.07
C LYS A 324 5.07 33.26 16.86
N PHE A 325 4.97 33.15 18.19
CA PHE A 325 6.01 33.65 19.08
C PHE A 325 6.51 32.53 19.99
N THR A 326 7.32 32.87 20.98
CA THR A 326 7.69 31.93 22.02
C THR A 326 8.16 32.73 23.21
N GLU A 327 7.36 32.77 24.27
CA GLU A 327 7.71 33.59 25.44
C GLU A 327 8.95 33.03 26.13
N TRP A 328 8.88 31.79 26.60
CA TRP A 328 10.02 31.17 27.26
C TRP A 328 10.09 29.71 26.86
N CYS A 329 11.29 29.15 26.97
CA CYS A 329 11.58 27.76 26.64
C CYS A 329 12.24 27.07 27.82
N TYR A 330 11.65 27.20 29.00
CA TYR A 330 12.20 26.55 30.19
C TYR A 330 12.09 25.04 30.02
N GLY A 331 13.22 24.37 29.83
CA GLY A 331 13.21 22.96 29.55
C GLY A 331 12.95 22.69 28.09
N PRO A 332 12.38 21.52 27.78
CA PRO A 332 12.04 21.21 26.39
C PRO A 332 10.65 21.66 25.97
N VAL A 333 9.97 22.49 26.77
CA VAL A 333 8.61 22.88 26.47
C VAL A 333 8.61 24.27 25.82
N ARG A 334 7.72 24.43 24.84
CA ARG A 334 7.49 25.71 24.19
C ARG A 334 6.10 26.22 24.51
N VAL A 335 6.04 27.40 25.12
CA VAL A 335 4.79 28.11 25.26
C VAL A 335 4.63 28.99 24.03
N SER A 336 4.13 28.40 22.95
CA SER A 336 3.93 29.15 21.72
C SER A 336 2.75 30.09 21.86
N LEU A 337 2.84 31.23 21.21
CA LEU A 337 1.77 32.23 21.20
C LEU A 337 1.48 32.54 19.74
N TYR A 338 0.41 31.95 19.23
CA TYR A 338 -0.05 32.24 17.89
C TYR A 338 -0.93 33.47 17.89
N ASP A 339 -0.64 34.41 16.99
CA ASP A 339 -1.50 35.56 16.85
C ASP A 339 -2.89 35.13 16.40
N LEU A 340 -3.91 35.65 17.06
CA LEU A 340 -5.30 35.32 16.76
C LEU A 340 -5.97 36.46 16.01
N SER A 341 -5.19 37.38 15.47
CA SER A 341 -5.72 38.53 14.76
C SER A 341 -6.24 38.06 13.41
N SER A 342 -7.50 38.38 13.12
CA SER A 342 -8.18 38.03 11.88
C SER A 342 -8.39 36.52 11.74
N VAL A 343 -8.23 35.76 12.81
CA VAL A 343 -8.51 34.33 12.78
C VAL A 343 -9.44 33.88 13.90
N ASP A 344 -9.59 34.66 14.96
CA ASP A 344 -10.56 34.31 15.98
C ASP A 344 -11.96 34.69 15.51
N SER A 345 -12.95 33.97 16.01
CA SER A 345 -14.33 34.17 15.58
C SER A 345 -14.98 35.37 16.24
N TRP A 346 -14.31 36.03 17.19
CA TRP A 346 -14.92 37.17 17.85
C TRP A 346 -15.20 38.28 16.85
N GLU A 347 -14.30 38.50 15.90
CA GLU A 347 -14.44 39.59 14.95
C GLU A 347 -15.52 39.26 13.92
N LYS A 348 -16.10 40.32 13.34
CA LYS A 348 -17.25 40.16 12.45
C LYS A 348 -16.96 39.17 11.34
N ASN A 349 -15.75 39.21 10.79
CA ASN A 349 -15.33 38.28 9.75
C ASN A 349 -13.96 37.74 10.13
N SER A 350 -13.76 36.44 9.99
CA SER A 350 -12.58 35.78 10.51
C SER A 350 -12.18 34.64 9.59
N VAL A 351 -10.93 34.20 9.75
CA VAL A 351 -10.42 33.10 8.95
C VAL A 351 -11.21 31.83 9.21
N LEU A 352 -11.62 31.61 10.47
CA LEU A 352 -12.39 30.42 10.79
C LEU A 352 -13.73 30.45 10.08
N GLU A 353 -14.44 31.58 10.15
CA GLU A 353 -15.72 31.71 9.47
C GLU A 353 -15.55 31.58 7.96
N ILE A 354 -14.49 32.19 7.41
CA ILE A 354 -14.28 32.11 5.96
C ILE A 354 -14.04 30.66 5.55
N ILE A 355 -13.20 29.94 6.29
CA ILE A 355 -12.93 28.55 5.94
C ILE A 355 -14.21 27.74 6.05
N ALA A 356 -15.01 27.96 7.09
CA ALA A 356 -16.17 27.13 7.32
C ALA A 356 -17.26 27.39 6.28
N PHE A 357 -17.60 28.66 6.05
CA PHE A 357 -18.77 29.00 5.26
C PHE A 357 -18.45 29.64 3.92
N HIS A 358 -17.51 30.56 3.84
CA HIS A 358 -17.26 31.32 2.62
C HIS A 358 -16.30 30.63 1.67
N CYS A 359 -15.42 29.78 2.15
CA CYS A 359 -14.51 29.05 1.27
C CYS A 359 -15.31 28.05 0.45
N LYS A 360 -14.96 27.92 -0.83
CA LYS A 360 -15.60 26.96 -1.72
C LYS A 360 -14.57 25.97 -2.28
N SER A 361 -13.42 25.86 -1.62
CA SER A 361 -12.37 24.99 -2.11
C SER A 361 -12.81 23.54 -1.97
N PRO A 362 -12.33 22.67 -2.87
CA PRO A 362 -12.79 21.28 -2.84
C PRO A 362 -12.49 20.57 -1.54
N HIS A 363 -11.36 20.89 -0.90
CA HIS A 363 -10.90 20.19 0.28
C HIS A 363 -10.55 21.17 1.38
N ARG A 364 -11.45 22.13 1.63
CA ARG A 364 -11.22 23.10 2.69
C ARG A 364 -11.21 22.44 4.05
N HIS A 365 -11.66 21.19 4.15
CA HIS A 365 -11.62 20.48 5.42
C HIS A 365 -10.19 20.24 5.88
N ARG A 366 -9.20 20.43 5.02
CA ARG A 366 -7.81 20.21 5.41
C ARG A 366 -7.14 21.47 5.95
N MET A 367 -7.79 22.62 5.91
CA MET A 367 -7.23 23.81 6.56
C MET A 367 -7.62 23.95 8.01
N VAL A 368 -8.63 23.22 8.47
CA VAL A 368 -9.05 23.29 9.86
C VAL A 368 -8.33 22.27 10.73
N VAL A 369 -7.25 21.68 10.21
CA VAL A 369 -6.41 20.79 11.00
C VAL A 369 -5.01 21.34 11.20
N LEU A 370 -4.76 22.58 10.76
CA LEU A 370 -3.48 23.22 11.00
C LEU A 370 -3.37 23.60 12.47
N GLU A 371 -2.14 23.89 12.91
CA GLU A 371 -1.85 23.97 14.33
C GLU A 371 -2.76 24.96 15.08
N PRO A 372 -2.69 26.26 14.77
CA PRO A 372 -3.54 27.20 15.49
C PRO A 372 -5.00 26.85 15.40
N LEU A 373 -5.45 26.49 14.19
CA LEU A 373 -6.87 26.25 13.98
C LEU A 373 -7.30 24.95 14.63
N ASN A 374 -6.48 23.91 14.55
CA ASN A 374 -6.83 22.65 15.17
C ASN A 374 -6.87 22.75 16.69
N LYS A 375 -6.02 23.57 17.30
CA LYS A 375 -6.07 23.74 18.74
C LYS A 375 -7.17 24.68 19.19
N LEU A 376 -7.32 25.83 18.54
CA LEU A 376 -8.38 26.77 18.91
C LEU A 376 -9.75 26.13 18.74
N LEU A 377 -9.95 25.44 17.62
CA LEU A 377 -11.23 24.80 17.38
C LEU A 377 -11.49 23.71 18.39
N GLN A 378 -10.46 22.95 18.76
CA GLN A 378 -10.64 21.92 19.77
C GLN A 378 -11.04 22.53 21.11
N GLU A 379 -10.41 23.64 21.49
CA GLU A 379 -10.75 24.29 22.75
C GLU A 379 -12.19 24.82 22.70
N LYS A 380 -12.58 25.42 21.59
CA LYS A 380 -13.94 25.92 21.48
C LYS A 380 -14.95 24.79 21.55
N TRP A 381 -14.65 23.68 20.87
CA TRP A 381 -15.52 22.51 20.95
C TRP A 381 -15.62 22.03 22.38
N ASP A 382 -14.50 22.00 23.10
CA ASP A 382 -14.53 21.53 24.48
C ASP A 382 -15.41 22.41 25.35
N ARG A 383 -15.30 23.73 25.20
CA ARG A 383 -16.16 24.58 26.01
C ARG A 383 -17.62 24.50 25.57
N LEU A 384 -17.89 24.09 24.34
CA LEU A 384 -19.26 24.02 23.84
C LEU A 384 -19.89 22.65 23.96
N ILE A 385 -19.15 21.63 24.39
CA ILE A 385 -19.75 20.31 24.61
C ILE A 385 -21.02 20.41 25.43
N PRO A 386 -21.06 21.17 26.53
CA PRO A 386 -22.33 21.28 27.26
C PRO A 386 -23.48 21.74 26.39
N ARG A 387 -23.27 22.73 25.52
CA ARG A 387 -24.38 23.19 24.70
C ARG A 387 -24.67 22.24 23.56
N PHE A 388 -23.66 21.59 23.01
CA PHE A 388 -23.94 20.58 21.99
C PHE A 388 -24.83 19.49 22.55
N PHE A 389 -24.50 19.00 23.75
CA PHE A 389 -25.33 17.98 24.35
C PHE A 389 -26.69 18.53 24.76
N PHE A 390 -26.77 19.79 25.17
CA PHE A 390 -28.08 20.35 25.49
C PHE A 390 -28.96 20.44 24.25
N ASN A 391 -28.38 20.87 23.12
CA ASN A 391 -29.14 20.87 21.87
C ASN A 391 -29.57 19.46 21.51
N PHE A 392 -28.66 18.50 21.66
CA PHE A 392 -28.99 17.11 21.37
C PHE A 392 -30.13 16.63 22.25
N ALA A 393 -30.06 16.93 23.55
CA ALA A 393 -31.06 16.44 24.48
C ALA A 393 -32.40 17.11 24.23
N CYS A 394 -32.39 18.40 23.91
CA CYS A 394 -33.64 19.08 23.61
C CYS A 394 -34.29 18.51 22.35
N TYR A 395 -33.47 18.25 21.32
CA TYR A 395 -34.03 17.66 20.10
C TYR A 395 -34.51 16.24 20.34
N LEU A 396 -33.77 15.47 21.13
CA LEU A 396 -34.18 14.11 21.43
C LEU A 396 -35.48 14.10 22.21
N VAL A 397 -35.62 15.01 23.18
CA VAL A 397 -36.87 15.11 23.91
C VAL A 397 -38.00 15.48 22.97
N TYR A 398 -37.74 16.41 22.06
CA TYR A 398 -38.78 16.81 21.12
C TYR A 398 -39.22 15.63 20.27
N MET A 399 -38.27 14.82 19.80
CA MET A 399 -38.64 13.66 19.00
C MET A 399 -39.31 12.58 19.84
N ILE A 400 -38.94 12.44 21.10
CA ILE A 400 -39.67 11.53 21.97
C ILE A 400 -41.12 11.95 22.08
N ILE A 401 -41.37 13.24 22.35
CA ILE A 401 -42.74 13.72 22.44
C ILE A 401 -43.44 13.51 21.11
N PHE A 402 -42.74 13.72 20.01
CA PHE A 402 -43.35 13.64 18.70
C PHE A 402 -43.74 12.19 18.37
N THR A 403 -42.89 11.25 18.75
CA THR A 403 -43.19 9.85 18.58
C THR A 403 -44.38 9.44 19.44
N ILE A 404 -44.40 9.88 20.70
CA ILE A 404 -45.54 9.54 21.56
C ILE A 404 -46.83 10.09 20.97
N VAL A 405 -46.80 11.33 20.50
CA VAL A 405 -48.02 11.94 19.96
C VAL A 405 -48.46 11.19 18.71
N ALA A 406 -47.53 10.86 17.82
CA ALA A 406 -47.90 10.14 16.61
C ALA A 406 -48.42 8.75 16.90
N TYR A 407 -47.88 8.08 17.91
CA TYR A 407 -48.34 6.73 18.24
C TYR A 407 -49.73 6.73 18.86
N HIS A 408 -49.96 7.56 19.87
CA HIS A 408 -51.26 7.67 20.52
C HIS A 408 -52.02 8.89 20.00
N GLN A 409 -52.68 8.72 18.87
CA GLN A 409 -53.41 9.81 18.26
C GLN A 409 -54.73 9.29 17.69
N PRO A 410 -55.81 10.10 17.75
CA PRO A 410 -57.13 9.55 17.38
C PRO A 410 -57.15 9.09 15.94
N SER A 411 -57.84 7.98 15.71
CA SER A 411 -57.74 7.31 14.43
C SER A 411 -58.53 8.08 13.37
N THR A 423 -61.22 14.91 28.44
CA THR A 423 -60.76 14.37 29.73
C THR A 423 -59.26 14.54 29.88
N PHE A 424 -58.66 13.86 30.85
CA PHE A 424 -57.24 14.02 31.11
C PHE A 424 -56.40 13.57 29.92
N GLY A 425 -56.73 12.40 29.36
CA GLY A 425 -55.98 11.92 28.21
C GLY A 425 -56.07 12.87 27.03
N ASP A 426 -57.27 13.38 26.76
CA ASP A 426 -57.43 14.36 25.69
C ASP A 426 -56.63 15.62 25.97
N SER A 427 -56.62 16.08 27.23
CA SER A 427 -55.86 17.28 27.56
C SER A 427 -54.36 17.07 27.35
N MET A 428 -53.84 15.92 27.80
CA MET A 428 -52.43 15.64 27.60
C MET A 428 -52.08 15.54 26.12
N LEU A 429 -52.94 14.86 25.35
CA LEU A 429 -52.73 14.79 23.91
C LEU A 429 -52.72 16.19 23.30
N LEU A 430 -53.64 17.05 23.71
CA LEU A 430 -53.71 18.39 23.14
C LEU A 430 -52.47 19.20 23.47
N LEU A 431 -52.00 19.13 24.72
CA LEU A 431 -50.81 19.91 25.07
C LEU A 431 -49.60 19.37 24.33
N GLY A 432 -49.51 18.05 24.18
CA GLY A 432 -48.43 17.49 23.38
C GLY A 432 -48.49 17.92 21.93
N HIS A 433 -49.69 17.95 21.35
CA HIS A 433 -49.84 18.41 19.98
C HIS A 433 -49.39 19.85 19.80
N ILE A 434 -49.84 20.73 20.70
CA ILE A 434 -49.45 22.13 20.58
C ILE A 434 -47.95 22.28 20.80
N LEU A 435 -47.38 21.47 21.70
CA LEU A 435 -45.94 21.50 21.90
C LEU A 435 -45.20 21.07 20.64
N ILE A 436 -45.72 20.06 19.95
CA ILE A 436 -45.09 19.62 18.71
C ILE A 436 -45.19 20.70 17.64
N LEU A 437 -46.34 21.35 17.55
CA LEU A 437 -46.48 22.44 16.59
C LEU A 437 -45.48 23.55 16.90
N LEU A 438 -45.35 23.92 18.18
CA LEU A 438 -44.43 24.97 18.56
C LEU A 438 -42.99 24.56 18.26
N GLY A 439 -42.63 23.31 18.55
CA GLY A 439 -41.29 22.86 18.25
C GLY A 439 -41.00 22.85 16.75
N GLY A 440 -41.98 22.42 15.96
CA GLY A 440 -41.81 22.44 14.52
C GLY A 440 -41.62 23.84 14.00
N ILE A 441 -42.42 24.79 14.50
CA ILE A 441 -42.25 26.18 14.09
C ILE A 441 -40.90 26.71 14.55
N TYR A 442 -40.45 26.31 15.75
CA TYR A 442 -39.15 26.74 16.24
C TYR A 442 -38.04 26.25 15.32
N LEU A 443 -38.06 24.99 14.93
CA LEU A 443 -37.04 24.46 14.05
C LEU A 443 -37.13 25.10 12.67
N LEU A 444 -38.36 25.35 12.20
CA LEU A 444 -38.52 26.01 10.91
C LEU A 444 -37.91 27.40 10.94
N LEU A 445 -38.17 28.17 12.00
CA LEU A 445 -37.61 29.50 12.11
C LEU A 445 -36.10 29.43 12.24
N GLY A 446 -35.59 28.48 13.01
CA GLY A 446 -34.15 28.34 13.14
C GLY A 446 -33.47 28.08 11.81
N GLN A 447 -34.04 27.17 11.02
CA GLN A 447 -33.43 26.85 9.74
C GLN A 447 -33.60 28.00 8.74
N LEU A 448 -34.76 28.66 8.77
CA LEU A 448 -34.98 29.79 7.89
C LEU A 448 -33.98 30.90 8.21
N TRP A 449 -33.71 31.12 9.49
CA TRP A 449 -32.75 32.17 9.86
C TRP A 449 -31.32 31.72 9.60
N TYR A 450 -31.05 30.42 9.69
CA TYR A 450 -29.75 29.92 9.26
C TYR A 450 -29.52 30.21 7.78
N PHE A 451 -30.59 30.19 7.00
CA PHE A 451 -30.43 30.44 5.56
C PHE A 451 -30.44 31.93 5.24
N TRP A 452 -31.32 32.70 5.88
CA TRP A 452 -31.36 34.14 5.63
C TRP A 452 -30.08 34.81 6.13
N ARG A 453 -29.66 34.49 7.34
CA ARG A 453 -28.39 34.99 7.86
C ARG A 453 -27.23 34.54 6.98
N ARG A 454 -27.43 33.48 6.21
CA ARG A 454 -26.37 32.87 5.42
C ARG A 454 -26.83 32.58 4.00
N ARG A 455 -27.48 33.57 3.37
CA ARG A 455 -28.06 33.39 2.05
C ARG A 455 -27.03 33.05 0.99
N LEU A 456 -25.74 33.26 1.27
CA LEU A 456 -24.68 33.09 0.29
C LEU A 456 -23.88 31.80 0.50
N PHE A 457 -24.56 30.70 0.87
CA PHE A 457 -23.87 29.47 1.24
C PHE A 457 -24.24 28.26 0.37
N ILE A 458 -25.50 28.13 -0.02
CA ILE A 458 -25.92 26.96 -0.78
C ILE A 458 -25.09 26.83 -2.05
N TRP A 459 -24.93 27.93 -2.79
CA TRP A 459 -24.22 27.87 -4.06
C TRP A 459 -22.79 27.38 -3.91
N ILE A 460 -22.14 27.66 -2.78
CA ILE A 460 -20.79 27.16 -2.55
C ILE A 460 -20.79 25.65 -2.42
N SER A 461 -21.49 25.14 -1.40
CA SER A 461 -21.54 23.70 -1.17
C SER A 461 -22.87 23.39 -0.50
N PHE A 462 -23.88 23.03 -1.29
CA PHE A 462 -25.16 22.64 -0.72
C PHE A 462 -25.03 21.33 0.04
N MET A 463 -24.25 20.40 -0.48
CA MET A 463 -24.10 19.09 0.14
C MET A 463 -23.04 19.04 1.23
N ASP A 464 -22.37 20.16 1.51
CA ASP A 464 -21.49 20.18 2.67
C ASP A 464 -22.28 19.97 3.96
N SER A 465 -23.39 20.68 4.10
CA SER A 465 -24.21 20.60 5.29
C SER A 465 -25.25 19.48 5.20
N TYR A 466 -26.17 19.59 4.24
CA TYR A 466 -27.18 18.57 3.90
C TYR A 466 -28.02 18.15 5.08
N PHE A 467 -27.87 18.80 6.23
CA PHE A 467 -28.71 18.54 7.39
C PHE A 467 -29.59 19.73 7.73
N GLU A 468 -29.11 20.94 7.45
CA GLU A 468 -30.00 22.09 7.54
C GLU A 468 -31.11 21.98 6.51
N ILE A 469 -30.80 21.41 5.35
CA ILE A 469 -31.88 21.11 4.40
C ILE A 469 -32.82 20.07 4.99
N LEU A 470 -32.27 19.01 5.58
CA LEU A 470 -33.12 17.96 6.14
C LEU A 470 -33.88 18.45 7.37
N PHE A 471 -33.23 19.23 8.23
CA PHE A 471 -33.94 19.79 9.37
C PHE A 471 -35.05 20.74 8.92
N LEU A 472 -34.77 21.56 7.90
CA LEU A 472 -35.80 22.44 7.38
C LEU A 472 -36.95 21.65 6.79
N VAL A 473 -36.66 20.59 6.05
CA VAL A 473 -37.71 19.77 5.44
C VAL A 473 -38.55 19.13 6.53
N GLN A 474 -37.91 18.59 7.56
CA GLN A 474 -38.66 17.96 8.64
C GLN A 474 -39.57 18.96 9.34
N ALA A 475 -39.04 20.16 9.63
CA ALA A 475 -39.87 21.17 10.29
C ALA A 475 -41.02 21.61 9.39
N LEU A 476 -40.76 21.80 8.10
CA LEU A 476 -41.81 22.19 7.18
C LEU A 476 -42.88 21.13 7.12
N LEU A 477 -42.48 19.86 7.02
CA LEU A 477 -43.46 18.79 6.97
C LEU A 477 -44.28 18.74 8.24
N THR A 478 -43.65 18.99 9.39
CA THR A 478 -44.40 18.99 10.64
C THR A 478 -45.46 20.08 10.66
N VAL A 479 -45.05 21.31 10.36
CA VAL A 479 -46.01 22.41 10.43
C VAL A 479 -47.11 22.23 9.39
N LEU A 480 -46.75 21.83 8.17
CA LEU A 480 -47.72 21.60 7.12
C LEU A 480 -48.66 20.47 7.52
N SER A 481 -48.15 19.43 8.18
CA SER A 481 -49.02 18.38 8.69
C SER A 481 -50.04 18.95 9.65
N GLN A 482 -49.61 19.77 10.60
CA GLN A 482 -50.56 20.34 11.54
C GLN A 482 -51.63 21.17 10.84
N VAL A 483 -51.23 22.02 9.89
CA VAL A 483 -52.22 22.89 9.25
C VAL A 483 -53.21 22.05 8.46
N LEU A 484 -52.72 21.05 7.72
CA LEU A 484 -53.66 20.16 7.03
C LEU A 484 -54.57 19.44 8.00
N ARG A 485 -54.11 19.13 9.21
CA ARG A 485 -55.03 18.52 10.17
C ARG A 485 -56.13 19.51 10.52
N PHE A 486 -55.76 20.78 10.71
CA PHE A 486 -56.76 21.81 10.92
C PHE A 486 -57.75 21.84 9.77
N VAL A 487 -57.28 21.55 8.56
CA VAL A 487 -58.15 21.45 7.39
C VAL A 487 -58.90 20.13 7.33
N GLU A 488 -58.63 19.20 8.26
CA GLU A 488 -59.23 17.88 8.25
C GLU A 488 -59.06 17.22 6.88
N THR A 489 -57.81 16.98 6.52
CA THR A 489 -57.45 16.31 5.29
C THR A 489 -56.85 14.94 5.61
N GLU A 490 -57.16 13.97 4.76
CA GLU A 490 -56.68 12.61 4.94
C GLU A 490 -55.22 12.45 4.56
N TRP A 491 -54.60 13.49 4.00
CA TRP A 491 -53.19 13.48 3.67
C TRP A 491 -52.34 13.96 4.84
N TYR A 492 -52.97 14.22 5.98
CA TYR A 492 -52.27 14.43 7.22
C TYR A 492 -51.26 13.32 7.53
N LEU A 493 -51.76 12.10 7.70
CA LEU A 493 -50.95 11.05 8.32
C LEU A 493 -49.67 10.79 7.55
N PRO A 494 -49.68 10.70 6.22
CA PRO A 494 -48.41 10.51 5.52
C PRO A 494 -47.40 11.60 5.81
N LEU A 495 -47.84 12.86 5.90
CA LEU A 495 -46.91 13.95 6.17
C LEU A 495 -46.38 13.90 7.60
N LEU A 496 -47.25 13.65 8.57
CA LEU A 496 -46.78 13.56 9.96
C LEU A 496 -45.80 12.40 10.12
N VAL A 497 -46.10 11.27 9.48
CA VAL A 497 -45.23 10.11 9.62
C VAL A 497 -43.92 10.33 8.88
N SER A 498 -43.95 11.04 7.76
CA SER A 498 -42.71 11.40 7.08
C SER A 498 -41.88 12.32 7.95
N SER A 499 -42.52 13.25 8.64
CA SER A 499 -41.81 14.11 9.58
C SER A 499 -41.16 13.29 10.68
N LEU A 500 -41.88 12.30 11.20
CA LEU A 500 -41.33 11.41 12.22
C LEU A 500 -40.10 10.69 11.72
N VAL A 501 -40.21 10.03 10.57
CA VAL A 501 -39.07 9.31 10.04
C VAL A 501 -37.90 10.24 9.83
N LEU A 502 -38.16 11.41 9.24
CA LEU A 502 -37.06 12.31 8.90
C LEU A 502 -36.40 12.88 10.15
N GLY A 503 -37.16 13.16 11.20
CA GLY A 503 -36.55 13.65 12.43
C GLY A 503 -35.70 12.59 13.10
N TRP A 504 -36.17 11.35 13.10
CA TRP A 504 -35.36 10.28 13.66
C TRP A 504 -34.10 10.07 12.84
N LEU A 505 -34.17 10.23 11.53
CA LEU A 505 -32.96 10.20 10.72
C LEU A 505 -32.05 11.39 11.04
N ASN A 506 -32.64 12.56 11.27
CA ASN A 506 -31.88 13.76 11.54
C ASN A 506 -31.07 13.65 12.83
N LEU A 507 -31.57 12.87 13.80
CA LEU A 507 -30.80 12.64 15.00
C LEU A 507 -29.33 12.27 14.71
N LEU A 508 -29.07 11.69 13.54
CA LEU A 508 -27.70 11.37 13.20
C LEU A 508 -26.89 12.62 12.90
N TYR A 509 -27.54 13.77 12.79
CA TYR A 509 -26.77 15.00 12.83
C TYR A 509 -26.04 15.10 14.15
N TYR A 510 -26.75 14.83 15.23
CA TYR A 510 -26.19 15.00 16.56
C TYR A 510 -25.25 13.87 16.90
N THR A 511 -25.48 12.68 16.33
CA THR A 511 -24.65 11.54 16.71
C THR A 511 -23.18 11.76 16.40
N ARG A 512 -22.82 12.83 15.69
CA ARG A 512 -21.44 13.09 15.36
C ARG A 512 -20.79 14.19 16.19
N GLY A 513 -21.14 14.30 17.47
CA GLY A 513 -20.31 15.00 18.41
C GLY A 513 -19.22 14.12 18.98
N PHE A 514 -19.04 12.94 18.40
CA PHE A 514 -18.10 11.94 18.89
C PHE A 514 -17.16 11.55 17.76
N GLN A 515 -15.87 11.41 18.11
CA GLN A 515 -14.91 10.92 17.13
C GLN A 515 -15.34 9.58 16.56
N HIS A 516 -15.78 8.68 17.42
CA HIS A 516 -16.13 7.33 17.00
C HIS A 516 -17.28 7.30 16.01
N THR A 517 -18.35 8.07 16.25
CA THR A 517 -19.55 8.01 15.44
C THR A 517 -19.61 9.09 14.37
N GLY A 518 -18.96 10.22 14.58
CA GLY A 518 -18.99 11.28 13.58
C GLY A 518 -18.28 10.90 12.30
N ILE A 519 -17.15 10.22 12.43
CA ILE A 519 -16.46 9.74 11.24
C ILE A 519 -17.30 8.70 10.53
N TYR A 520 -18.03 7.88 11.29
CA TYR A 520 -18.95 6.92 10.69
C TYR A 520 -20.02 7.64 9.88
N SER A 521 -20.57 8.72 10.41
CA SER A 521 -21.59 9.47 9.69
C SER A 521 -21.02 10.09 8.42
N VAL A 522 -19.84 10.70 8.53
CA VAL A 522 -19.20 11.29 7.36
C VAL A 522 -19.00 10.23 6.29
N MET A 523 -18.59 9.04 6.70
CA MET A 523 -18.24 8.00 5.75
C MET A 523 -19.49 7.34 5.18
N ILE A 524 -20.59 7.35 5.93
CA ILE A 524 -21.89 6.99 5.35
C ILE A 524 -22.25 7.98 4.24
N GLN A 525 -22.05 9.26 4.51
CA GLN A 525 -22.36 10.27 3.50
C GLN A 525 -21.52 10.06 2.25
N LYS A 526 -20.22 9.80 2.42
CA LYS A 526 -19.37 9.59 1.27
C LYS A 526 -19.80 8.34 0.50
N VAL A 527 -20.17 7.27 1.20
CA VAL A 527 -20.63 6.07 0.51
C VAL A 527 -21.89 6.37 -0.29
N ILE A 528 -22.87 7.02 0.33
CA ILE A 528 -24.11 7.33 -0.38
C ILE A 528 -23.81 8.15 -1.63
N LEU A 529 -23.02 9.19 -1.47
CA LEU A 529 -22.85 10.15 -2.55
C LEU A 529 -21.90 9.64 -3.61
N ARG A 530 -21.12 8.61 -3.30
CA ARG A 530 -20.10 8.14 -4.23
C ARG A 530 -20.53 6.87 -4.96
N ASP A 531 -20.95 5.85 -4.22
CA ASP A 531 -21.21 4.55 -4.82
C ASP A 531 -22.50 3.96 -4.30
N LEU A 532 -23.55 4.79 -4.23
CA LEU A 532 -24.91 4.30 -4.07
C LEU A 532 -25.85 4.86 -5.11
N LEU A 533 -25.65 6.11 -5.54
CA LEU A 533 -26.48 6.68 -6.58
C LEU A 533 -26.18 6.08 -7.94
N ARG A 534 -24.91 5.80 -8.24
CA ARG A 534 -24.60 5.08 -9.48
C ARG A 534 -25.27 3.72 -9.47
N PHE A 535 -25.16 3.01 -8.34
CA PHE A 535 -25.78 1.71 -8.25
C PHE A 535 -27.29 1.81 -8.44
N LEU A 536 -27.91 2.81 -7.81
CA LEU A 536 -29.36 2.95 -7.97
C LEU A 536 -29.73 3.23 -9.41
N LEU A 537 -28.98 4.10 -10.10
CA LEU A 537 -29.30 4.38 -11.49
C LEU A 537 -29.23 3.12 -12.34
N VAL A 538 -28.10 2.40 -12.27
CA VAL A 538 -27.95 1.21 -13.10
C VAL A 538 -28.97 0.16 -12.71
N TYR A 539 -29.19 -0.02 -11.41
CA TYR A 539 -30.12 -1.02 -10.93
C TYR A 539 -31.54 -0.73 -11.37
N LEU A 540 -31.95 0.54 -11.32
CA LEU A 540 -33.31 0.88 -11.71
C LEU A 540 -33.50 0.75 -13.21
N VAL A 541 -32.47 1.05 -14.00
CA VAL A 541 -32.57 0.78 -15.43
C VAL A 541 -32.78 -0.71 -15.68
N PHE A 542 -31.93 -1.54 -15.08
CA PHE A 542 -32.11 -2.98 -15.18
C PHE A 542 -33.51 -3.40 -14.77
N LEU A 543 -33.97 -2.90 -13.63
CA LEU A 543 -35.23 -3.35 -13.07
C LEU A 543 -36.39 -2.94 -13.94
N PHE A 544 -36.39 -1.71 -14.43
CA PHE A 544 -37.48 -1.29 -15.32
C PHE A 544 -37.49 -2.12 -16.59
N GLY A 545 -36.32 -2.35 -17.19
CA GLY A 545 -36.29 -3.15 -18.39
C GLY A 545 -36.84 -4.54 -18.17
N PHE A 546 -36.37 -5.21 -17.12
CA PHE A 546 -36.80 -6.58 -16.88
C PHE A 546 -38.24 -6.65 -16.40
N ALA A 547 -38.71 -5.62 -15.70
CA ALA A 547 -40.08 -5.62 -15.21
C ALA A 547 -41.06 -5.48 -16.35
N VAL A 548 -40.81 -4.53 -17.25
CA VAL A 548 -41.69 -4.38 -18.39
C VAL A 548 -41.59 -5.61 -19.30
N ALA A 549 -40.40 -6.22 -19.37
CA ALA A 549 -40.26 -7.45 -20.13
C ALA A 549 -41.13 -8.57 -19.56
N LEU A 550 -41.05 -8.80 -18.25
CA LEU A 550 -41.83 -9.87 -17.63
C LEU A 550 -43.33 -9.59 -17.72
N VAL A 551 -43.72 -8.33 -17.59
CA VAL A 551 -45.14 -7.99 -17.75
C VAL A 551 -45.59 -8.30 -19.16
N SER A 552 -44.77 -7.95 -20.16
CA SER A 552 -45.11 -8.26 -21.54
C SER A 552 -45.32 -9.75 -21.74
N LEU A 553 -44.36 -10.56 -21.29
CA LEU A 553 -44.59 -11.98 -21.17
C LEU A 553 -45.55 -12.24 -20.02
N SER A 554 -45.77 -13.50 -19.69
CA SER A 554 -46.64 -13.87 -18.58
C SER A 554 -48.02 -13.25 -18.71
N ARG A 555 -48.37 -12.77 -19.91
CA ARG A 555 -49.67 -12.21 -20.19
C ARG A 555 -50.55 -13.17 -20.98
N GLU A 556 -50.00 -14.28 -21.44
CA GLU A 556 -50.76 -15.28 -22.19
C GLU A 556 -50.55 -16.63 -21.51
N ALA A 557 -51.63 -17.21 -21.01
CA ALA A 557 -51.58 -18.52 -20.39
C ALA A 557 -51.46 -19.60 -21.47
N ARG A 558 -51.58 -20.84 -21.04
CA ARG A 558 -51.60 -21.97 -21.98
C ARG A 558 -53.02 -22.43 -22.24
N PRO A 582 -55.49 -14.18 -9.69
CA PRO A 582 -54.12 -14.05 -9.18
C PRO A 582 -53.07 -14.35 -10.25
N VAL A 583 -52.85 -13.39 -11.14
CA VAL A 583 -51.91 -13.52 -12.25
C VAL A 583 -50.59 -12.88 -11.81
N PRO A 584 -49.48 -13.61 -11.84
CA PRO A 584 -48.19 -13.00 -11.49
C PRO A 584 -47.79 -11.96 -12.52
N TYR A 585 -47.05 -10.96 -12.06
CA TYR A 585 -46.58 -9.89 -12.94
C TYR A 585 -47.75 -9.23 -13.67
N GLY A 586 -48.80 -8.93 -12.91
CA GLY A 586 -49.99 -8.36 -13.52
C GLY A 586 -49.72 -7.02 -14.17
N GLY A 587 -48.97 -6.16 -13.49
CA GLY A 587 -48.67 -4.84 -14.01
C GLY A 587 -47.22 -4.46 -13.80
N ILE A 588 -46.88 -3.22 -14.13
CA ILE A 588 -45.49 -2.78 -13.97
C ILE A 588 -45.12 -2.70 -12.50
N LEU A 589 -46.03 -2.23 -11.66
CA LEU A 589 -45.74 -2.12 -10.24
C LEU A 589 -45.47 -3.49 -9.62
N ASP A 590 -46.31 -4.48 -9.95
CA ASP A 590 -46.12 -5.81 -9.38
C ASP A 590 -44.79 -6.43 -9.82
N ALA A 591 -44.48 -6.33 -11.11
CA ALA A 591 -43.23 -6.89 -11.60
C ALA A 591 -42.03 -6.19 -10.97
N SER A 592 -42.08 -4.87 -10.86
CA SER A 592 -41.00 -4.15 -10.22
C SER A 592 -40.83 -4.58 -8.78
N LEU A 593 -41.93 -4.78 -8.07
CA LEU A 593 -41.85 -5.18 -6.67
C LEU A 593 -41.28 -6.58 -6.53
N GLU A 594 -41.64 -7.48 -7.46
CA GLU A 594 -41.07 -8.83 -7.42
C GLU A 594 -39.56 -8.80 -7.68
N LEU A 595 -39.12 -7.97 -8.63
CA LEU A 595 -37.70 -7.87 -8.89
C LEU A 595 -36.95 -7.28 -7.70
N PHE A 596 -37.52 -6.26 -7.08
CA PHE A 596 -36.88 -5.75 -5.87
C PHE A 596 -36.85 -6.81 -4.77
N LYS A 597 -37.90 -7.61 -4.67
CA LYS A 597 -37.87 -8.74 -3.76
C LYS A 597 -36.64 -9.60 -4.01
N PHE A 598 -36.37 -9.91 -5.28
CA PHE A 598 -35.11 -10.59 -5.59
C PHE A 598 -33.94 -9.85 -4.97
N THR A 599 -33.96 -8.53 -5.05
CA THR A 599 -32.83 -7.78 -4.50
C THR A 599 -32.68 -7.98 -3.00
N ILE A 600 -33.79 -8.09 -2.26
CA ILE A 600 -33.71 -8.17 -0.80
C ILE A 600 -33.70 -9.59 -0.25
N GLY A 601 -33.46 -10.60 -1.07
CA GLY A 601 -33.41 -11.96 -0.61
C GLY A 601 -34.74 -12.66 -0.53
N MET A 602 -35.76 -12.17 -1.22
CA MET A 602 -37.12 -12.66 -1.08
C MET A 602 -37.74 -12.87 -2.46
N GLY A 603 -36.91 -13.15 -3.45
CA GLY A 603 -37.41 -13.26 -4.82
C GLY A 603 -37.94 -14.65 -5.10
N GLU A 604 -39.15 -14.72 -5.64
CA GLU A 604 -39.78 -15.99 -5.99
C GLU A 604 -39.28 -16.39 -7.37
N LEU A 605 -38.43 -17.42 -7.40
CA LEU A 605 -37.84 -17.92 -8.64
C LEU A 605 -38.39 -19.31 -8.88
N ALA A 606 -39.56 -19.37 -9.50
CA ALA A 606 -40.27 -20.61 -9.74
C ALA A 606 -40.46 -20.80 -11.24
N PHE A 607 -40.99 -21.96 -11.59
CA PHE A 607 -41.26 -22.30 -12.98
C PHE A 607 -42.78 -22.24 -13.15
N GLN A 608 -43.30 -21.05 -13.42
CA GLN A 608 -44.73 -20.89 -13.62
C GLN A 608 -45.18 -21.77 -14.75
N GLU A 609 -46.00 -22.79 -14.46
CA GLU A 609 -46.46 -23.72 -15.47
C GLU A 609 -47.65 -23.20 -16.27
N GLN A 610 -48.39 -22.24 -15.75
CA GLN A 610 -49.61 -21.76 -16.38
C GLN A 610 -49.34 -20.92 -17.61
N LEU A 611 -48.33 -20.05 -17.55
CA LEU A 611 -48.06 -19.16 -18.67
C LEU A 611 -47.27 -19.90 -19.74
N ARG A 612 -47.52 -19.52 -21.00
CA ARG A 612 -47.03 -20.29 -22.13
C ARG A 612 -45.57 -20.06 -22.44
N PHE A 613 -44.92 -19.13 -21.76
CA PHE A 613 -43.50 -18.86 -21.99
C PHE A 613 -42.73 -19.17 -20.71
N ARG A 614 -43.04 -20.33 -20.12
CA ARG A 614 -42.42 -20.70 -18.85
C ARG A 614 -40.91 -20.57 -18.93
N GLY A 615 -40.32 -21.17 -19.95
CA GLY A 615 -38.88 -21.17 -20.08
C GLY A 615 -38.31 -19.79 -20.31
N VAL A 616 -38.96 -19.00 -21.16
CA VAL A 616 -38.46 -17.66 -21.43
C VAL A 616 -38.53 -16.81 -20.17
N VAL A 617 -39.64 -16.89 -19.44
CA VAL A 617 -39.76 -16.11 -18.22
C VAL A 617 -38.70 -16.55 -17.20
N LEU A 618 -38.49 -17.86 -17.07
CA LEU A 618 -37.50 -18.35 -16.13
C LEU A 618 -36.09 -17.89 -16.51
N LEU A 619 -35.74 -18.02 -17.80
CA LEU A 619 -34.42 -17.59 -18.24
C LEU A 619 -34.24 -16.10 -18.06
N LEU A 620 -35.29 -15.33 -18.30
CA LEU A 620 -35.22 -13.89 -18.11
C LEU A 620 -35.01 -13.55 -16.64
N LEU A 621 -35.70 -14.26 -15.75
CA LEU A 621 -35.49 -14.06 -14.31
C LEU A 621 -34.08 -14.46 -13.90
N LEU A 622 -33.58 -15.58 -14.43
CA LEU A 622 -32.22 -16.02 -14.09
C LEU A 622 -31.19 -15.01 -14.57
N ALA A 623 -31.39 -14.46 -15.76
CA ALA A 623 -30.49 -13.41 -16.25
C ALA A 623 -30.58 -12.18 -15.36
N TYR A 624 -31.78 -11.82 -14.93
CA TYR A 624 -31.91 -10.68 -14.04
C TYR A 624 -31.17 -10.92 -12.75
N VAL A 625 -31.29 -12.13 -12.20
CA VAL A 625 -30.59 -12.44 -10.96
C VAL A 625 -29.09 -12.37 -11.17
N LEU A 626 -28.58 -12.98 -12.23
CA LEU A 626 -27.15 -12.94 -12.47
C LEU A 626 -26.65 -11.51 -12.63
N LEU A 627 -27.40 -10.68 -13.37
CA LEU A 627 -26.94 -9.32 -13.63
C LEU A 627 -27.08 -8.42 -12.42
N THR A 628 -28.01 -8.72 -11.51
CA THR A 628 -28.36 -7.80 -10.45
C THR A 628 -27.93 -8.27 -9.07
N TYR A 629 -28.36 -9.46 -8.67
CA TYR A 629 -28.02 -9.97 -7.35
C TYR A 629 -26.59 -10.45 -7.26
N VAL A 630 -26.11 -11.17 -8.26
CA VAL A 630 -24.78 -11.78 -8.19
C VAL A 630 -23.75 -10.73 -8.58
N LEU A 631 -24.05 -9.95 -9.61
CA LEU A 631 -23.07 -8.98 -10.09
C LEU A 631 -23.18 -7.65 -9.36
N LEU A 632 -24.34 -6.99 -9.45
CA LEU A 632 -24.40 -5.58 -9.06
C LEU A 632 -24.39 -5.39 -7.56
N LEU A 633 -25.09 -6.22 -6.81
CA LEU A 633 -25.12 -6.04 -5.36
C LEU A 633 -23.77 -6.36 -4.75
N ASN A 634 -23.20 -7.51 -5.11
CA ASN A 634 -21.90 -7.86 -4.58
C ASN A 634 -20.84 -6.86 -5.05
N MET A 635 -20.95 -6.41 -6.30
CA MET A 635 -20.07 -5.37 -6.77
C MET A 635 -20.26 -4.08 -5.99
N LEU A 636 -21.47 -3.81 -5.53
CA LEU A 636 -21.70 -2.64 -4.68
C LEU A 636 -20.98 -2.79 -3.36
N ILE A 637 -20.98 -4.00 -2.80
CA ILE A 637 -20.20 -4.24 -1.59
C ILE A 637 -18.73 -3.97 -1.86
N ALA A 638 -18.24 -4.41 -3.01
CA ALA A 638 -16.83 -4.18 -3.36
C ALA A 638 -16.53 -2.70 -3.51
N LEU A 639 -17.42 -1.97 -4.20
CA LEU A 639 -17.25 -0.53 -4.37
C LEU A 639 -17.27 0.20 -3.05
N MET A 640 -18.16 -0.18 -2.14
CA MET A 640 -18.19 0.51 -0.86
C MET A 640 -16.98 0.14 -0.01
N SER A 641 -16.45 -1.08 -0.16
CA SER A 641 -15.17 -1.37 0.47
C SER A 641 -14.09 -0.43 -0.06
N GLU A 642 -14.07 -0.23 -1.37
CA GLU A 642 -13.06 0.62 -1.99
C GLU A 642 -13.21 2.07 -1.53
N THR A 643 -14.45 2.57 -1.43
CA THR A 643 -14.64 3.95 -1.01
C THR A 643 -14.34 4.12 0.48
N VAL A 644 -14.72 3.15 1.31
CA VAL A 644 -14.41 3.25 2.74
C VAL A 644 -12.90 3.27 2.92
N ASN A 645 -12.17 2.45 2.15
CA ASN A 645 -10.73 2.47 2.24
C ASN A 645 -10.17 3.80 1.74
N SER A 646 -10.75 4.36 0.68
CA SER A 646 -10.23 5.59 0.11
C SER A 646 -10.34 6.76 1.09
N VAL A 647 -11.49 6.89 1.75
CA VAL A 647 -11.76 8.03 2.62
C VAL A 647 -11.58 7.55 4.05
N ALA A 648 -10.34 7.60 4.53
CA ALA A 648 -10.04 7.27 5.93
C ALA A 648 -9.46 8.48 6.66
N THR A 649 -8.41 9.09 6.13
CA THR A 649 -7.90 10.33 6.70
C THR A 649 -8.81 11.51 6.36
N ASP A 650 -9.27 11.57 5.12
CA ASP A 650 -10.19 12.63 4.73
C ASP A 650 -11.45 12.59 5.58
N SER A 651 -11.87 11.40 6.02
CA SER A 651 -13.04 11.32 6.90
C SER A 651 -12.77 12.04 8.21
N TRP A 652 -11.59 11.82 8.80
CA TRP A 652 -11.24 12.53 10.02
C TRP A 652 -11.22 14.03 9.80
N SER A 653 -10.59 14.48 8.72
CA SER A 653 -10.52 15.92 8.47
C SER A 653 -11.90 16.51 8.25
N ILE A 654 -12.77 15.80 7.52
CA ILE A 654 -14.11 16.29 7.25
C ILE A 654 -14.93 16.33 8.52
N TRP A 655 -14.75 15.35 9.40
CA TRP A 655 -15.42 15.39 10.69
C TRP A 655 -14.96 16.57 11.52
N LYS A 656 -13.66 16.85 11.52
CA LYS A 656 -13.17 18.01 12.24
C LYS A 656 -13.75 19.30 11.66
N LEU A 657 -13.90 19.36 10.34
CA LEU A 657 -14.56 20.51 9.73
C LEU A 657 -16.02 20.61 10.15
N GLN A 658 -16.69 19.46 10.28
CA GLN A 658 -18.08 19.45 10.73
C GLN A 658 -18.18 19.99 12.15
N LYS A 659 -17.27 19.56 13.02
CA LYS A 659 -17.20 20.13 14.37
C LYS A 659 -16.94 21.62 14.32
N ALA A 660 -16.05 22.06 13.43
CA ALA A 660 -15.75 23.48 13.32
C ALA A 660 -17.00 24.26 12.92
N ILE A 661 -17.77 23.74 11.97
CA ILE A 661 -18.99 24.42 11.54
C ILE A 661 -19.99 24.46 12.68
N SER A 662 -20.17 23.36 13.39
CA SER A 662 -21.11 23.35 14.50
C SER A 662 -20.67 24.31 15.59
N VAL A 663 -19.37 24.37 15.87
CA VAL A 663 -18.87 25.31 16.87
C VAL A 663 -19.14 26.74 16.44
N LEU A 664 -18.87 27.06 15.18
CA LEU A 664 -19.05 28.43 14.71
C LEU A 664 -20.52 28.81 14.71
N GLU A 665 -21.41 27.85 14.47
CA GLU A 665 -22.84 28.14 14.54
C GLU A 665 -23.32 28.25 15.98
N MET A 666 -22.68 27.52 16.89
CA MET A 666 -23.09 27.57 18.29
C MET A 666 -22.58 28.85 18.95
N GLU A 667 -21.46 29.39 18.47
CA GLU A 667 -20.90 30.58 19.08
C GLU A 667 -21.91 31.73 19.08
N ASN A 668 -22.46 32.04 17.91
CA ASN A 668 -23.62 32.92 17.88
C ASN A 668 -24.83 32.14 18.33
N GLY A 669 -25.67 32.78 19.13
CA GLY A 669 -26.75 32.08 19.79
C GLY A 669 -27.77 31.53 18.82
N TYR A 670 -28.93 31.21 19.37
CA TYR A 670 -30.06 30.75 18.57
C TYR A 670 -30.62 31.91 17.76
N TRP A 671 -31.62 31.64 16.91
CA TRP A 671 -32.22 32.71 16.13
C TRP A 671 -32.93 33.74 16.99
N TRP A 672 -33.17 33.43 18.25
CA TRP A 672 -33.89 34.30 19.17
C TRP A 672 -32.99 34.92 20.22
N CYS A 673 -31.92 34.23 20.61
CA CYS A 673 -31.04 34.70 21.68
C CYS A 673 -29.79 35.33 21.08
N ARG A 674 -29.57 36.61 21.41
CA ARG A 674 -28.39 37.34 20.93
C ARG A 674 -27.23 37.00 21.86
N ARG A 675 -26.48 35.95 21.51
CA ARG A 675 -25.43 35.48 22.40
C ARG A 675 -24.30 36.50 22.51
N LYS A 676 -23.73 36.60 23.71
CA LYS A 676 -22.58 37.44 23.95
C LYS A 676 -21.30 36.69 23.55
N ARG A 677 -20.46 37.35 22.78
CA ARG A 677 -19.24 36.70 22.29
C ARG A 677 -18.25 36.52 23.43
N HIS A 678 -17.38 35.52 23.28
CA HIS A 678 -16.30 35.24 24.22
C HIS A 678 -15.00 35.18 23.42
N ARG A 679 -14.14 36.19 23.59
CA ARG A 679 -12.99 36.38 22.71
C ARG A 679 -11.84 35.54 23.23
N ALA A 680 -11.52 34.48 22.51
CA ALA A 680 -10.49 33.54 22.91
C ALA A 680 -9.10 34.16 22.78
N GLY A 681 -8.18 33.66 23.58
CA GLY A 681 -6.82 34.15 23.57
C GLY A 681 -6.55 35.09 24.73
N ARG A 682 -5.30 35.49 24.86
CA ARG A 682 -4.85 36.38 25.93
C ARG A 682 -4.27 37.64 25.32
N LEU A 683 -4.64 38.80 25.88
CA LEU A 683 -4.01 40.07 25.51
C LEU A 683 -2.62 40.10 26.15
N LEU A 684 -1.67 39.49 25.46
CA LEU A 684 -0.29 39.38 25.94
C LEU A 684 0.57 40.42 25.23
N LYS A 685 1.21 41.28 26.01
CA LYS A 685 2.19 42.20 25.45
C LYS A 685 3.36 41.40 24.91
N VAL A 686 3.62 41.54 23.60
CA VAL A 686 4.69 40.84 22.94
C VAL A 686 5.60 41.88 22.30
N GLY A 687 6.87 41.86 22.69
CA GLY A 687 7.85 42.78 22.13
C GLY A 687 7.44 44.23 22.23
N THR A 688 8.24 45.11 21.62
CA THR A 688 7.96 46.54 21.59
C THR A 688 8.05 47.01 20.15
N LYS A 689 7.03 47.73 19.71
CA LYS A 689 7.01 48.24 18.35
C LYS A 689 8.06 49.34 18.17
N GLY A 690 8.31 49.70 16.91
CA GLY A 690 9.27 50.74 16.60
C GLY A 690 8.76 52.12 16.95
N ASP A 691 8.41 52.31 18.21
CA ASP A 691 7.83 53.56 18.70
C ASP A 691 8.22 53.69 20.18
N GLY A 692 7.48 54.52 20.91
CA GLY A 692 7.72 54.68 22.33
C GLY A 692 6.85 53.73 23.13
N ILE A 693 5.76 54.24 23.69
CA ILE A 693 4.82 53.44 24.49
C ILE A 693 4.61 52.09 23.80
N PRO A 694 4.62 50.98 24.53
CA PRO A 694 4.62 49.66 23.89
C PRO A 694 3.24 49.27 23.36
N ASP A 695 3.14 48.04 22.88
CA ASP A 695 1.95 47.53 22.23
C ASP A 695 1.45 46.27 22.91
N GLU A 696 0.30 45.78 22.44
CA GLU A 696 -0.31 44.55 22.93
C GLU A 696 -0.93 43.79 21.76
N ARG A 697 -1.25 42.52 21.98
CA ARG A 697 -1.76 41.69 20.90
C ARG A 697 -2.37 40.42 21.47
N TRP A 698 -3.50 39.99 20.92
CA TRP A 698 -4.17 38.79 21.40
C TRP A 698 -3.53 37.55 20.80
N CYS A 699 -3.17 36.61 21.66
CA CYS A 699 -2.44 35.42 21.23
C CYS A 699 -3.08 34.20 21.85
N PHE A 700 -2.85 33.05 21.21
CA PHE A 700 -3.42 31.76 21.63
C PHE A 700 -2.27 30.91 22.16
N ARG A 701 -2.23 30.75 23.48
CA ARG A 701 -1.12 30.03 24.11
C ARG A 701 -1.24 28.54 23.85
N VAL A 702 -0.13 27.93 23.43
CA VAL A 702 -0.10 26.51 23.14
C VAL A 702 1.20 25.91 23.66
N GLU A 703 1.11 25.09 24.71
CA GLU A 703 2.28 24.45 25.28
C GLU A 703 2.50 23.10 24.62
N GLU A 704 3.69 22.93 24.03
CA GLU A 704 4.08 21.66 23.45
C GLU A 704 5.48 21.32 23.92
N VAL A 705 5.70 20.05 24.23
CA VAL A 705 7.00 19.57 24.66
C VAL A 705 7.74 19.06 23.42
N ASN A 706 8.91 19.63 23.16
CA ASN A 706 9.67 19.31 21.96
C ASN A 706 11.12 19.05 22.34
N TRP A 707 11.72 18.05 21.68
CA TRP A 707 13.12 17.71 21.89
C TRP A 707 13.96 17.91 20.65
N ALA A 708 13.37 17.84 19.45
CA ALA A 708 14.13 18.13 18.24
C ALA A 708 14.57 19.59 18.21
N ALA A 709 13.66 20.51 18.54
CA ALA A 709 14.03 21.93 18.60
C ALA A 709 14.92 22.21 19.79
N TRP A 710 14.80 21.42 20.86
CA TRP A 710 15.55 21.68 22.07
C TRP A 710 17.03 21.36 21.90
N GLU A 711 17.39 20.39 21.07
CA GLU A 711 18.81 20.06 20.92
C GLU A 711 19.56 21.10 20.10
N LYS A 712 18.86 22.06 19.50
CA LYS A 712 19.47 23.06 18.64
C LYS A 712 19.58 24.43 19.28
N THR A 713 18.99 24.62 20.47
CA THR A 713 18.99 25.93 21.13
C THR A 713 20.15 26.07 22.11
N LEU A 714 21.27 25.41 21.83
CA LEU A 714 22.41 25.42 22.74
C LEU A 714 23.71 25.61 21.99
N PRO B 67 52.51 -24.86 -53.27
CA PRO B 67 51.98 -23.54 -52.92
C PRO B 67 51.28 -22.85 -54.08
N ASN B 68 51.19 -23.53 -55.22
CA ASN B 68 50.55 -22.99 -56.42
C ASN B 68 49.05 -23.22 -56.41
N ARG B 69 48.63 -24.48 -56.31
CA ARG B 69 47.21 -24.81 -56.29
C ARG B 69 46.62 -24.46 -54.93
N PHE B 70 45.62 -23.59 -54.92
CA PHE B 70 44.99 -23.12 -53.70
C PHE B 70 43.62 -23.76 -53.52
N ASP B 71 43.28 -24.03 -52.26
CA ASP B 71 42.00 -24.62 -51.89
C ASP B 71 41.31 -23.73 -50.86
N ARG B 72 40.00 -23.94 -50.72
CA ARG B 72 39.22 -23.14 -49.78
C ARG B 72 39.72 -23.30 -48.35
N ASP B 73 40.00 -24.53 -47.94
CA ASP B 73 40.35 -24.78 -46.54
C ASP B 73 41.68 -24.13 -46.19
N ARG B 74 42.71 -24.36 -46.99
CA ARG B 74 44.02 -23.80 -46.69
C ARG B 74 44.00 -22.28 -46.79
N LEU B 75 43.28 -21.73 -47.77
CA LEU B 75 43.18 -20.29 -47.88
C LEU B 75 42.46 -19.68 -46.67
N PHE B 76 41.39 -20.35 -46.22
CA PHE B 76 40.69 -19.88 -45.03
C PHE B 76 41.59 -19.93 -43.80
N SER B 77 42.37 -21.00 -43.66
CA SER B 77 43.30 -21.08 -42.54
C SER B 77 44.34 -19.96 -42.63
N VAL B 78 44.83 -19.69 -43.83
CA VAL B 78 45.84 -18.63 -44.00
C VAL B 78 45.27 -17.28 -43.60
N VAL B 79 44.07 -16.97 -44.09
CA VAL B 79 43.48 -15.67 -43.77
C VAL B 79 43.10 -15.58 -42.29
N SER B 80 42.77 -16.72 -41.68
CA SER B 80 42.37 -16.70 -40.26
C SER B 80 43.52 -16.27 -39.38
N ARG B 81 44.73 -16.77 -39.63
CA ARG B 81 45.87 -16.42 -38.79
C ARG B 81 46.26 -14.95 -38.93
N GLY B 82 45.88 -14.29 -40.02
CA GLY B 82 46.22 -12.90 -40.20
C GLY B 82 47.66 -12.65 -40.57
N VAL B 83 48.36 -13.65 -41.08
CA VAL B 83 49.74 -13.52 -41.54
C VAL B 83 49.72 -13.54 -43.07
N PRO B 84 50.04 -12.44 -43.74
CA PRO B 84 49.92 -12.39 -45.21
C PRO B 84 51.16 -12.83 -45.98
N GLU B 85 52.21 -13.30 -45.30
CA GLU B 85 53.43 -13.65 -46.01
C GLU B 85 53.21 -14.77 -47.02
N GLU B 86 52.41 -15.77 -46.66
CA GLU B 86 52.20 -16.94 -47.52
C GLU B 86 51.04 -16.76 -48.49
N LEU B 87 50.71 -15.52 -48.85
CA LEU B 87 49.72 -15.26 -49.88
C LEU B 87 50.34 -15.11 -51.26
N THR B 88 51.65 -15.30 -51.40
CA THR B 88 52.30 -15.26 -52.69
C THR B 88 51.99 -16.55 -53.44
N GLY B 89 51.23 -16.44 -54.53
CA GLY B 89 50.83 -17.60 -55.30
C GLY B 89 49.40 -17.51 -55.76
N LEU B 90 48.61 -16.65 -55.12
CA LEU B 90 47.22 -16.47 -55.54
C LEU B 90 47.15 -15.91 -56.96
N LEU B 91 47.99 -14.91 -57.26
CA LEU B 91 48.00 -14.33 -58.60
C LEU B 91 48.35 -15.39 -59.65
N GLU B 92 49.37 -16.20 -59.36
CA GLU B 92 49.80 -17.22 -60.32
C GLU B 92 48.70 -18.23 -60.57
N TYR B 93 48.02 -18.68 -59.51
CA TYR B 93 46.94 -19.63 -59.69
C TYR B 93 45.78 -19.00 -60.47
N LEU B 94 45.43 -17.76 -60.15
CA LEU B 94 44.32 -17.10 -60.82
C LEU B 94 44.59 -16.90 -62.30
N ARG B 95 45.81 -16.51 -62.66
CA ARG B 95 46.17 -16.29 -64.05
C ARG B 95 46.55 -17.58 -64.78
N ARG B 96 46.78 -18.67 -64.05
CA ARG B 96 47.12 -19.95 -64.66
C ARG B 96 45.87 -20.78 -64.93
N THR B 97 44.99 -20.89 -63.93
CA THR B 97 43.73 -21.60 -64.09
C THR B 97 42.63 -20.73 -64.69
N SER B 98 42.91 -19.44 -64.90
CA SER B 98 41.91 -18.52 -65.47
C SER B 98 40.64 -18.51 -64.63
N LYS B 99 40.82 -18.38 -63.32
CA LYS B 99 39.71 -18.35 -62.38
C LYS B 99 39.88 -17.16 -61.45
N TYR B 100 38.75 -16.65 -60.95
CA TYR B 100 38.74 -15.52 -60.04
C TYR B 100 38.66 -16.02 -58.60
N LEU B 101 38.68 -15.07 -57.66
CA LEU B 101 38.55 -15.39 -56.25
C LEU B 101 37.09 -15.52 -55.81
N THR B 102 36.15 -15.11 -56.64
CA THR B 102 34.73 -15.21 -56.34
C THR B 102 34.13 -16.54 -56.76
N ASP B 103 34.95 -17.46 -57.27
CA ASP B 103 34.46 -18.74 -57.74
C ASP B 103 33.91 -19.57 -56.58
N SER B 104 33.04 -20.52 -56.91
CA SER B 104 32.44 -21.38 -55.90
C SER B 104 33.49 -22.19 -55.14
N ALA B 105 34.66 -22.42 -55.74
CA ALA B 105 35.68 -23.24 -55.11
C ALA B 105 36.19 -22.63 -53.81
N TYR B 106 36.23 -21.30 -53.71
CA TYR B 106 36.77 -20.63 -52.54
C TYR B 106 35.71 -20.10 -51.60
N THR B 107 34.43 -20.37 -51.87
CA THR B 107 33.33 -19.96 -51.00
C THR B 107 32.51 -21.18 -50.62
N GLU B 108 31.95 -21.15 -49.42
CA GLU B 108 31.10 -22.25 -48.98
C GLU B 108 29.94 -22.43 -49.95
N GLY B 109 29.74 -23.66 -50.39
CA GLY B 109 28.73 -23.96 -51.40
C GLY B 109 27.33 -24.09 -50.87
N SER B 110 27.14 -23.94 -49.56
CA SER B 110 25.82 -24.08 -48.94
C SER B 110 25.17 -22.74 -48.61
N THR B 111 25.95 -21.77 -48.11
CA THR B 111 25.42 -20.48 -47.71
C THR B 111 25.83 -19.35 -48.64
N GLY B 112 27.08 -19.33 -49.06
CA GLY B 112 27.62 -18.22 -49.84
C GLY B 112 28.75 -17.47 -49.15
N LYS B 113 29.14 -17.88 -47.95
CA LYS B 113 30.24 -17.24 -47.25
C LYS B 113 31.52 -17.34 -48.07
N THR B 114 32.30 -16.27 -48.10
CA THR B 114 33.57 -16.22 -48.83
C THR B 114 34.71 -15.99 -47.84
N CYS B 115 35.94 -16.01 -48.38
CA CYS B 115 37.11 -15.83 -47.54
C CYS B 115 37.08 -14.49 -46.83
N LEU B 116 36.60 -13.45 -47.51
CA LEU B 116 36.45 -12.15 -46.87
C LEU B 116 35.64 -12.26 -45.59
N MET B 117 34.57 -13.05 -45.63
CA MET B 117 33.70 -13.20 -44.46
C MET B 117 34.48 -13.77 -43.28
N LYS B 118 35.21 -14.87 -43.51
CA LYS B 118 35.98 -15.47 -42.43
C LYS B 118 37.04 -14.51 -41.91
N ALA B 119 37.72 -13.81 -42.81
CA ALA B 119 38.77 -12.90 -42.38
C ALA B 119 38.21 -11.79 -41.51
N VAL B 120 37.06 -11.22 -41.91
CA VAL B 120 36.49 -10.10 -41.16
C VAL B 120 35.78 -10.56 -39.90
N LEU B 121 35.35 -11.82 -39.84
CA LEU B 121 34.74 -12.34 -38.63
C LEU B 121 35.76 -12.54 -37.52
N ASN B 122 37.03 -12.78 -37.87
CA ASN B 122 38.08 -13.03 -36.90
C ASN B 122 39.13 -11.94 -37.01
N LEU B 123 39.39 -11.25 -35.91
CA LEU B 123 40.40 -10.20 -35.86
C LEU B 123 41.17 -10.29 -34.56
N GLN B 124 42.48 -10.05 -34.63
CA GLN B 124 43.33 -9.99 -33.44
C GLN B 124 43.25 -8.58 -32.90
N ASP B 125 42.61 -8.41 -31.75
CA ASP B 125 42.45 -7.11 -31.10
C ASP B 125 42.01 -6.03 -32.09
N GLY B 126 41.26 -6.44 -33.11
CA GLY B 126 40.72 -5.49 -34.07
C GLY B 126 41.58 -5.24 -35.28
N VAL B 127 42.61 -6.04 -35.53
CA VAL B 127 43.52 -5.85 -36.64
C VAL B 127 43.53 -7.09 -37.51
N ASN B 128 43.60 -6.90 -38.83
CA ASN B 128 43.74 -8.01 -39.77
C ASN B 128 44.49 -7.47 -41.00
N ALA B 129 45.80 -7.71 -41.03
CA ALA B 129 46.63 -7.20 -42.11
C ALA B 129 46.38 -7.92 -43.43
N CYS B 130 45.96 -9.19 -43.39
CA CYS B 130 45.80 -9.96 -44.62
C CYS B 130 44.71 -9.37 -45.52
N ILE B 131 43.85 -8.51 -44.99
CA ILE B 131 42.74 -7.99 -45.80
C ILE B 131 43.27 -7.17 -46.96
N LEU B 132 44.28 -6.32 -46.71
CA LEU B 132 44.79 -5.45 -47.75
C LEU B 132 45.38 -6.22 -48.92
N PRO B 133 46.28 -7.19 -48.72
CA PRO B 133 46.69 -8.04 -49.85
C PRO B 133 45.52 -8.73 -50.51
N LEU B 134 44.56 -9.20 -49.71
CA LEU B 134 43.41 -9.90 -50.28
C LEU B 134 42.65 -9.00 -51.24
N LEU B 135 42.29 -7.80 -50.78
CA LEU B 135 41.51 -6.90 -51.61
C LEU B 135 42.31 -6.45 -52.83
N GLN B 136 43.59 -6.13 -52.66
CA GLN B 136 44.36 -5.63 -53.78
C GLN B 136 44.54 -6.70 -54.85
N ILE B 137 44.81 -7.96 -54.44
CA ILE B 137 44.94 -9.02 -55.41
C ILE B 137 43.60 -9.32 -56.07
N ASP B 138 42.51 -9.24 -55.31
CA ASP B 138 41.19 -9.45 -55.89
C ASP B 138 40.91 -8.42 -56.99
N ARG B 139 41.16 -7.14 -56.69
CA ARG B 139 40.90 -6.11 -57.69
C ARG B 139 41.85 -6.22 -58.87
N ASP B 140 43.10 -6.63 -58.64
CA ASP B 140 44.02 -6.84 -59.74
C ASP B 140 43.53 -7.95 -60.67
N SER B 141 42.86 -8.97 -60.12
CA SER B 141 42.37 -10.09 -60.92
C SER B 141 41.10 -10.60 -60.28
N GLY B 142 39.96 -10.42 -60.96
CA GLY B 142 38.70 -10.87 -60.42
C GLY B 142 37.56 -10.49 -61.33
N ASN B 143 36.38 -10.99 -60.97
CA ASN B 143 35.16 -10.64 -61.69
C ASN B 143 34.80 -9.18 -61.36
N PRO B 144 33.97 -8.53 -62.18
CA PRO B 144 33.69 -7.10 -61.96
C PRO B 144 33.36 -6.77 -60.51
N GLN B 145 32.76 -7.71 -59.77
CA GLN B 145 32.53 -7.51 -58.35
C GLN B 145 33.73 -8.06 -57.59
N PRO B 146 34.48 -7.25 -56.84
CA PRO B 146 35.64 -7.76 -56.10
C PRO B 146 35.25 -8.30 -54.72
N LEU B 147 34.36 -9.28 -54.72
CA LEU B 147 33.95 -9.99 -53.51
C LEU B 147 33.44 -9.05 -52.42
N VAL B 148 33.06 -7.83 -52.78
CA VAL B 148 32.44 -6.92 -51.84
C VAL B 148 30.94 -6.84 -52.01
N ASN B 149 30.43 -6.98 -53.23
CA ASN B 149 29.00 -7.07 -53.47
C ASN B 149 28.47 -8.49 -53.36
N ALA B 150 29.35 -9.48 -53.30
CA ALA B 150 28.92 -10.86 -53.09
C ALA B 150 28.31 -10.98 -51.70
N GLN B 151 27.15 -11.62 -51.60
CA GLN B 151 26.39 -11.70 -50.37
C GLN B 151 25.91 -13.13 -50.15
N CYS B 152 25.66 -13.44 -48.88
CA CYS B 152 25.17 -14.77 -48.54
C CYS B 152 23.86 -15.06 -49.25
N THR B 153 23.74 -16.29 -49.75
CA THR B 153 22.57 -16.71 -50.50
C THR B 153 21.60 -17.54 -49.67
N ASP B 154 22.01 -18.02 -48.50
CA ASP B 154 21.14 -18.88 -47.71
C ASP B 154 19.88 -18.13 -47.29
N GLU B 155 18.78 -18.86 -47.17
CA GLU B 155 17.51 -18.26 -46.77
C GLU B 155 17.67 -17.51 -45.44
N PHE B 156 18.53 -18.01 -44.55
CA PHE B 156 18.70 -17.36 -43.26
C PHE B 156 19.23 -15.94 -43.41
N TYR B 157 20.17 -15.74 -44.34
CA TYR B 157 20.89 -14.48 -44.49
C TYR B 157 20.91 -14.03 -45.95
N ARG B 158 19.79 -14.16 -46.65
CA ARG B 158 19.74 -13.71 -48.03
C ARG B 158 19.95 -12.21 -48.10
N GLY B 159 20.80 -11.78 -49.04
CA GLY B 159 21.17 -10.39 -49.16
C GLY B 159 22.20 -9.92 -48.15
N HIS B 160 22.54 -10.74 -47.16
CA HIS B 160 23.51 -10.36 -46.15
C HIS B 160 24.89 -10.25 -46.77
N SER B 161 25.50 -9.08 -46.65
CA SER B 161 26.76 -8.76 -47.31
C SER B 161 27.87 -8.62 -46.27
N ALA B 162 29.09 -8.47 -46.78
CA ALA B 162 30.24 -8.30 -45.90
C ALA B 162 30.15 -7.01 -45.11
N LEU B 163 29.49 -6.00 -45.65
CA LEU B 163 29.37 -4.72 -44.95
C LEU B 163 28.63 -4.88 -43.64
N HIS B 164 27.52 -5.64 -43.64
CA HIS B 164 26.80 -5.89 -42.40
C HIS B 164 27.67 -6.66 -41.41
N ILE B 165 28.39 -7.67 -41.91
CA ILE B 165 29.29 -8.45 -41.06
C ILE B 165 30.28 -7.54 -40.36
N ALA B 166 30.91 -6.64 -41.13
CA ALA B 166 31.87 -5.71 -40.54
C ALA B 166 31.19 -4.79 -39.54
N ILE B 167 30.01 -4.28 -39.89
CA ILE B 167 29.34 -3.30 -39.03
C ILE B 167 28.89 -3.95 -37.73
N GLU B 168 28.74 -5.27 -37.71
CA GLU B 168 28.32 -5.94 -36.48
C GLU B 168 29.34 -5.76 -35.36
N LYS B 169 30.63 -6.01 -35.66
CA LYS B 169 31.62 -6.04 -34.58
C LYS B 169 31.92 -4.67 -33.98
N ARG B 170 31.26 -3.62 -34.44
CA ARG B 170 31.47 -2.27 -33.90
C ARG B 170 32.88 -1.78 -34.22
N SER B 171 33.26 -1.89 -35.49
CA SER B 171 34.59 -1.50 -35.96
C SER B 171 34.47 -0.53 -37.12
N LEU B 172 35.47 0.33 -37.25
CA LEU B 172 35.45 1.39 -38.25
C LEU B 172 36.43 1.10 -39.38
N TRP B 173 37.64 0.67 -39.02
CA TRP B 173 38.72 0.59 -40.00
C TRP B 173 38.36 -0.35 -41.14
N CYS B 174 37.76 -1.49 -40.82
CA CYS B 174 37.32 -2.39 -41.88
C CYS B 174 36.28 -1.73 -42.76
N VAL B 175 35.38 -0.95 -42.15
CA VAL B 175 34.38 -0.23 -42.94
C VAL B 175 35.07 0.76 -43.87
N LYS B 176 36.06 1.49 -43.35
CA LYS B 176 36.78 2.44 -44.18
C LYS B 176 37.41 1.75 -45.38
N LEU B 177 38.10 0.62 -45.13
CA LEU B 177 38.76 -0.07 -46.23
C LEU B 177 37.75 -0.62 -47.22
N LEU B 178 36.62 -1.16 -46.73
CA LEU B 178 35.61 -1.71 -47.61
C LEU B 178 35.02 -0.64 -48.52
N VAL B 179 34.63 0.51 -47.94
CA VAL B 179 34.02 1.56 -48.73
C VAL B 179 35.04 2.19 -49.68
N GLU B 180 36.29 2.34 -49.22
CA GLU B 180 37.33 2.91 -50.08
C GLU B 180 37.53 2.05 -51.32
N ASN B 181 37.61 0.73 -51.17
CA ASN B 181 37.77 -0.16 -52.29
C ASN B 181 36.51 -0.30 -53.14
N GLY B 182 35.40 0.23 -52.67
CA GLY B 182 34.15 0.16 -53.41
C GLY B 182 33.21 -0.84 -52.77
N ALA B 183 31.93 -0.52 -52.75
CA ALA B 183 30.91 -1.38 -52.16
C ALA B 183 29.54 -0.77 -52.51
N ASN B 184 28.49 -1.48 -52.12
CA ASN B 184 27.11 -1.06 -52.36
C ASN B 184 26.44 -0.92 -51.00
N VAL B 185 26.57 0.25 -50.39
CA VAL B 185 26.09 0.49 -49.04
C VAL B 185 24.57 0.35 -48.98
N HIS B 186 23.90 0.62 -50.11
CA HIS B 186 22.46 0.48 -50.15
C HIS B 186 22.00 -0.97 -50.21
N ILE B 187 22.93 -1.91 -50.42
CA ILE B 187 22.57 -3.32 -50.44
C ILE B 187 21.93 -3.69 -49.12
N ARG B 188 20.85 -4.47 -49.17
CA ARG B 188 20.06 -4.80 -48.01
C ARG B 188 19.95 -6.32 -47.85
N ALA B 189 19.84 -6.76 -46.60
CA ALA B 189 19.85 -8.17 -46.25
C ALA B 189 18.41 -8.64 -46.01
N CYS B 190 17.78 -9.16 -47.05
CA CYS B 190 16.40 -9.61 -47.00
C CYS B 190 16.41 -11.14 -46.99
N GLY B 191 16.54 -11.71 -45.80
CA GLY B 191 16.63 -13.16 -45.65
C GLY B 191 15.51 -13.75 -44.84
N ARG B 192 15.85 -14.41 -43.74
CA ARG B 192 14.87 -14.95 -42.82
C ARG B 192 15.12 -14.54 -41.38
N PHE B 193 16.37 -14.48 -40.95
CA PHE B 193 16.68 -14.02 -39.60
C PHE B 193 16.33 -12.55 -39.43
N PHE B 194 16.66 -11.73 -40.42
CA PHE B 194 16.46 -10.29 -40.32
C PHE B 194 14.99 -9.91 -40.47
N GLN B 195 14.27 -10.61 -41.34
CA GLN B 195 12.86 -10.30 -41.55
C GLN B 195 12.09 -10.51 -40.25
N LYS B 196 11.10 -9.66 -40.00
CA LYS B 196 10.32 -9.75 -38.77
C LYS B 196 9.42 -10.98 -38.80
N HIS B 197 9.60 -11.86 -37.83
CA HIS B 197 8.76 -13.05 -37.69
C HIS B 197 8.87 -13.52 -36.24
N GLN B 198 8.41 -14.74 -35.98
CA GLN B 198 8.41 -15.31 -34.64
C GLN B 198 9.55 -16.31 -34.51
N GLY B 199 10.32 -16.20 -33.43
CA GLY B 199 11.43 -17.10 -33.18
C GLY B 199 12.74 -16.38 -32.98
N THR B 200 13.81 -16.92 -33.56
CA THR B 200 15.11 -16.26 -33.53
C THR B 200 15.11 -15.15 -34.58
N CYS B 201 15.18 -13.90 -34.12
CA CYS B 201 15.05 -12.77 -35.02
C CYS B 201 15.55 -11.50 -34.35
N PHE B 202 15.90 -10.53 -35.18
CA PHE B 202 16.20 -9.18 -34.73
C PHE B 202 16.01 -8.25 -35.91
N TYR B 203 14.98 -7.41 -35.86
CA TYR B 203 14.67 -6.51 -36.96
C TYR B 203 15.42 -5.21 -36.79
N PHE B 204 16.11 -4.78 -37.86
CA PHE B 204 16.82 -3.50 -37.83
C PHE B 204 16.70 -2.76 -39.16
N GLY B 205 15.82 -3.19 -40.05
CA GLY B 205 15.65 -2.55 -41.34
C GLY B 205 16.51 -3.10 -42.45
N GLU B 206 17.36 -4.09 -42.18
CA GLU B 206 18.23 -4.72 -43.16
C GLU B 206 18.88 -3.69 -44.11
N LEU B 207 19.33 -2.58 -43.51
CA LEU B 207 20.22 -1.66 -44.21
C LEU B 207 21.45 -1.47 -43.34
N PRO B 208 22.64 -1.33 -43.93
CA PRO B 208 23.82 -1.11 -43.08
C PRO B 208 23.69 0.13 -42.21
N LEU B 209 23.12 1.22 -42.74
CA LEU B 209 22.95 2.41 -41.94
C LEU B 209 21.92 2.20 -40.84
N SER B 210 20.81 1.54 -41.18
CA SER B 210 19.82 1.21 -40.16
C SER B 210 20.40 0.28 -39.11
N LEU B 211 21.23 -0.67 -39.53
CA LEU B 211 21.90 -1.53 -38.57
C LEU B 211 22.78 -0.72 -37.63
N ALA B 212 23.57 0.20 -38.18
CA ALA B 212 24.43 1.02 -37.34
C ALA B 212 23.60 1.84 -36.36
N ALA B 213 22.49 2.40 -36.84
CA ALA B 213 21.65 3.23 -35.98
C ALA B 213 21.03 2.41 -34.85
N CYS B 214 20.49 1.23 -35.19
CA CYS B 214 19.86 0.39 -34.18
C CYS B 214 20.89 -0.23 -33.24
N THR B 215 22.17 -0.23 -33.61
CA THR B 215 23.22 -0.83 -32.81
C THR B 215 24.09 0.21 -32.11
N LYS B 216 23.60 1.45 -31.98
CA LYS B 216 24.33 2.52 -31.29
C LYS B 216 25.74 2.69 -31.85
N GLN B 217 25.85 2.67 -33.17
CA GLN B 217 27.11 2.93 -33.85
C GLN B 217 27.09 4.39 -34.29
N TRP B 218 27.42 5.27 -33.36
CA TRP B 218 27.47 6.70 -33.64
C TRP B 218 28.42 7.05 -34.75
N ASP B 219 29.53 6.33 -34.89
CA ASP B 219 30.61 6.72 -35.78
C ASP B 219 30.49 6.05 -37.14
N VAL B 220 30.05 4.80 -37.17
CA VAL B 220 29.89 4.12 -38.45
C VAL B 220 28.86 4.86 -39.30
N VAL B 221 27.72 5.24 -38.71
CA VAL B 221 26.72 5.98 -39.47
C VAL B 221 27.32 7.27 -40.02
N THR B 222 28.15 7.95 -39.23
CA THR B 222 28.77 9.18 -39.70
C THR B 222 29.65 8.92 -40.91
N TYR B 223 30.45 7.86 -40.86
CA TYR B 223 31.31 7.56 -42.00
C TYR B 223 30.48 7.20 -43.23
N LEU B 224 29.43 6.40 -43.05
CA LEU B 224 28.57 6.05 -44.18
C LEU B 224 27.94 7.29 -44.79
N LEU B 225 27.56 8.26 -43.95
CA LEU B 225 26.88 9.43 -44.48
C LEU B 225 27.85 10.39 -45.16
N GLU B 226 29.07 10.52 -44.62
CA GLU B 226 30.05 11.48 -45.14
C GLU B 226 31.31 10.80 -45.69
N ASN B 227 31.20 9.61 -46.23
CA ASN B 227 32.32 9.05 -46.98
C ASN B 227 32.37 9.73 -48.35
N PRO B 228 33.48 10.35 -48.73
CA PRO B 228 33.52 11.05 -50.03
C PRO B 228 33.33 10.13 -51.22
N HIS B 229 33.81 8.88 -51.13
CA HIS B 229 33.78 8.00 -52.29
C HIS B 229 32.35 7.70 -52.73
N GLN B 230 31.46 7.44 -51.79
CA GLN B 230 30.07 7.12 -52.11
C GLN B 230 29.21 7.36 -50.87
N PRO B 231 28.69 8.58 -50.71
CA PRO B 231 27.87 8.88 -49.52
C PRO B 231 26.66 7.97 -49.42
N ALA B 232 26.26 7.67 -48.19
CA ALA B 232 25.16 6.77 -47.91
C ALA B 232 23.87 7.56 -47.75
N SER B 233 22.86 7.23 -48.55
CA SER B 233 21.58 7.91 -48.46
C SER B 233 20.90 7.63 -47.13
N LEU B 234 20.10 8.59 -46.67
CA LEU B 234 19.39 8.49 -45.41
C LEU B 234 17.91 8.19 -45.58
N GLU B 235 17.35 8.42 -46.76
CA GLU B 235 15.94 8.15 -47.03
C GLU B 235 15.72 6.71 -47.49
N ALA B 236 16.79 5.94 -47.64
CA ALA B 236 16.69 4.61 -48.20
C ALA B 236 15.73 3.75 -47.38
N THR B 237 14.84 3.05 -48.08
CA THR B 237 13.84 2.20 -47.47
C THR B 237 14.26 0.75 -47.59
N ASP B 238 13.75 -0.07 -46.67
CA ASP B 238 14.03 -1.49 -46.68
C ASP B 238 12.94 -2.21 -47.46
N SER B 239 13.11 -3.51 -47.67
CA SER B 239 12.14 -4.27 -48.45
C SER B 239 10.73 -4.11 -47.89
N LEU B 240 10.62 -3.98 -46.58
CA LEU B 240 9.32 -3.81 -45.95
C LEU B 240 8.77 -2.39 -46.09
N GLY B 241 9.61 -1.45 -46.50
CA GLY B 241 9.21 -0.05 -46.61
C GLY B 241 9.68 0.82 -45.47
N ASN B 242 10.22 0.23 -44.41
CA ASN B 242 10.69 1.02 -43.28
C ASN B 242 11.97 1.76 -43.64
N THR B 243 12.15 2.91 -43.03
CA THR B 243 13.39 3.67 -43.07
C THR B 243 14.11 3.51 -41.74
N VAL B 244 15.24 4.19 -41.61
CA VAL B 244 15.99 4.10 -40.36
C VAL B 244 15.15 4.57 -39.19
N LEU B 245 14.36 5.61 -39.39
CA LEU B 245 13.50 6.10 -38.31
C LEU B 245 12.41 5.10 -37.98
N HIS B 246 11.78 4.54 -39.01
CA HIS B 246 10.81 3.47 -38.80
C HIS B 246 11.43 2.34 -38.01
N ALA B 247 12.65 1.92 -38.38
CA ALA B 247 13.30 0.83 -37.68
C ALA B 247 13.58 1.18 -36.23
N LEU B 248 14.09 2.40 -35.97
CA LEU B 248 14.31 2.81 -34.60
C LEU B 248 13.02 2.75 -33.79
N VAL B 249 11.90 3.04 -34.43
CA VAL B 249 10.62 2.87 -33.75
C VAL B 249 10.34 1.39 -33.49
N MET B 250 10.57 0.55 -34.49
CA MET B 250 10.18 -0.85 -34.37
C MET B 250 10.92 -1.53 -33.22
N ILE B 251 12.24 -1.33 -33.12
CA ILE B 251 12.98 -1.91 -32.02
C ILE B 251 12.65 -1.25 -30.70
N ALA B 252 11.96 -0.12 -30.73
CA ALA B 252 11.64 0.57 -29.49
C ALA B 252 10.79 -0.32 -28.59
N ASP B 253 11.17 -0.37 -27.32
CA ASP B 253 10.39 -1.05 -26.30
C ASP B 253 10.32 -0.13 -25.08
N ASN B 254 9.37 -0.40 -24.20
CA ASN B 254 9.09 0.47 -23.08
C ASN B 254 10.13 0.35 -21.97
N SER B 255 11.20 -0.42 -22.18
CA SER B 255 12.29 -0.44 -21.23
C SER B 255 12.93 0.94 -21.14
N PRO B 256 13.22 1.45 -19.94
CA PRO B 256 13.80 2.80 -19.84
C PRO B 256 15.10 2.94 -20.62
N GLU B 257 15.97 1.94 -20.58
CA GLU B 257 17.23 2.03 -21.33
C GLU B 257 16.97 1.96 -22.83
N ASN B 258 16.10 1.06 -23.26
CA ASN B 258 15.75 0.99 -24.67
C ASN B 258 15.10 2.28 -25.13
N SER B 259 14.20 2.83 -24.32
CA SER B 259 13.55 4.08 -24.68
C SER B 259 14.56 5.21 -24.80
N ALA B 260 15.50 5.29 -23.85
CA ALA B 260 16.51 6.33 -23.91
C ALA B 260 17.36 6.18 -25.17
N LEU B 261 17.79 4.97 -25.48
CA LEU B 261 18.58 4.75 -26.68
C LEU B 261 17.81 5.17 -27.93
N VAL B 262 16.57 4.73 -28.04
CA VAL B 262 15.78 5.03 -29.23
C VAL B 262 15.58 6.52 -29.35
N ILE B 263 15.24 7.19 -28.25
CA ILE B 263 15.01 8.63 -28.29
C ILE B 263 16.28 9.35 -28.75
N HIS B 264 17.41 9.01 -28.14
CA HIS B 264 18.65 9.69 -28.49
C HIS B 264 19.00 9.50 -29.95
N MET B 265 18.94 8.26 -30.43
CA MET B 265 19.35 8.01 -31.81
C MET B 265 18.35 8.63 -32.78
N TYR B 266 17.06 8.59 -32.44
CA TYR B 266 16.03 9.22 -33.25
C TYR B 266 16.32 10.71 -33.42
N ASP B 267 16.51 11.42 -32.31
CA ASP B 267 16.78 12.85 -32.37
C ASP B 267 18.05 13.14 -33.15
N SER B 268 19.13 12.41 -32.83
CA SER B 268 20.41 12.69 -33.46
C SER B 268 20.36 12.44 -34.96
N LEU B 269 19.71 11.35 -35.36
CA LEU B 269 19.64 11.02 -36.77
C LEU B 269 18.77 12.01 -37.52
N LEU B 270 17.69 12.48 -36.88
CA LEU B 270 16.87 13.51 -37.51
C LEU B 270 17.67 14.80 -37.69
N GLN B 271 18.44 15.18 -36.68
CA GLN B 271 19.29 16.36 -36.82
C GLN B 271 20.29 16.19 -37.95
N MET B 272 20.93 15.02 -38.04
CA MET B 272 21.88 14.78 -39.12
C MET B 272 21.19 14.86 -40.47
N GLY B 273 19.99 14.27 -40.59
CA GLY B 273 19.27 14.36 -41.84
C GLY B 273 18.97 15.79 -42.23
N ALA B 274 18.61 16.62 -41.26
CA ALA B 274 18.41 18.04 -41.55
C ALA B 274 19.71 18.69 -42.01
N ARG B 275 20.82 18.35 -41.35
CA ARG B 275 22.10 18.95 -41.71
C ARG B 275 22.52 18.60 -43.13
N LEU B 276 22.39 17.33 -43.51
CA LEU B 276 22.93 16.87 -44.79
C LEU B 276 22.05 17.32 -45.96
N CYS B 277 20.79 16.91 -45.96
CA CYS B 277 19.85 17.20 -47.05
C CYS B 277 18.56 17.76 -46.45
N PRO B 278 18.55 19.06 -46.11
CA PRO B 278 17.33 19.64 -45.53
C PRO B 278 16.13 19.58 -46.45
N THR B 279 16.33 19.52 -47.77
CA THR B 279 15.22 19.65 -48.71
C THR B 279 14.18 18.55 -48.52
N VAL B 280 14.56 17.41 -47.96
CA VAL B 280 13.68 16.25 -47.84
C VAL B 280 13.30 16.08 -46.38
N GLN B 281 12.02 15.91 -46.12
CA GLN B 281 11.48 15.82 -44.77
C GLN B 281 11.35 14.35 -44.40
N LEU B 282 12.19 13.88 -43.47
CA LEU B 282 12.26 12.46 -43.17
C LEU B 282 11.09 11.98 -42.31
N GLU B 283 10.55 12.84 -41.43
CA GLU B 283 9.48 12.41 -40.56
C GLU B 283 8.25 11.97 -41.33
N ASP B 284 8.13 12.37 -42.59
CA ASP B 284 6.97 12.05 -43.42
C ASP B 284 7.41 11.12 -44.53
N ILE B 285 7.52 9.83 -44.19
CA ILE B 285 7.85 8.80 -45.18
C ILE B 285 6.97 7.60 -44.91
N CYS B 286 5.95 7.43 -45.75
CA CYS B 286 5.01 6.33 -45.60
C CYS B 286 5.68 5.03 -46.03
N ASN B 287 5.78 4.08 -45.11
CA ASN B 287 6.31 2.77 -45.49
C ASN B 287 5.21 2.01 -46.25
N HIS B 288 5.45 0.73 -46.51
CA HIS B 288 4.51 -0.03 -47.33
C HIS B 288 3.14 -0.10 -46.66
N GLN B 289 3.10 -0.03 -45.33
CA GLN B 289 1.82 0.00 -44.64
C GLN B 289 1.20 1.39 -44.64
N GLY B 290 1.95 2.41 -45.05
CA GLY B 290 1.43 3.76 -45.09
C GLY B 290 1.48 4.45 -43.75
N LEU B 291 2.50 4.14 -42.96
CA LEU B 291 2.64 4.71 -41.63
C LEU B 291 3.94 5.48 -41.54
N THR B 292 3.88 6.64 -40.92
CA THR B 292 5.05 7.42 -40.55
C THR B 292 5.62 6.90 -39.24
N PRO B 293 6.83 7.30 -38.89
CA PRO B 293 7.39 6.82 -37.62
C PRO B 293 6.50 7.09 -36.43
N LEU B 294 5.81 8.24 -36.41
CA LEU B 294 4.90 8.53 -35.31
C LEU B 294 3.67 7.63 -35.35
N LYS B 295 3.05 7.52 -36.52
CA LYS B 295 1.91 6.61 -36.65
C LYS B 295 2.34 5.17 -36.38
N LEU B 296 3.53 4.79 -36.83
CA LEU B 296 4.04 3.46 -36.58
C LEU B 296 4.22 3.22 -35.08
N ALA B 297 4.74 4.23 -34.37
CA ALA B 297 4.89 4.08 -32.93
C ALA B 297 3.54 3.96 -32.25
N ALA B 298 2.55 4.70 -32.74
CA ALA B 298 1.21 4.61 -32.15
C ALA B 298 0.61 3.23 -32.38
N LYS B 299 0.69 2.72 -33.60
CA LYS B 299 0.09 1.42 -33.90
C LYS B 299 0.82 0.30 -33.16
N GLU B 300 2.14 0.36 -33.10
CA GLU B 300 2.91 -0.73 -32.51
C GLU B 300 2.96 -0.65 -31.00
N GLY B 301 2.25 0.28 -30.38
CA GLY B 301 2.16 0.34 -28.94
C GLY B 301 3.32 1.00 -28.25
N LYS B 302 4.39 1.30 -28.97
CA LYS B 302 5.53 1.99 -28.36
C LYS B 302 5.04 3.31 -27.79
N ILE B 303 5.13 3.46 -26.48
CA ILE B 303 4.55 4.59 -25.77
C ILE B 303 5.60 5.65 -25.46
N GLU B 304 6.78 5.23 -25.01
CA GLU B 304 7.80 6.20 -24.64
C GLU B 304 8.30 6.95 -25.85
N ILE B 305 8.68 6.24 -26.90
CA ILE B 305 9.08 6.90 -28.14
C ILE B 305 7.90 7.65 -28.73
N PHE B 306 6.69 7.10 -28.59
CA PHE B 306 5.51 7.78 -29.11
C PHE B 306 5.31 9.12 -28.41
N ARG B 307 5.32 9.12 -27.07
CA ARG B 307 5.13 10.38 -26.38
C ARG B 307 6.28 11.34 -26.65
N HIS B 308 7.51 10.85 -26.71
CA HIS B 308 8.61 11.74 -27.02
C HIS B 308 8.44 12.41 -28.37
N ILE B 309 8.20 11.62 -29.43
CA ILE B 309 7.96 12.22 -30.73
C ILE B 309 6.78 13.16 -30.66
N LEU B 310 5.83 12.86 -29.78
CA LEU B 310 4.58 13.62 -29.74
C LEU B 310 4.81 14.99 -29.14
N GLN B 311 5.91 15.17 -28.41
CA GLN B 311 6.23 16.43 -27.73
C GLN B 311 7.75 16.53 -27.63
N ARG B 312 8.36 17.23 -28.59
CA ARG B 312 9.81 17.41 -28.60
C ARG B 312 10.13 18.80 -29.13
N GLU B 313 11.23 19.37 -28.63
CA GLU B 313 11.69 20.67 -29.07
C GLU B 313 13.20 20.76 -28.93
N PHE B 314 13.81 21.56 -29.81
CA PHE B 314 15.25 21.74 -29.84
C PHE B 314 15.57 23.23 -29.75
N SER B 315 16.86 23.54 -29.84
CA SER B 315 17.34 24.92 -29.74
C SER B 315 17.06 25.65 -31.05
N GLY B 316 17.71 26.80 -31.24
CA GLY B 316 17.49 27.57 -32.46
C GLY B 316 17.79 26.77 -33.71
N LEU B 317 18.93 26.07 -33.73
CA LEU B 317 19.25 25.20 -34.84
C LEU B 317 18.50 23.89 -34.73
N TYR B 318 18.00 23.40 -35.85
CA TYR B 318 17.10 22.25 -35.90
C TYR B 318 15.76 22.57 -35.27
N GLN B 319 15.46 23.84 -35.04
CA GLN B 319 14.18 24.20 -34.46
C GLN B 319 13.00 23.69 -35.29
N PRO B 320 13.02 23.75 -36.62
CA PRO B 320 11.87 23.22 -37.37
C PRO B 320 11.60 21.77 -37.08
N LEU B 321 12.60 20.98 -36.71
CA LEU B 321 12.41 19.59 -36.31
C LEU B 321 11.92 19.51 -34.87
N SER B 322 10.79 20.15 -34.62
CA SER B 322 10.19 20.18 -33.28
C SER B 322 8.69 20.06 -33.41
N ARG B 323 8.08 19.33 -32.48
CA ARG B 323 6.64 19.14 -32.48
C ARG B 323 5.96 20.05 -31.46
N LYS B 324 6.55 20.19 -30.28
CA LYS B 324 6.06 21.16 -29.31
C LYS B 324 6.84 22.45 -29.42
N PHE B 325 6.13 23.58 -29.34
CA PHE B 325 6.76 24.90 -29.44
C PHE B 325 6.42 25.72 -28.21
N THR B 326 6.75 27.02 -28.24
CA THR B 326 6.32 27.94 -27.20
C THR B 326 6.38 29.34 -27.79
N GLU B 327 5.22 29.94 -28.07
CA GLU B 327 5.21 31.24 -28.72
C GLU B 327 5.76 32.31 -27.80
N TRP B 328 5.13 32.52 -26.64
CA TRP B 328 5.62 33.51 -25.69
C TRP B 328 5.42 32.98 -24.28
N CYS B 329 6.25 33.49 -23.37
CA CYS B 329 6.23 33.11 -21.96
C CYS B 329 6.08 34.35 -21.08
N TYR B 330 5.11 35.20 -21.43
CA TYR B 330 4.83 36.37 -20.61
C TYR B 330 4.35 35.93 -19.24
N GLY B 331 5.22 36.04 -18.23
CA GLY B 331 4.90 35.56 -16.92
C GLY B 331 5.21 34.09 -16.77
N PRO B 332 4.50 33.41 -15.87
CA PRO B 332 4.70 31.97 -15.69
C PRO B 332 3.84 31.10 -16.60
N VAL B 333 3.17 31.69 -17.60
CA VAL B 333 2.27 30.96 -18.49
C VAL B 333 3.07 30.48 -19.70
N ARG B 334 2.70 29.33 -20.24
CA ARG B 334 3.28 28.79 -21.46
C ARG B 334 2.20 28.53 -22.50
N VAL B 335 2.32 29.19 -23.64
CA VAL B 335 1.44 28.95 -24.76
C VAL B 335 2.04 27.83 -25.61
N SER B 336 1.89 26.59 -25.15
CA SER B 336 2.48 25.48 -25.89
C SER B 336 1.69 25.21 -27.15
N LEU B 337 2.41 25.02 -28.26
CA LEU B 337 1.80 24.75 -29.56
C LEU B 337 2.30 23.38 -29.99
N TYR B 338 1.49 22.37 -29.74
CA TYR B 338 1.80 21.01 -30.16
C TYR B 338 1.42 20.84 -31.62
N ASP B 339 2.36 20.33 -32.41
CA ASP B 339 2.05 20.03 -33.80
C ASP B 339 0.96 18.99 -33.87
N LEU B 340 -0.05 19.25 -34.70
CA LEU B 340 -1.17 18.34 -34.89
C LEU B 340 -1.02 17.58 -36.20
N SER B 341 0.16 17.61 -36.80
CA SER B 341 0.41 16.94 -38.06
C SER B 341 0.49 15.44 -37.77
N SER B 342 -0.26 14.66 -38.54
CA SER B 342 -0.34 13.21 -38.43
C SER B 342 -1.00 12.74 -37.14
N VAL B 343 -1.65 13.64 -36.40
CA VAL B 343 -2.32 13.25 -35.17
C VAL B 343 -3.76 13.77 -35.08
N ASP B 344 -4.13 14.80 -35.84
CA ASP B 344 -5.51 15.23 -35.83
C ASP B 344 -6.36 14.29 -36.66
N SER B 345 -7.64 14.22 -36.32
CA SER B 345 -8.55 13.31 -36.98
C SER B 345 -9.05 13.82 -38.33
N TRP B 346 -8.70 15.05 -38.71
CA TRP B 346 -9.17 15.57 -39.98
C TRP B 346 -8.65 14.76 -41.14
N GLU B 347 -7.40 14.29 -41.06
CA GLU B 347 -6.82 13.53 -42.16
C GLU B 347 -7.47 12.15 -42.25
N LYS B 348 -7.23 11.49 -43.38
CA LYS B 348 -7.82 10.17 -43.61
C LYS B 348 -7.40 9.18 -42.55
N ASN B 349 -6.12 9.17 -42.19
CA ASN B 349 -5.57 8.26 -41.19
C ASN B 349 -4.73 9.07 -40.22
N SER B 350 -4.95 8.88 -38.92
CA SER B 350 -4.36 9.74 -37.91
C SER B 350 -3.95 8.90 -36.71
N VAL B 351 -3.10 9.50 -35.87
CA VAL B 351 -2.64 8.82 -34.66
C VAL B 351 -3.81 8.53 -33.73
N LEU B 352 -4.78 9.44 -33.66
CA LEU B 352 -5.94 9.22 -32.80
C LEU B 352 -6.74 8.02 -33.29
N GLU B 353 -7.01 7.96 -34.59
CA GLU B 353 -7.74 6.83 -35.15
C GLU B 353 -6.96 5.53 -34.99
N ILE B 354 -5.64 5.59 -35.18
CA ILE B 354 -4.83 4.38 -35.04
C ILE B 354 -4.88 3.87 -33.61
N ILE B 355 -4.74 4.78 -32.64
CA ILE B 355 -4.79 4.36 -31.25
C ILE B 355 -6.15 3.79 -30.91
N ALA B 356 -7.21 4.43 -31.41
CA ALA B 356 -8.56 4.00 -31.02
C ALA B 356 -8.92 2.65 -31.65
N PHE B 357 -8.69 2.50 -32.95
CA PHE B 357 -9.23 1.37 -33.68
C PHE B 357 -8.17 0.39 -34.19
N HIS B 358 -7.05 0.87 -34.69
CA HIS B 358 -6.06 0.01 -35.32
C HIS B 358 -5.03 -0.56 -34.36
N CYS B 359 -4.77 0.12 -33.25
CA CYS B 359 -3.84 -0.43 -32.26
C CYS B 359 -4.45 -1.66 -31.60
N LYS B 360 -3.62 -2.66 -31.38
CA LYS B 360 -4.03 -3.89 -30.70
C LYS B 360 -3.22 -4.10 -29.42
N SER B 361 -2.60 -3.03 -28.91
CA SER B 361 -1.77 -3.14 -27.74
C SER B 361 -2.64 -3.45 -26.52
N PRO B 362 -2.10 -4.17 -25.55
CA PRO B 362 -2.93 -4.57 -24.40
C PRO B 362 -3.48 -3.39 -23.63
N HIS B 363 -2.73 -2.29 -23.52
CA HIS B 363 -3.08 -1.15 -22.70
C HIS B 363 -2.98 0.14 -23.51
N ARG B 364 -3.56 0.12 -24.71
CA ARG B 364 -3.54 1.32 -25.54
C ARG B 364 -4.35 2.44 -24.92
N HIS B 365 -5.15 2.14 -23.90
CA HIS B 365 -5.90 3.17 -23.21
C HIS B 365 -5.00 4.15 -22.48
N ARG B 366 -3.72 3.83 -22.32
CA ARG B 366 -2.80 4.73 -21.64
C ARG B 366 -2.11 5.71 -22.58
N MET B 367 -2.26 5.57 -23.90
CA MET B 367 -1.72 6.56 -24.82
C MET B 367 -2.67 7.72 -25.07
N VAL B 368 -3.94 7.60 -24.73
CA VAL B 368 -4.90 8.66 -24.94
C VAL B 368 -4.99 9.58 -23.74
N VAL B 369 -4.04 9.50 -22.81
CA VAL B 369 -3.96 10.41 -21.69
C VAL B 369 -2.70 11.25 -21.72
N LEU B 370 -1.92 11.18 -22.80
CA LEU B 370 -0.76 12.02 -22.96
C LEU B 370 -1.22 13.45 -23.27
N GLU B 371 -0.28 14.40 -23.12
CA GLU B 371 -0.66 15.81 -23.10
C GLU B 371 -1.45 16.25 -24.33
N PRO B 372 -0.85 16.20 -25.54
CA PRO B 372 -1.60 16.64 -26.72
C PRO B 372 -2.89 15.88 -26.88
N LEU B 373 -2.85 14.56 -26.69
CA LEU B 373 -4.01 13.72 -26.95
C LEU B 373 -5.07 13.92 -25.88
N ASN B 374 -4.66 14.00 -24.62
CA ASN B 374 -5.61 14.22 -23.54
C ASN B 374 -6.31 15.57 -23.65
N LYS B 375 -5.60 16.60 -24.12
CA LYS B 375 -6.22 17.91 -24.28
C LYS B 375 -7.06 18.01 -25.54
N LEU B 376 -6.54 17.55 -26.68
CA LEU B 376 -7.32 17.59 -27.91
C LEU B 376 -8.59 16.76 -27.79
N LEU B 377 -8.47 15.56 -27.21
CA LEU B 377 -9.62 14.70 -27.05
C LEU B 377 -10.64 15.32 -26.11
N GLN B 378 -10.17 15.97 -25.05
CA GLN B 378 -11.10 16.64 -24.14
C GLN B 378 -11.83 17.77 -24.86
N GLU B 379 -11.12 18.55 -25.66
CA GLU B 379 -11.78 19.62 -26.39
C GLU B 379 -12.80 19.07 -27.36
N LYS B 380 -12.45 18.00 -28.08
CA LYS B 380 -13.40 17.41 -29.02
C LYS B 380 -14.62 16.87 -28.30
N TRP B 381 -14.41 16.21 -27.16
CA TRP B 381 -15.53 15.73 -26.36
C TRP B 381 -16.43 16.88 -25.93
N ASP B 382 -15.84 17.98 -25.47
CA ASP B 382 -16.63 19.12 -25.06
C ASP B 382 -17.44 19.66 -26.21
N ARG B 383 -16.84 19.75 -27.39
CA ARG B 383 -17.57 20.19 -28.57
C ARG B 383 -18.70 19.24 -28.95
N LEU B 384 -18.54 17.95 -28.65
CA LEU B 384 -19.50 16.95 -29.08
C LEU B 384 -20.52 16.59 -28.01
N ILE B 385 -20.41 17.13 -26.80
CA ILE B 385 -21.43 16.85 -25.78
C ILE B 385 -22.84 17.08 -26.30
N PRO B 386 -23.12 18.17 -27.03
CA PRO B 386 -24.48 18.30 -27.58
C PRO B 386 -24.91 17.11 -28.40
N ARG B 387 -24.05 16.58 -29.27
CA ARG B 387 -24.46 15.45 -30.09
C ARG B 387 -24.49 14.17 -29.29
N PHE B 388 -23.58 14.00 -28.34
CA PHE B 388 -23.67 12.81 -27.50
C PHE B 388 -25.01 12.77 -26.78
N PHE B 389 -25.42 13.90 -26.19
CA PHE B 389 -26.70 13.92 -25.51
C PHE B 389 -27.86 13.80 -26.49
N PHE B 390 -27.72 14.32 -27.71
CA PHE B 390 -28.79 14.15 -28.68
C PHE B 390 -28.94 12.69 -29.08
N ASN B 391 -27.83 11.99 -29.30
CA ASN B 391 -27.89 10.56 -29.56
C ASN B 391 -28.52 9.83 -28.39
N PHE B 392 -28.12 10.20 -27.16
CA PHE B 392 -28.69 9.58 -25.98
C PHE B 392 -30.19 9.81 -25.92
N ALA B 393 -30.63 11.05 -26.18
CA ALA B 393 -32.03 11.38 -26.05
C ALA B 393 -32.85 10.71 -27.15
N CYS B 394 -32.30 10.63 -28.36
CA CYS B 394 -33.01 9.94 -29.42
C CYS B 394 -33.14 8.46 -29.12
N TYR B 395 -32.08 7.84 -28.60
CA TYR B 395 -32.16 6.43 -28.25
C TYR B 395 -33.11 6.21 -27.08
N LEU B 396 -33.09 7.12 -26.09
CA LEU B 396 -33.99 6.99 -24.97
C LEU B 396 -35.44 7.14 -25.40
N VAL B 397 -35.72 8.08 -26.30
CA VAL B 397 -37.07 8.23 -26.81
C VAL B 397 -37.47 6.97 -27.55
N TYR B 398 -36.56 6.42 -28.36
CA TYR B 398 -36.90 5.20 -29.07
C TYR B 398 -37.21 4.06 -28.11
N MET B 399 -36.44 3.95 -27.02
CA MET B 399 -36.69 2.88 -26.06
C MET B 399 -37.98 3.13 -25.29
N ILE B 400 -38.30 4.39 -25.00
CA ILE B 400 -39.58 4.69 -24.38
C ILE B 400 -40.73 4.26 -25.28
N ILE B 401 -40.66 4.62 -26.56
CA ILE B 401 -41.71 4.21 -27.50
C ILE B 401 -41.77 2.69 -27.56
N PHE B 402 -40.62 2.02 -27.52
CA PHE B 402 -40.60 0.58 -27.67
C PHE B 402 -41.21 -0.09 -26.45
N THR B 403 -40.93 0.46 -25.27
CA THR B 403 -41.54 -0.03 -24.04
C THR B 403 -43.05 0.17 -24.07
N ILE B 404 -43.50 1.35 -24.48
CA ILE B 404 -44.93 1.62 -24.53
C ILE B 404 -45.61 0.66 -25.50
N VAL B 405 -45.01 0.43 -26.66
CA VAL B 405 -45.62 -0.45 -27.65
C VAL B 405 -45.67 -1.88 -27.11
N ALA B 406 -44.58 -2.36 -26.51
CA ALA B 406 -44.57 -3.72 -25.99
C ALA B 406 -45.54 -3.92 -24.84
N TYR B 407 -45.68 -2.92 -23.97
CA TYR B 407 -46.62 -3.03 -22.85
C TYR B 407 -48.06 -3.14 -23.34
N HIS B 408 -48.42 -2.34 -24.33
CA HIS B 408 -49.76 -2.40 -24.92
C HIS B 408 -49.71 -3.07 -26.30
N GLN B 409 -49.99 -4.35 -26.33
CA GLN B 409 -50.10 -5.11 -27.56
C GLN B 409 -51.34 -5.98 -27.56
N PRO B 410 -51.82 -6.38 -28.74
CA PRO B 410 -52.89 -7.37 -28.80
C PRO B 410 -52.44 -8.67 -28.15
N SER B 411 -53.36 -9.31 -27.45
CA SER B 411 -53.03 -10.50 -26.68
C SER B 411 -53.10 -11.75 -27.55
N THR B 423 -59.58 1.95 -35.00
CA THR B 423 -59.94 3.20 -34.34
C THR B 423 -58.69 4.01 -33.99
N PHE B 424 -58.84 5.02 -33.13
CA PHE B 424 -57.71 5.88 -32.79
C PHE B 424 -56.62 5.09 -32.07
N GLY B 425 -57.00 4.27 -31.11
CA GLY B 425 -56.02 3.47 -30.39
C GLY B 425 -55.26 2.53 -31.31
N ASP B 426 -55.99 1.87 -32.22
CA ASP B 426 -55.35 0.99 -33.19
C ASP B 426 -54.40 1.79 -34.09
N SER B 427 -54.82 2.98 -34.52
CA SER B 427 -53.97 3.79 -35.38
C SER B 427 -52.68 4.19 -34.66
N MET B 428 -52.79 4.62 -33.40
CA MET B 428 -51.61 4.99 -32.64
C MET B 428 -50.69 3.79 -32.44
N LEU B 429 -51.27 2.64 -32.10
CA LEU B 429 -50.47 1.42 -31.99
C LEU B 429 -49.74 1.12 -33.28
N LEU B 430 -50.44 1.26 -34.41
CA LEU B 430 -49.83 0.93 -35.71
C LEU B 430 -48.69 1.88 -36.03
N LEU B 431 -48.89 3.18 -35.80
CA LEU B 431 -47.81 4.12 -36.11
C LEU B 431 -46.63 3.89 -35.19
N GLY B 432 -46.88 3.57 -33.92
CA GLY B 432 -45.79 3.24 -33.03
C GLY B 432 -45.05 1.98 -33.45
N HIS B 433 -45.79 0.97 -33.91
CA HIS B 433 -45.17 -0.25 -34.39
C HIS B 433 -44.26 0.01 -35.59
N ILE B 434 -44.77 0.77 -36.56
CA ILE B 434 -43.96 1.05 -37.74
C ILE B 434 -42.76 1.90 -37.36
N LEU B 435 -42.94 2.81 -36.41
CA LEU B 435 -41.81 3.60 -35.92
C LEU B 435 -40.76 2.72 -35.28
N ILE B 436 -41.18 1.72 -34.51
CA ILE B 436 -40.24 0.80 -33.89
C ILE B 436 -39.52 -0.01 -34.94
N LEU B 437 -40.23 -0.47 -35.97
CA LEU B 437 -39.59 -1.22 -37.03
C LEU B 437 -38.54 -0.35 -37.73
N LEU B 438 -38.90 0.90 -38.02
CA LEU B 438 -37.96 1.80 -38.69
C LEU B 438 -36.76 2.07 -37.80
N GLY B 439 -36.98 2.29 -36.50
CA GLY B 439 -35.85 2.52 -35.62
C GLY B 439 -34.95 1.30 -35.51
N GLY B 440 -35.54 0.11 -35.45
CA GLY B 440 -34.73 -1.09 -35.42
C GLY B 440 -33.91 -1.26 -36.68
N ILE B 441 -34.51 -0.99 -37.83
CA ILE B 441 -33.76 -1.07 -39.08
C ILE B 441 -32.67 -0.01 -39.11
N TYR B 442 -32.96 1.17 -38.59
CA TYR B 442 -31.96 2.23 -38.52
C TYR B 442 -30.76 1.80 -37.70
N LEU B 443 -31.01 1.25 -36.51
CA LEU B 443 -29.90 0.81 -35.67
C LEU B 443 -29.17 -0.36 -36.31
N LEU B 444 -29.90 -1.26 -36.96
CA LEU B 444 -29.25 -2.37 -37.65
C LEU B 444 -28.33 -1.87 -38.74
N LEU B 445 -28.80 -0.92 -39.55
CA LEU B 445 -27.97 -0.37 -40.61
C LEU B 445 -26.78 0.37 -40.04
N GLY B 446 -26.99 1.13 -38.97
CA GLY B 446 -25.88 1.84 -38.35
C GLY B 446 -24.81 0.88 -37.86
N GLN B 447 -25.21 -0.19 -37.20
CA GLN B 447 -24.23 -1.14 -36.69
C GLN B 447 -23.57 -1.92 -37.82
N LEU B 448 -24.35 -2.29 -38.84
CA LEU B 448 -23.77 -2.98 -39.98
C LEU B 448 -22.74 -2.11 -40.67
N TRP B 449 -23.02 -0.81 -40.80
CA TRP B 449 -22.08 0.09 -41.45
C TRP B 449 -20.89 0.36 -40.56
N TYR B 450 -21.09 0.40 -39.25
CA TYR B 450 -19.96 0.49 -38.33
C TYR B 450 -19.02 -0.70 -38.53
N PHE B 451 -19.59 -1.87 -38.76
CA PHE B 451 -18.74 -3.06 -38.91
C PHE B 451 -18.12 -3.12 -40.31
N TRP B 452 -18.88 -2.84 -41.36
CA TRP B 452 -18.34 -2.90 -42.71
C TRP B 452 -17.27 -1.83 -42.91
N ARG B 453 -17.59 -0.58 -42.57
CA ARG B 453 -16.60 0.48 -42.66
C ARG B 453 -15.40 0.20 -41.78
N ARG B 454 -15.58 -0.65 -40.77
CA ARG B 454 -14.52 -0.98 -39.83
C ARG B 454 -14.34 -2.49 -39.72
N ARG B 455 -14.40 -3.19 -40.86
CA ARG B 455 -14.40 -4.65 -40.87
C ARG B 455 -13.08 -5.25 -40.40
N LEU B 456 -12.04 -4.44 -40.25
CA LEU B 456 -10.73 -4.91 -39.80
C LEU B 456 -10.50 -4.63 -38.32
N PHE B 457 -11.56 -4.74 -37.50
CA PHE B 457 -11.50 -4.34 -36.11
C PHE B 457 -11.79 -5.45 -35.12
N ILE B 458 -12.71 -6.36 -35.43
CA ILE B 458 -13.10 -7.39 -34.47
C ILE B 458 -11.88 -8.16 -34.00
N TRP B 459 -11.02 -8.57 -34.92
CA TRP B 459 -9.88 -9.41 -34.56
C TRP B 459 -8.92 -8.70 -33.60
N ILE B 460 -8.83 -7.37 -33.66
CA ILE B 460 -7.93 -6.66 -32.75
C ILE B 460 -8.43 -6.76 -31.32
N SER B 461 -9.64 -6.25 -31.07
CA SER B 461 -10.19 -6.27 -29.71
C SER B 461 -11.68 -6.55 -29.82
N PHE B 462 -12.05 -7.82 -29.62
CA PHE B 462 -13.46 -8.19 -29.67
C PHE B 462 -14.24 -7.51 -28.55
N MET B 463 -13.68 -7.49 -27.34
CA MET B 463 -14.40 -7.02 -26.16
C MET B 463 -14.16 -5.55 -25.85
N ASP B 464 -13.33 -4.85 -26.63
CA ASP B 464 -13.14 -3.43 -26.36
C ASP B 464 -14.45 -2.67 -26.56
N SER B 465 -15.10 -2.86 -27.70
CA SER B 465 -16.35 -2.19 -28.00
C SER B 465 -17.54 -2.85 -27.32
N TYR B 466 -17.88 -4.07 -27.72
CA TYR B 466 -18.82 -4.97 -27.04
C TYR B 466 -20.17 -4.33 -26.76
N PHE B 467 -20.43 -3.13 -27.27
CA PHE B 467 -21.76 -2.55 -27.31
C PHE B 467 -22.29 -2.44 -28.72
N GLU B 468 -21.40 -2.28 -29.70
CA GLU B 468 -21.83 -2.39 -31.08
C GLU B 468 -22.31 -3.81 -31.37
N ILE B 469 -21.71 -4.80 -30.72
CA ILE B 469 -22.26 -6.15 -30.79
C ILE B 469 -23.64 -6.19 -30.15
N LEU B 470 -23.78 -5.59 -28.96
CA LEU B 470 -25.06 -5.62 -28.27
C LEU B 470 -26.10 -4.77 -28.97
N PHE B 471 -25.70 -3.59 -29.48
CA PHE B 471 -26.65 -2.78 -30.24
C PHE B 471 -27.08 -3.51 -31.51
N LEU B 472 -26.13 -4.17 -32.19
CA LEU B 472 -26.48 -4.95 -33.37
C LEU B 472 -27.44 -6.07 -33.03
N VAL B 473 -27.17 -6.77 -31.93
CA VAL B 473 -28.04 -7.89 -31.54
C VAL B 473 -29.43 -7.38 -31.21
N GLN B 474 -29.52 -6.26 -30.48
CA GLN B 474 -30.83 -5.72 -30.14
C GLN B 474 -31.61 -5.31 -31.39
N ALA B 475 -30.94 -4.64 -32.34
CA ALA B 475 -31.62 -4.23 -33.56
C ALA B 475 -32.04 -5.45 -34.39
N LEU B 476 -31.16 -6.45 -34.48
CA LEU B 476 -31.50 -7.66 -35.20
C LEU B 476 -32.71 -8.35 -34.58
N LEU B 477 -32.72 -8.46 -33.25
CA LEU B 477 -33.84 -9.09 -32.59
C LEU B 477 -35.12 -8.32 -32.82
N THR B 478 -35.03 -6.99 -32.84
CA THR B 478 -36.23 -6.19 -33.07
C THR B 478 -36.79 -6.45 -34.46
N VAL B 479 -35.96 -6.37 -35.50
CA VAL B 479 -36.46 -6.54 -36.85
C VAL B 479 -36.94 -7.98 -37.06
N LEU B 480 -36.21 -8.94 -36.53
CA LEU B 480 -36.61 -10.34 -36.64
C LEU B 480 -37.93 -10.56 -35.91
N SER B 481 -38.13 -9.89 -34.77
CA SER B 481 -39.40 -9.98 -34.08
C SER B 481 -40.54 -9.48 -34.96
N GLN B 482 -40.34 -8.33 -35.60
CA GLN B 482 -41.40 -7.79 -36.46
C GLN B 482 -41.69 -8.73 -37.62
N VAL B 483 -40.67 -9.28 -38.26
CA VAL B 483 -40.94 -10.11 -39.44
C VAL B 483 -41.70 -11.36 -39.01
N LEU B 484 -41.27 -12.01 -37.91
CA LEU B 484 -42.03 -13.16 -37.42
C LEU B 484 -43.45 -12.78 -37.04
N ARG B 485 -43.67 -11.54 -36.58
CA ARG B 485 -45.06 -11.16 -36.32
C ARG B 485 -45.84 -11.14 -37.61
N PHE B 486 -45.24 -10.64 -38.69
CA PHE B 486 -45.86 -10.71 -40.00
C PHE B 486 -46.16 -12.15 -40.37
N VAL B 487 -45.31 -13.08 -39.93
CA VAL B 487 -45.54 -14.50 -40.14
C VAL B 487 -46.55 -15.08 -39.16
N GLU B 488 -47.02 -14.28 -38.20
CA GLU B 488 -47.93 -14.75 -37.17
C GLU B 488 -47.38 -16.01 -36.49
N THR B 489 -46.23 -15.84 -35.84
CA THR B 489 -45.58 -16.89 -35.08
C THR B 489 -45.66 -16.57 -33.60
N GLU B 490 -45.84 -17.62 -32.80
CA GLU B 490 -45.93 -17.46 -31.35
C GLU B 490 -44.59 -17.17 -30.70
N TRP B 491 -43.50 -17.21 -31.47
CA TRP B 491 -42.18 -16.91 -30.97
C TRP B 491 -41.84 -15.43 -31.12
N TYR B 492 -42.80 -14.64 -31.61
CA TYR B 492 -42.71 -13.19 -31.52
C TYR B 492 -42.35 -12.71 -30.12
N LEU B 493 -43.23 -12.96 -29.15
CA LEU B 493 -43.13 -12.23 -27.89
C LEU B 493 -41.79 -12.44 -27.21
N PRO B 494 -41.23 -13.65 -27.13
CA PRO B 494 -39.91 -13.79 -26.52
C PRO B 494 -38.85 -12.94 -27.19
N LEU B 495 -38.87 -12.84 -28.51
CA LEU B 495 -37.87 -12.03 -29.21
C LEU B 495 -38.08 -10.55 -28.99
N LEU B 496 -39.32 -10.09 -29.06
CA LEU B 496 -39.57 -8.67 -28.81
C LEU B 496 -39.19 -8.29 -27.40
N VAL B 497 -39.49 -9.15 -26.43
CA VAL B 497 -39.18 -8.86 -25.04
C VAL B 497 -37.68 -8.94 -24.79
N SER B 498 -36.98 -9.84 -25.48
CA SER B 498 -35.53 -9.86 -25.39
C SER B 498 -34.93 -8.58 -25.97
N SER B 499 -35.50 -8.10 -27.07
CA SER B 499 -35.06 -6.82 -27.62
C SER B 499 -35.28 -5.70 -26.62
N LEU B 500 -36.42 -5.71 -25.93
CA LEU B 500 -36.69 -4.70 -24.91
C LEU B 500 -35.66 -4.73 -23.81
N VAL B 501 -35.43 -5.91 -23.24
CA VAL B 501 -34.45 -6.02 -22.15
C VAL B 501 -33.09 -5.55 -22.64
N LEU B 502 -32.68 -6.01 -23.81
CA LEU B 502 -31.34 -5.69 -24.30
C LEU B 502 -31.19 -4.22 -24.60
N GLY B 503 -32.24 -3.57 -25.11
CA GLY B 503 -32.15 -2.15 -25.35
C GLY B 503 -32.03 -1.36 -24.06
N TRP B 504 -32.80 -1.75 -23.05
CA TRP B 504 -32.69 -1.07 -21.77
C TRP B 504 -31.32 -1.29 -21.15
N LEU B 505 -30.73 -2.47 -21.35
CA LEU B 505 -29.37 -2.68 -20.91
C LEU B 505 -28.39 -1.84 -21.71
N ASN B 506 -28.64 -1.68 -23.01
CA ASN B 506 -27.74 -0.92 -23.87
C ASN B 506 -27.70 0.55 -23.47
N LEU B 507 -28.79 1.08 -22.92
CA LEU B 507 -28.77 2.46 -22.44
C LEU B 507 -27.53 2.77 -21.62
N LEU B 508 -26.94 1.77 -20.98
CA LEU B 508 -25.75 2.02 -20.17
C LEU B 508 -24.52 2.16 -21.04
N TYR B 509 -24.66 1.99 -22.35
CA TYR B 509 -23.64 2.53 -23.23
C TYR B 509 -23.59 4.03 -23.08
N TYR B 510 -24.76 4.67 -23.08
CA TYR B 510 -24.83 6.11 -23.04
C TYR B 510 -24.55 6.64 -21.65
N THR B 511 -24.86 5.85 -20.63
CA THR B 511 -24.67 6.35 -19.26
C THR B 511 -23.24 6.75 -18.97
N ARG B 512 -22.29 6.45 -19.86
CA ARG B 512 -20.89 6.78 -19.62
C ARG B 512 -20.40 7.97 -20.44
N GLY B 513 -21.23 8.98 -20.66
CA GLY B 513 -20.74 10.29 -21.02
C GLY B 513 -20.34 11.10 -19.82
N PHE B 514 -20.29 10.48 -18.65
CA PHE B 514 -20.03 11.14 -17.39
C PHE B 514 -18.86 10.47 -16.69
N GLN B 515 -17.97 11.29 -16.11
CA GLN B 515 -16.87 10.75 -15.33
C GLN B 515 -17.39 9.84 -14.23
N HIS B 516 -18.42 10.29 -13.52
CA HIS B 516 -18.94 9.55 -12.38
C HIS B 516 -19.47 8.18 -12.75
N THR B 517 -20.22 8.06 -13.84
CA THR B 517 -20.88 6.82 -14.19
C THR B 517 -20.12 6.00 -15.23
N GLY B 518 -19.33 6.65 -16.07
CA GLY B 518 -18.59 5.90 -17.08
C GLY B 518 -17.53 5.00 -16.49
N ILE B 519 -16.85 5.49 -15.45
CA ILE B 519 -15.88 4.64 -14.77
C ILE B 519 -16.59 3.48 -14.08
N TYR B 520 -17.79 3.73 -13.57
CA TYR B 520 -18.58 2.66 -12.99
C TYR B 520 -18.90 1.59 -14.03
N SER B 521 -19.28 2.02 -15.23
CA SER B 521 -19.57 1.05 -16.28
C SER B 521 -18.34 0.27 -16.69
N VAL B 522 -17.21 0.96 -16.85
CA VAL B 522 -15.96 0.27 -17.18
C VAL B 522 -15.64 -0.76 -16.12
N MET B 523 -15.85 -0.41 -14.87
CA MET B 523 -15.44 -1.27 -13.77
C MET B 523 -16.43 -2.41 -13.59
N ILE B 524 -17.69 -2.22 -13.97
CA ILE B 524 -18.62 -3.34 -14.08
C ILE B 524 -18.12 -4.32 -15.13
N GLN B 525 -17.69 -3.80 -16.27
CA GLN B 525 -17.20 -4.67 -17.33
C GLN B 525 -15.99 -5.46 -16.87
N LYS B 526 -15.06 -4.80 -16.17
CA LYS B 526 -13.89 -5.51 -15.67
C LYS B 526 -14.28 -6.57 -14.66
N VAL B 527 -15.23 -6.26 -13.77
CA VAL B 527 -15.67 -7.25 -12.79
C VAL B 527 -16.27 -8.47 -13.49
N ILE B 528 -17.17 -8.24 -14.45
CA ILE B 528 -17.79 -9.35 -15.16
C ILE B 528 -16.73 -10.19 -15.83
N LEU B 529 -15.83 -9.55 -16.57
CA LEU B 529 -14.91 -10.29 -17.41
C LEU B 529 -13.79 -10.93 -16.61
N ARG B 530 -13.59 -10.48 -15.37
CA ARG B 530 -12.46 -10.96 -14.58
C ARG B 530 -12.88 -11.99 -13.55
N ASP B 531 -13.88 -11.67 -12.72
CA ASP B 531 -14.22 -12.52 -11.59
C ASP B 531 -15.74 -12.69 -11.48
N LEU B 532 -16.39 -12.93 -12.62
CA LEU B 532 -17.76 -13.44 -12.64
C LEU B 532 -17.90 -14.69 -13.49
N LEU B 533 -17.16 -14.78 -14.58
CA LEU B 533 -17.22 -15.97 -15.42
C LEU B 533 -16.53 -17.16 -14.75
N ARG B 534 -15.41 -16.94 -14.06
CA ARG B 534 -14.83 -18.02 -13.28
C ARG B 534 -15.80 -18.51 -12.23
N PHE B 535 -16.44 -17.57 -11.51
CA PHE B 535 -17.40 -17.96 -10.51
C PHE B 535 -18.55 -18.74 -11.13
N LEU B 536 -19.05 -18.29 -12.28
CA LEU B 536 -20.15 -19.01 -12.91
C LEU B 536 -19.72 -20.41 -13.31
N LEU B 537 -18.53 -20.57 -13.87
CA LEU B 537 -18.07 -21.91 -14.25
C LEU B 537 -18.02 -22.83 -13.04
N VAL B 538 -17.33 -22.41 -11.98
CA VAL B 538 -17.20 -23.27 -10.81
C VAL B 538 -18.56 -23.53 -10.17
N TYR B 539 -19.37 -22.49 -10.08
CA TYR B 539 -20.69 -22.60 -9.45
C TYR B 539 -21.57 -23.55 -10.22
N LEU B 540 -21.56 -23.47 -11.54
CA LEU B 540 -22.43 -24.33 -12.33
C LEU B 540 -21.94 -25.78 -12.29
N VAL B 541 -20.64 -26.00 -12.22
CA VAL B 541 -20.16 -27.36 -12.03
C VAL B 541 -20.67 -27.92 -10.70
N PHE B 542 -20.50 -27.16 -9.63
CA PHE B 542 -21.01 -27.57 -8.32
C PHE B 542 -22.51 -27.85 -8.39
N LEU B 543 -23.25 -26.94 -9.02
CA LEU B 543 -24.71 -27.03 -9.02
C LEU B 543 -25.17 -28.24 -9.81
N PHE B 544 -24.57 -28.48 -10.97
CA PHE B 544 -24.96 -29.67 -11.74
C PHE B 544 -24.65 -30.94 -10.96
N GLY B 545 -23.47 -31.02 -10.36
CA GLY B 545 -23.14 -32.21 -9.59
C GLY B 545 -24.13 -32.46 -8.48
N PHE B 546 -24.42 -31.43 -7.68
CA PHE B 546 -25.30 -31.61 -6.54
C PHE B 546 -26.74 -31.81 -6.98
N ALA B 547 -27.14 -31.21 -8.09
CA ALA B 547 -28.51 -31.35 -8.56
C ALA B 547 -28.77 -32.77 -9.05
N VAL B 548 -27.87 -33.31 -9.85
CA VAL B 548 -28.06 -34.67 -10.29
C VAL B 548 -27.93 -35.62 -9.11
N ALA B 549 -27.09 -35.29 -8.14
CA ALA B 549 -27.00 -36.11 -6.93
C ALA B 549 -28.34 -36.15 -6.19
N LEU B 550 -28.94 -34.99 -5.93
CA LEU B 550 -30.19 -34.94 -5.20
C LEU B 550 -31.31 -35.60 -5.97
N VAL B 551 -31.34 -35.44 -7.29
CA VAL B 551 -32.34 -36.12 -8.10
C VAL B 551 -32.17 -37.63 -7.98
N SER B 552 -30.93 -38.12 -8.01
CA SER B 552 -30.69 -39.54 -7.85
C SER B 552 -31.24 -40.04 -6.52
N LEU B 553 -30.88 -39.37 -5.43
CA LEU B 553 -31.56 -39.59 -4.17
C LEU B 553 -32.96 -38.99 -4.27
N SER B 554 -33.69 -38.99 -3.16
CA SER B 554 -35.02 -38.41 -3.11
C SER B 554 -35.94 -39.01 -4.17
N ARG B 555 -35.54 -40.15 -4.73
CA ARG B 555 -36.34 -40.87 -5.71
C ARG B 555 -37.02 -42.09 -5.11
N GLU B 556 -36.67 -42.46 -3.89
CA GLU B 556 -37.28 -43.60 -3.21
C GLU B 556 -37.82 -43.12 -1.87
N ALA B 557 -39.13 -43.21 -1.69
CA ALA B 557 -39.76 -42.84 -0.45
C ALA B 557 -39.52 -43.93 0.60
N ARG B 558 -40.20 -43.80 1.73
CA ARG B 558 -40.14 -44.82 2.78
C ARG B 558 -41.37 -45.72 2.73
N PRO B 582 -46.52 -34.27 -5.83
CA PRO B 582 -45.58 -33.20 -5.49
C PRO B 582 -44.29 -33.75 -4.84
N VAL B 583 -43.44 -34.34 -5.68
CA VAL B 583 -42.18 -34.95 -5.23
C VAL B 583 -41.09 -33.90 -5.37
N PRO B 584 -40.36 -33.57 -4.30
CA PRO B 584 -39.26 -32.61 -4.43
C PRO B 584 -38.13 -33.19 -5.27
N TYR B 585 -37.41 -32.31 -5.96
CA TYR B 585 -36.30 -32.73 -6.80
C TYR B 585 -36.76 -33.76 -7.82
N GLY B 586 -37.89 -33.49 -8.47
CA GLY B 586 -38.43 -34.45 -9.42
C GLY B 586 -37.49 -34.71 -10.58
N GLY B 587 -36.91 -33.65 -11.13
CA GLY B 587 -36.02 -33.79 -12.27
C GLY B 587 -34.79 -32.93 -12.13
N ILE B 588 -33.97 -32.87 -13.17
CA ILE B 588 -32.74 -32.08 -13.11
C ILE B 588 -33.07 -30.59 -13.05
N LEU B 589 -34.08 -30.15 -13.80
CA LEU B 589 -34.43 -28.74 -13.80
C LEU B 589 -34.91 -28.29 -12.42
N ASP B 590 -35.76 -29.09 -11.77
CA ASP B 590 -36.26 -28.72 -10.45
C ASP B 590 -35.14 -28.66 -9.43
N ALA B 591 -34.27 -29.66 -9.42
CA ALA B 591 -33.17 -29.66 -8.46
C ALA B 591 -32.24 -28.49 -8.70
N SER B 592 -31.93 -28.20 -9.96
CA SER B 592 -31.08 -27.06 -10.27
C SER B 592 -31.72 -25.77 -9.79
N LEU B 593 -33.04 -25.63 -9.98
CA LEU B 593 -33.71 -24.41 -9.57
C LEU B 593 -33.73 -24.27 -8.06
N GLU B 594 -33.89 -25.38 -7.34
CA GLU B 594 -33.83 -25.32 -5.88
C GLU B 594 -32.45 -24.91 -5.38
N LEU B 595 -31.40 -25.45 -6.00
CA LEU B 595 -30.05 -25.07 -5.61
C LEU B 595 -29.78 -23.60 -5.91
N PHE B 596 -30.22 -23.13 -7.08
CA PHE B 596 -30.06 -21.71 -7.34
C PHE B 596 -30.86 -20.88 -6.34
N LYS B 597 -32.04 -21.36 -5.94
CA LYS B 597 -32.76 -20.66 -4.88
C LYS B 597 -31.90 -20.50 -3.66
N PHE B 598 -31.19 -21.56 -3.26
CA PHE B 598 -30.20 -21.39 -2.20
C PHE B 598 -29.28 -20.24 -2.50
N THR B 599 -28.84 -20.12 -3.75
CA THR B 599 -27.93 -19.03 -4.08
C THR B 599 -28.57 -17.67 -3.86
N ILE B 600 -29.84 -17.49 -4.22
CA ILE B 600 -30.46 -16.17 -4.15
C ILE B 600 -31.10 -15.88 -2.80
N GLY B 601 -30.84 -16.70 -1.78
CA GLY B 601 -31.30 -16.42 -0.45
C GLY B 601 -32.62 -17.05 -0.06
N MET B 602 -33.14 -17.97 -0.86
CA MET B 602 -34.39 -18.64 -0.53
C MET B 602 -34.32 -20.13 -0.78
N GLY B 603 -33.25 -20.77 -0.32
CA GLY B 603 -33.17 -22.21 -0.42
C GLY B 603 -33.97 -22.87 0.69
N GLU B 604 -34.77 -23.87 0.33
CA GLU B 604 -35.55 -24.64 1.29
C GLU B 604 -34.65 -25.72 1.85
N LEU B 605 -34.25 -25.56 3.10
CA LEU B 605 -33.35 -26.48 3.77
C LEU B 605 -34.15 -27.14 4.88
N ALA B 606 -34.85 -28.20 4.53
CA ALA B 606 -35.72 -28.92 5.45
C ALA B 606 -35.26 -30.36 5.56
N PHE B 607 -35.89 -31.09 6.48
CA PHE B 607 -35.61 -32.50 6.70
C PHE B 607 -36.80 -33.27 6.11
N GLN B 608 -36.74 -33.54 4.81
CA GLN B 608 -37.81 -34.28 4.17
C GLN B 608 -37.96 -35.64 4.84
N GLU B 609 -39.07 -35.86 5.53
CA GLU B 609 -39.31 -37.12 6.23
C GLU B 609 -39.78 -38.23 5.32
N GLN B 610 -40.34 -37.91 4.16
CA GLN B 610 -40.92 -38.92 3.27
C GLN B 610 -39.85 -39.77 2.58
N LEU B 611 -38.82 -39.16 2.01
CA LEU B 611 -37.80 -39.91 1.31
C LEU B 611 -36.92 -40.67 2.30
N ARG B 612 -36.43 -41.84 1.88
CA ARG B 612 -35.75 -42.76 2.77
C ARG B 612 -34.31 -42.39 3.07
N PHE B 613 -33.77 -41.36 2.41
CA PHE B 613 -32.40 -40.94 2.66
C PHE B 613 -32.42 -39.53 3.21
N ARG B 614 -33.28 -39.31 4.20
CA ARG B 614 -33.45 -37.98 4.77
C ARG B 614 -32.11 -37.39 5.16
N GLY B 615 -31.34 -38.15 5.93
CA GLY B 615 -30.08 -37.63 6.43
C GLY B 615 -29.08 -37.39 5.33
N VAL B 616 -29.00 -38.30 4.35
CA VAL B 616 -28.04 -38.12 3.27
C VAL B 616 -28.41 -36.89 2.45
N VAL B 617 -29.69 -36.72 2.16
CA VAL B 617 -30.10 -35.55 1.38
C VAL B 617 -29.82 -34.27 2.16
N LEU B 618 -30.09 -34.27 3.46
CA LEU B 618 -29.83 -33.09 4.26
C LEU B 618 -28.33 -32.78 4.32
N LEU B 619 -27.50 -33.78 4.54
CA LEU B 619 -26.07 -33.55 4.60
C LEU B 619 -25.54 -33.08 3.26
N LEU B 620 -26.09 -33.61 2.17
CA LEU B 620 -25.67 -33.19 0.85
C LEU B 620 -26.05 -31.74 0.61
N LEU B 621 -27.24 -31.34 1.04
CA LEU B 621 -27.65 -29.94 0.93
C LEU B 621 -26.78 -29.04 1.80
N LEU B 622 -26.46 -29.49 3.01
CA LEU B 622 -25.61 -28.68 3.89
C LEU B 622 -24.22 -28.51 3.30
N ALA B 623 -23.67 -29.58 2.72
CA ALA B 623 -22.39 -29.46 2.04
C ALA B 623 -22.48 -28.52 0.86
N TYR B 624 -23.58 -28.57 0.10
CA TYR B 624 -23.74 -27.65 -1.01
C TYR B 624 -23.77 -26.21 -0.51
N VAL B 625 -24.50 -25.97 0.57
CA VAL B 625 -24.57 -24.62 1.14
C VAL B 625 -23.19 -24.17 1.57
N LEU B 626 -22.46 -25.01 2.31
CA LEU B 626 -21.13 -24.61 2.76
C LEU B 626 -20.21 -24.32 1.58
N LEU B 627 -20.25 -25.15 0.55
CA LEU B 627 -19.33 -24.98 -0.57
C LEU B 627 -19.72 -23.82 -1.47
N THR B 628 -20.99 -23.45 -1.50
CA THR B 628 -21.49 -22.50 -2.48
C THR B 628 -21.89 -21.16 -1.88
N TYR B 629 -22.80 -21.17 -0.91
CA TYR B 629 -23.26 -19.94 -0.31
C TYR B 629 -22.24 -19.33 0.62
N VAL B 630 -21.62 -20.13 1.47
CA VAL B 630 -20.73 -19.62 2.50
C VAL B 630 -19.36 -19.37 1.88
N LEU B 631 -18.92 -20.27 1.02
CA LEU B 631 -17.58 -20.16 0.46
C LEU B 631 -17.58 -19.34 -0.82
N LEU B 632 -18.30 -19.79 -1.85
CA LEU B 632 -18.09 -19.25 -3.18
C LEU B 632 -18.69 -17.86 -3.34
N LEU B 633 -19.87 -17.61 -2.78
CA LEU B 633 -20.47 -16.30 -2.96
C LEU B 633 -19.72 -15.23 -2.19
N ASN B 634 -19.40 -15.51 -0.92
CA ASN B 634 -18.63 -14.55 -0.16
C ASN B 634 -17.25 -14.35 -0.77
N MET B 635 -16.66 -15.43 -1.28
CA MET B 635 -15.38 -15.30 -1.96
C MET B 635 -15.52 -14.49 -3.24
N LEU B 636 -16.68 -14.56 -3.89
CA LEU B 636 -16.91 -13.72 -5.05
C LEU B 636 -16.95 -12.25 -4.65
N ILE B 637 -17.58 -11.96 -3.52
CA ILE B 637 -17.54 -10.59 -3.01
C ILE B 637 -16.10 -10.16 -2.76
N ALA B 638 -15.30 -11.04 -2.17
CA ALA B 638 -13.89 -10.73 -1.92
C ALA B 638 -13.14 -10.48 -3.20
N LEU B 639 -13.35 -11.34 -4.21
CA LEU B 639 -12.68 -11.19 -5.49
C LEU B 639 -13.06 -9.91 -6.18
N MET B 640 -14.33 -9.50 -6.11
CA MET B 640 -14.69 -8.26 -6.76
C MET B 640 -14.18 -7.06 -5.97
N SER B 641 -14.05 -7.18 -4.65
CA SER B 641 -13.34 -6.15 -3.91
C SER B 641 -11.91 -6.02 -4.44
N GLU B 642 -11.25 -7.15 -4.62
CA GLU B 642 -9.87 -7.13 -5.10
C GLU B 642 -9.77 -6.53 -6.50
N THR B 643 -10.71 -6.88 -7.39
CA THR B 643 -10.63 -6.36 -8.76
C THR B 643 -11.00 -4.89 -8.82
N VAL B 644 -11.97 -4.45 -8.03
CA VAL B 644 -12.31 -3.03 -7.99
C VAL B 644 -11.13 -2.24 -7.49
N ASN B 645 -10.43 -2.76 -6.48
CA ASN B 645 -9.23 -2.09 -5.99
C ASN B 645 -8.14 -2.08 -7.05
N SER B 646 -7.99 -3.19 -7.79
CA SER B 646 -6.91 -3.29 -8.77
C SER B 646 -7.10 -2.30 -9.91
N VAL B 647 -8.32 -2.18 -10.42
CA VAL B 647 -8.59 -1.35 -11.60
C VAL B 647 -9.23 -0.06 -11.09
N ALA B 648 -8.39 0.89 -10.69
CA ALA B 648 -8.87 2.20 -10.28
C ALA B 648 -8.34 3.30 -11.20
N THR B 649 -7.03 3.37 -11.41
CA THR B 649 -6.48 4.28 -12.40
C THR B 649 -6.73 3.80 -13.81
N ASP B 650 -6.54 2.50 -14.04
CA ASP B 650 -6.82 1.94 -15.35
C ASP B 650 -8.28 2.15 -15.75
N SER B 651 -9.18 2.19 -14.78
CA SER B 651 -10.58 2.46 -15.09
C SER B 651 -10.73 3.86 -15.67
N TRP B 652 -10.07 4.84 -15.06
CA TRP B 652 -10.10 6.20 -15.60
C TRP B 652 -9.53 6.25 -17.00
N SER B 653 -8.38 5.62 -17.21
CA SER B 653 -7.77 5.65 -18.54
C SER B 653 -8.65 4.96 -19.57
N ILE B 654 -9.26 3.84 -19.20
CA ILE B 654 -10.11 3.10 -20.13
C ILE B 654 -11.36 3.90 -20.45
N TRP B 655 -11.91 4.62 -19.46
CA TRP B 655 -13.04 5.48 -19.73
C TRP B 655 -12.66 6.61 -20.67
N LYS B 656 -11.47 7.19 -20.49
CA LYS B 656 -11.04 8.23 -21.41
C LYS B 656 -10.87 7.67 -22.81
N LEU B 657 -10.39 6.44 -22.92
CA LEU B 657 -10.31 5.80 -24.23
C LEU B 657 -11.70 5.57 -24.82
N GLN B 658 -12.67 5.22 -23.99
CA GLN B 658 -14.04 5.04 -24.46
C GLN B 658 -14.60 6.35 -25.00
N LYS B 659 -14.36 7.45 -24.28
CA LYS B 659 -14.74 8.76 -24.78
C LYS B 659 -14.03 9.07 -26.09
N ALA B 660 -12.75 8.72 -26.20
CA ALA B 660 -12.03 8.96 -27.43
C ALA B 660 -12.67 8.22 -28.60
N ILE B 661 -13.03 6.95 -28.37
CA ILE B 661 -13.66 6.16 -29.42
C ILE B 661 -15.00 6.76 -29.81
N SER B 662 -15.80 7.14 -28.83
CA SER B 662 -17.10 7.74 -29.14
C SER B 662 -16.93 9.05 -29.89
N VAL B 663 -15.94 9.86 -29.51
CA VAL B 663 -15.68 11.10 -30.22
C VAL B 663 -15.29 10.82 -31.66
N LEU B 664 -14.40 9.84 -31.86
CA LEU B 664 -13.94 9.56 -33.22
C LEU B 664 -15.05 9.00 -34.08
N GLU B 665 -16.01 8.29 -33.47
CA GLU B 665 -17.16 7.82 -34.24
C GLU B 665 -18.14 8.96 -34.50
N MET B 666 -18.23 9.91 -33.59
CA MET B 666 -19.17 11.01 -33.76
C MET B 666 -18.66 12.01 -34.78
N GLU B 667 -17.34 12.12 -34.93
CA GLU B 667 -16.78 13.08 -35.88
C GLU B 667 -17.27 12.80 -37.30
N ASN B 668 -17.11 11.57 -37.76
CA ASN B 668 -17.79 11.19 -38.99
C ASN B 668 -19.27 10.96 -38.67
N GLY B 669 -20.13 11.43 -39.56
CA GLY B 669 -21.53 11.47 -39.26
C GLY B 669 -22.12 10.08 -39.09
N TYR B 670 -23.44 10.03 -39.21
CA TYR B 670 -24.17 8.78 -39.17
C TYR B 670 -23.92 7.99 -40.45
N TRP B 671 -24.46 6.78 -40.54
CA TRP B 671 -24.27 5.99 -41.75
C TRP B 671 -24.94 6.62 -42.95
N TRP B 672 -25.81 7.60 -42.75
CA TRP B 672 -26.54 8.26 -43.82
C TRP B 672 -26.08 9.67 -44.09
N CYS B 673 -25.57 10.37 -43.07
CA CYS B 673 -25.17 11.76 -43.19
C CYS B 673 -23.66 11.85 -43.36
N ARG B 674 -23.22 12.44 -44.47
CA ARG B 674 -21.80 12.63 -44.77
C ARG B 674 -21.34 13.89 -44.05
N ARG B 675 -20.89 13.72 -42.81
CA ARG B 675 -20.55 14.89 -42.00
C ARG B 675 -19.33 15.63 -42.55
N LYS B 676 -19.37 16.96 -42.45
CA LYS B 676 -18.24 17.79 -42.85
C LYS B 676 -17.24 17.85 -41.70
N ARG B 677 -15.97 17.62 -42.03
CA ARG B 677 -14.93 17.59 -41.02
C ARG B 677 -14.66 18.99 -40.48
N HIS B 678 -14.17 19.07 -39.25
CA HIS B 678 -13.78 20.32 -38.62
C HIS B 678 -12.35 20.14 -38.12
N ARG B 679 -11.40 20.83 -38.75
CA ARG B 679 -9.98 20.56 -38.54
C ARG B 679 -9.51 21.38 -37.35
N ALA B 680 -9.24 20.69 -36.25
CA ALA B 680 -8.84 21.35 -35.01
C ALA B 680 -7.42 21.90 -35.13
N GLY B 681 -7.16 22.92 -34.34
CA GLY B 681 -5.87 23.57 -34.33
C GLY B 681 -5.88 24.86 -35.12
N ARG B 682 -4.75 25.57 -35.07
CA ARG B 682 -4.60 26.85 -35.74
C ARG B 682 -3.44 26.75 -36.72
N LEU B 683 -3.65 27.29 -37.93
CA LEU B 683 -2.57 27.42 -38.91
C LEU B 683 -1.68 28.58 -38.47
N LEU B 684 -0.75 28.27 -37.57
CA LEU B 684 0.15 29.26 -36.98
C LEU B 684 1.50 29.15 -37.66
N LYS B 685 1.96 30.26 -38.24
CA LYS B 685 3.31 30.31 -38.77
C LYS B 685 4.30 30.19 -37.63
N VAL B 686 5.14 29.16 -37.68
CA VAL B 686 6.13 28.91 -36.64
C VAL B 686 7.49 28.88 -37.31
N GLY B 687 8.38 29.77 -36.85
CA GLY B 687 9.73 29.83 -37.37
C GLY B 687 9.79 29.98 -38.88
N THR B 688 11.00 29.91 -39.43
CA THR B 688 11.22 29.99 -40.86
C THR B 688 12.09 28.81 -41.27
N LYS B 689 11.66 28.10 -42.31
CA LYS B 689 12.41 26.96 -42.80
C LYS B 689 13.70 27.41 -43.48
N GLY B 690 14.58 26.45 -43.73
CA GLY B 690 15.86 26.74 -44.37
C GLY B 690 15.70 27.06 -45.84
N ASP B 691 14.88 28.06 -46.14
CA ASP B 691 14.57 28.46 -47.51
C ASP B 691 14.27 29.96 -47.50
N GLY B 692 13.57 30.43 -48.52
CA GLY B 692 13.17 31.83 -48.58
C GLY B 692 11.80 32.02 -47.98
N ILE B 693 10.78 32.15 -48.85
CA ILE B 693 9.39 32.33 -48.42
C ILE B 693 9.11 31.42 -47.22
N PRO B 694 8.45 31.89 -46.18
CA PRO B 694 8.34 31.11 -44.94
C PRO B 694 7.29 30.00 -45.06
N ASP B 695 7.06 29.32 -43.93
CA ASP B 695 6.19 28.16 -43.87
C ASP B 695 5.08 28.36 -42.86
N GLU B 696 4.17 27.39 -42.79
CA GLU B 696 3.07 27.38 -41.85
C GLU B 696 2.85 25.96 -41.35
N ARG B 697 2.09 25.82 -40.27
CA ARG B 697 1.88 24.50 -39.68
C ARG B 697 0.72 24.56 -38.69
N TRP B 698 -0.10 23.52 -38.68
CA TRP B 698 -1.24 23.47 -37.78
C TRP B 698 -0.81 23.00 -36.40
N CYS B 699 -1.16 23.76 -35.37
CA CYS B 699 -0.74 23.47 -34.01
C CYS B 699 -1.94 23.55 -33.09
N PHE B 700 -1.83 22.86 -31.96
CA PHE B 700 -2.87 22.81 -30.94
C PHE B 700 -2.41 23.73 -29.81
N ARG B 701 -3.09 24.86 -29.66
CA ARG B 701 -2.64 25.88 -28.72
C ARG B 701 -3.13 25.56 -27.31
N VAL B 702 -2.19 25.55 -26.37
CA VAL B 702 -2.45 25.08 -25.01
C VAL B 702 -1.85 26.05 -23.99
N GLU B 703 -2.64 26.44 -23.00
CA GLU B 703 -2.16 27.24 -21.88
C GLU B 703 -1.92 26.37 -20.67
N GLU B 704 -0.81 26.64 -19.98
CA GLU B 704 -0.48 25.96 -18.74
C GLU B 704 0.31 26.90 -17.87
N VAL B 705 -0.03 26.94 -16.59
CA VAL B 705 0.67 27.77 -15.61
C VAL B 705 1.77 26.92 -15.00
N ASN B 706 3.01 27.34 -15.16
CA ASN B 706 4.15 26.60 -14.66
C ASN B 706 5.11 27.54 -13.95
N TRP B 707 5.61 27.09 -12.79
CA TRP B 707 6.58 27.84 -12.02
C TRP B 707 7.92 27.14 -11.91
N ALA B 708 7.95 25.80 -12.02
CA ALA B 708 9.22 25.09 -12.01
C ALA B 708 10.07 25.46 -13.21
N ALA B 709 9.47 25.50 -14.40
CA ALA B 709 10.19 25.95 -15.59
C ALA B 709 10.50 27.43 -15.52
N TRP B 710 9.57 28.23 -15.00
CA TRP B 710 9.73 29.67 -15.02
C TRP B 710 10.93 30.14 -14.21
N GLU B 711 11.27 29.45 -13.13
CA GLU B 711 12.41 29.88 -12.34
C GLU B 711 13.73 29.62 -13.05
N LYS B 712 13.73 28.83 -14.12
CA LYS B 712 14.95 28.48 -14.84
C LYS B 712 15.17 29.31 -16.09
N THR B 713 14.23 30.18 -16.46
CA THR B 713 14.36 31.00 -17.67
C THR B 713 14.94 32.37 -17.38
N LEU B 714 15.78 32.48 -16.34
CA LEU B 714 16.30 33.76 -15.92
C LEU B 714 17.81 33.69 -15.70
N PRO C 67 60.39 -29.53 41.26
CA PRO C 67 60.20 -29.23 39.84
C PRO C 67 60.34 -30.46 38.94
N ASN C 68 60.54 -31.63 39.55
CA ASN C 68 60.71 -32.88 38.81
C ASN C 68 59.37 -33.54 38.51
N ARG C 69 58.59 -33.82 39.55
CA ARG C 69 57.29 -34.46 39.37
C ARG C 69 56.29 -33.43 38.84
N PHE C 70 55.74 -33.68 37.65
CA PHE C 70 54.82 -32.77 37.00
C PHE C 70 53.39 -33.28 37.14
N ASP C 71 52.44 -32.35 37.27
CA ASP C 71 51.04 -32.66 37.38
C ASP C 71 50.26 -31.88 36.33
N ARG C 72 49.03 -32.33 36.06
CA ARG C 72 48.21 -31.70 35.04
C ARG C 72 47.92 -30.24 35.39
N ASP C 73 47.60 -29.95 36.66
CA ASP C 73 47.19 -28.60 37.02
C ASP C 73 48.35 -27.62 36.87
N ARG C 74 49.51 -27.94 37.44
CA ARG C 74 50.65 -27.03 37.36
C ARG C 74 51.13 -26.89 35.93
N LEU C 75 51.14 -27.97 35.16
CA LEU C 75 51.54 -27.89 33.76
C LEU C 75 50.58 -27.01 32.96
N PHE C 76 49.27 -27.15 33.21
CA PHE C 76 48.30 -26.31 32.54
C PHE C 76 48.48 -24.84 32.91
N SER C 77 48.75 -24.57 34.19
CA SER C 77 49.01 -23.19 34.60
C SER C 77 50.24 -22.64 33.90
N VAL C 78 51.29 -23.46 33.79
CA VAL C 78 52.53 -23.03 33.14
C VAL C 78 52.28 -22.69 31.68
N VAL C 79 51.59 -23.59 30.97
CA VAL C 79 51.36 -23.35 29.54
C VAL C 79 50.40 -22.17 29.35
N SER C 80 49.51 -21.94 30.30
CA SER C 80 48.55 -20.85 30.17
C SER C 80 49.24 -19.49 30.15
N ARG C 81 50.22 -19.29 31.04
CA ARG C 81 50.91 -18.01 31.11
C ARG C 81 51.73 -17.72 29.86
N GLY C 82 52.11 -18.76 29.11
CA GLY C 82 52.92 -18.55 27.93
C GLY C 82 54.37 -18.24 28.19
N VAL C 83 54.88 -18.58 29.37
CA VAL C 83 56.28 -18.39 29.71
C VAL C 83 56.94 -19.77 29.72
N PRO C 84 57.85 -20.07 28.78
CA PRO C 84 58.42 -21.42 28.70
C PRO C 84 59.67 -21.66 29.53
N GLU C 85 60.10 -20.70 30.33
CA GLU C 85 61.35 -20.87 31.08
C GLU C 85 61.27 -22.04 32.05
N GLU C 86 60.13 -22.21 32.72
CA GLU C 86 59.97 -23.24 33.73
C GLU C 86 59.50 -24.58 33.17
N LEU C 87 59.76 -24.85 31.89
CA LEU C 87 59.48 -26.15 31.30
C LEU C 87 60.67 -27.10 31.37
N THR C 88 61.76 -26.68 32.01
CA THR C 88 62.91 -27.56 32.19
C THR C 88 62.60 -28.56 33.28
N GLY C 89 62.47 -29.83 32.90
CA GLY C 89 62.13 -30.88 33.84
C GLY C 89 61.17 -31.90 33.25
N LEU C 90 60.47 -31.51 32.17
CA LEU C 90 59.56 -32.44 31.52
C LEU C 90 60.31 -33.65 30.98
N LEU C 91 61.46 -33.42 30.32
CA LEU C 91 62.23 -34.52 29.78
C LEU C 91 62.67 -35.48 30.89
N GLU C 92 63.15 -34.93 32.01
CA GLU C 92 63.63 -35.77 33.10
C GLU C 92 62.51 -36.61 33.67
N TYR C 93 61.32 -36.02 33.86
CA TYR C 93 60.19 -36.79 34.38
C TYR C 93 59.76 -37.86 33.39
N LEU C 94 59.71 -37.51 32.10
CA LEU C 94 59.27 -38.48 31.09
C LEU C 94 60.23 -39.65 30.99
N ARG C 95 61.53 -39.40 31.05
CA ARG C 95 62.52 -40.48 30.97
C ARG C 95 62.77 -41.17 32.30
N ARG C 96 62.30 -40.59 33.40
CA ARG C 96 62.48 -41.20 34.73
C ARG C 96 61.29 -42.10 35.08
N THR C 97 60.08 -41.61 34.89
CA THR C 97 58.86 -42.38 35.12
C THR C 97 58.49 -43.24 33.93
N SER C 98 59.19 -43.12 32.81
CA SER C 98 58.90 -43.90 31.60
C SER C 98 57.46 -43.67 31.15
N LYS C 99 57.07 -42.40 31.09
CA LYS C 99 55.73 -42.01 30.68
C LYS C 99 55.83 -40.91 29.64
N TYR C 100 54.81 -40.85 28.77
CA TYR C 100 54.74 -39.86 27.71
C TYR C 100 53.89 -38.68 28.16
N LEU C 101 53.77 -37.69 27.28
CA LEU C 101 52.92 -36.53 27.53
C LEU C 101 51.47 -36.77 27.16
N THR C 102 51.18 -37.86 26.45
CA THR C 102 49.81 -38.20 26.05
C THR C 102 49.10 -39.04 27.10
N ASP C 103 49.73 -39.30 28.24
CA ASP C 103 49.13 -40.12 29.27
C ASP C 103 47.89 -39.45 29.84
N SER C 104 47.02 -40.26 30.44
CA SER C 104 45.79 -39.74 31.04
C SER C 104 46.07 -38.76 32.16
N ALA C 105 47.25 -38.82 32.78
CA ALA C 105 47.56 -37.96 33.90
C ALA C 105 47.58 -36.49 33.51
N TYR C 106 48.02 -36.16 32.29
CA TYR C 106 48.15 -34.77 31.86
C TYR C 106 46.98 -34.30 31.01
N THR C 107 45.95 -35.13 30.82
CA THR C 107 44.77 -34.75 30.06
C THR C 107 43.53 -34.97 30.92
N GLU C 108 42.52 -34.13 30.70
CA GLU C 108 41.28 -34.28 31.43
C GLU C 108 40.70 -35.66 31.20
N GLY C 109 40.34 -36.34 32.28
CA GLY C 109 39.84 -37.71 32.20
C GLY C 109 38.38 -37.84 31.84
N SER C 110 37.69 -36.72 31.64
CA SER C 110 36.26 -36.73 31.32
C SER C 110 35.97 -36.47 29.86
N THR C 111 36.74 -35.59 29.21
CA THR C 111 36.51 -35.23 27.81
C THR C 111 37.61 -35.69 26.88
N GLY C 112 38.88 -35.56 27.29
CA GLY C 112 40.01 -35.84 26.43
C GLY C 112 40.87 -34.62 26.13
N LYS C 113 40.52 -33.45 26.66
CA LYS C 113 41.33 -32.26 26.44
C LYS C 113 42.74 -32.48 26.98
N THR C 114 43.74 -32.01 26.23
CA THR C 114 45.14 -32.12 26.62
C THR C 114 45.74 -30.73 26.79
N CYS C 115 47.00 -30.70 27.24
CA CYS C 115 47.66 -29.42 27.48
C CYS C 115 47.73 -28.59 26.22
N LEU C 116 47.93 -29.24 25.07
CA LEU C 116 47.93 -28.52 23.79
C LEU C 116 46.64 -27.73 23.62
N MET C 117 45.51 -28.35 23.99
CA MET C 117 44.22 -27.68 23.85
C MET C 117 44.17 -26.39 24.66
N LYS C 118 44.55 -26.47 25.94
CA LYS C 118 44.53 -25.28 26.78
C LYS C 118 45.48 -24.22 26.25
N ALA C 119 46.68 -24.62 25.82
CA ALA C 119 47.65 -23.66 25.33
C ALA C 119 47.12 -22.93 24.10
N VAL C 120 46.51 -23.67 23.17
CA VAL C 120 46.06 -23.05 21.93
C VAL C 120 44.75 -22.30 22.12
N LEU C 121 43.96 -22.63 23.15
CA LEU C 121 42.75 -21.88 23.44
C LEU C 121 43.05 -20.50 23.98
N ASN C 122 44.19 -20.32 24.64
CA ASN C 122 44.56 -19.05 25.25
C ASN C 122 45.84 -18.54 24.59
N LEU C 123 45.78 -17.34 24.02
CA LEU C 123 46.91 -16.71 23.39
C LEU C 123 46.96 -15.24 23.75
N GLN C 124 48.17 -14.72 23.98
CA GLN C 124 48.36 -13.29 24.23
C GLN C 124 48.49 -12.61 22.88
N ASP C 125 47.47 -11.84 22.50
CA ASP C 125 47.43 -11.12 21.23
C ASP C 125 47.85 -12.01 20.07
N GLY C 126 47.56 -13.31 20.18
CA GLY C 126 47.84 -14.25 19.10
C GLY C 126 49.18 -14.92 19.16
N VAL C 127 49.91 -14.83 20.27
CA VAL C 127 51.24 -15.40 20.39
C VAL C 127 51.26 -16.39 21.57
N ASN C 128 51.95 -17.51 21.39
CA ASN C 128 52.14 -18.48 22.47
C ASN C 128 53.48 -19.18 22.22
N ALA C 129 54.53 -18.68 22.88
CA ALA C 129 55.86 -19.22 22.69
C ALA C 129 56.02 -20.62 23.26
N CYS C 130 55.26 -20.96 24.31
CA CYS C 130 55.45 -22.25 24.97
C CYS C 130 55.12 -23.41 24.05
N ILE C 131 54.43 -23.17 22.95
CA ILE C 131 54.02 -24.27 22.07
C ILE C 131 55.23 -24.96 21.47
N LEU C 132 56.23 -24.18 21.04
CA LEU C 132 57.40 -24.77 20.39
C LEU C 132 58.17 -25.68 21.33
N PRO C 133 58.55 -25.27 22.55
CA PRO C 133 59.14 -26.24 23.47
C PRO C 133 58.24 -27.44 23.72
N LEU C 134 56.94 -27.20 23.85
CA LEU C 134 56.01 -28.30 24.11
C LEU C 134 56.08 -29.33 22.98
N LEU C 135 55.96 -28.87 21.74
CA LEU C 135 55.94 -29.80 20.62
C LEU C 135 57.28 -30.48 20.46
N GLN C 136 58.39 -29.74 20.61
CA GLN C 136 59.70 -30.36 20.40
C GLN C 136 59.98 -31.41 21.47
N ILE C 137 59.65 -31.13 22.73
CA ILE C 137 59.87 -32.12 23.78
C ILE C 137 58.93 -33.31 23.58
N ASP C 138 57.70 -33.08 23.13
CA ASP C 138 56.79 -34.18 22.88
C ASP C 138 57.35 -35.11 21.81
N ARG C 139 57.82 -34.54 20.69
CA ARG C 139 58.36 -35.38 19.63
C ARG C 139 59.66 -36.05 20.05
N ASP C 140 60.48 -35.38 20.86
CA ASP C 140 61.69 -36.02 21.37
C ASP C 140 61.35 -37.22 22.24
N SER C 141 60.23 -37.17 22.96
CA SER C 141 59.84 -38.27 23.84
C SER C 141 58.32 -38.32 23.89
N GLY C 142 57.74 -39.37 23.34
CA GLY C 142 56.29 -39.49 23.33
C GLY C 142 55.86 -40.72 22.56
N ASN C 143 54.56 -40.99 22.63
CA ASN C 143 53.97 -42.07 21.87
C ASN C 143 53.96 -41.69 20.39
N PRO C 144 53.82 -42.67 19.48
CA PRO C 144 53.93 -42.34 18.04
C PRO C 144 53.11 -41.12 17.63
N GLN C 145 51.98 -40.89 18.30
CA GLN C 145 51.21 -39.68 18.06
C GLN C 145 51.71 -38.59 18.99
N PRO C 146 52.24 -37.47 18.48
CA PRO C 146 52.74 -36.41 19.36
C PRO C 146 51.63 -35.43 19.75
N LEU C 147 50.58 -35.95 20.37
CA LEU C 147 49.47 -35.16 20.89
C LEU C 147 48.84 -34.24 19.84
N VAL C 148 49.06 -34.53 18.57
CA VAL C 148 48.41 -33.80 17.49
C VAL C 148 47.23 -34.58 16.90
N ASN C 149 47.31 -35.91 16.85
CA ASN C 149 46.19 -36.74 16.44
C ASN C 149 45.26 -37.08 17.60
N ALA C 150 45.67 -36.81 18.83
CA ALA C 150 44.79 -37.01 19.99
C ALA C 150 43.62 -36.04 19.90
N GLN C 151 42.41 -36.54 20.09
CA GLN C 151 41.19 -35.78 19.90
C GLN C 151 40.25 -36.01 21.08
N CYS C 152 39.37 -35.03 21.29
CA CYS C 152 38.40 -35.13 22.37
C CYS C 152 37.53 -36.37 22.19
N THR C 153 37.27 -37.05 23.30
CA THR C 153 36.48 -38.27 23.30
C THR C 153 35.05 -38.07 23.75
N ASP C 154 34.72 -36.93 24.37
CA ASP C 154 33.38 -36.72 24.89
C ASP C 154 32.37 -36.74 23.76
N GLU C 155 31.16 -37.25 24.07
CA GLU C 155 30.12 -37.33 23.05
C GLU C 155 29.86 -35.98 22.41
N PHE C 156 30.04 -34.90 23.16
CA PHE C 156 29.81 -33.58 22.60
C PHE C 156 30.76 -33.29 21.45
N TYR C 157 32.00 -33.73 21.55
CA TYR C 157 33.08 -33.37 20.63
C TYR C 157 33.89 -34.58 20.22
N ARG C 158 33.25 -35.71 19.91
CA ARG C 158 34.00 -36.86 19.45
C ARG C 158 34.67 -36.56 18.12
N GLY C 159 35.95 -36.92 18.00
CA GLY C 159 36.72 -36.64 16.82
C GLY C 159 37.28 -35.24 16.76
N HIS C 160 36.86 -34.35 17.66
CA HIS C 160 37.32 -32.97 17.65
C HIS C 160 38.79 -32.92 18.03
N SER C 161 39.61 -32.41 17.13
CA SER C 161 41.06 -32.42 17.29
C SER C 161 41.58 -31.02 17.54
N ALA C 162 42.88 -30.94 17.86
CA ALA C 162 43.50 -29.64 18.11
C ALA C 162 43.48 -28.78 16.86
N LEU C 163 43.47 -29.38 15.68
CA LEU C 163 43.46 -28.60 14.45
C LEU C 163 42.20 -27.75 14.35
N HIS C 164 41.05 -28.34 14.68
CA HIS C 164 39.81 -27.57 14.66
C HIS C 164 39.84 -26.45 15.68
N ILE C 165 40.36 -26.74 16.88
CA ILE C 165 40.48 -25.72 17.92
C ILE C 165 41.30 -24.54 17.42
N ALA C 166 42.46 -24.84 16.82
CA ALA C 166 43.31 -23.77 16.30
C ALA C 166 42.59 -23.01 15.19
N ILE C 167 41.88 -23.72 14.32
CA ILE C 167 41.23 -23.09 13.18
C ILE C 167 40.09 -22.19 13.63
N GLU C 168 39.52 -22.46 14.79
CA GLU C 168 38.39 -21.64 15.26
C GLU C 168 38.80 -20.19 15.44
N LYS C 169 39.94 -19.95 16.07
CA LYS C 169 40.29 -18.57 16.45
C LYS C 169 40.67 -17.69 15.27
N ARG C 170 40.64 -18.19 14.04
CA ARG C 170 40.97 -17.40 12.86
C ARG C 170 42.46 -17.03 12.86
N SER C 171 43.30 -18.01 13.18
CA SER C 171 44.74 -17.82 13.26
C SER C 171 45.44 -18.76 12.29
N LEU C 172 46.62 -18.33 11.83
CA LEU C 172 47.36 -19.06 10.82
C LEU C 172 48.61 -19.71 11.40
N TRP C 173 49.33 -18.96 12.23
CA TRP C 173 50.65 -19.39 12.67
C TRP C 173 50.58 -20.72 13.42
N CYS C 174 49.58 -20.86 14.30
CA CYS C 174 49.41 -22.13 14.98
C CYS C 174 49.14 -23.25 13.98
N VAL C 175 48.35 -22.97 12.94
CA VAL C 175 48.08 -23.97 11.92
C VAL C 175 49.39 -24.36 11.22
N LYS C 176 50.22 -23.37 10.89
CA LYS C 176 51.49 -23.65 10.23
C LYS C 176 52.34 -24.55 11.10
N LEU C 177 52.45 -24.24 12.39
CA LEU C 177 53.27 -25.04 13.27
C LEU C 177 52.70 -26.45 13.42
N LEU C 178 51.38 -26.57 13.54
CA LEU C 178 50.76 -27.87 13.71
C LEU C 178 50.99 -28.76 12.49
N VAL C 179 50.76 -28.21 11.29
CA VAL C 179 50.92 -29.00 10.08
C VAL C 179 52.40 -29.32 9.84
N GLU C 180 53.29 -28.37 10.14
CA GLU C 180 54.71 -28.62 9.95
C GLU C 180 55.18 -29.78 10.81
N ASN C 181 54.77 -29.82 12.08
CA ASN C 181 55.16 -30.91 12.97
C ASN C 181 54.44 -32.21 12.66
N GLY C 182 53.45 -32.19 11.78
CA GLY C 182 52.71 -33.38 11.43
C GLY C 182 51.33 -33.36 12.05
N ALA C 183 50.34 -33.80 11.28
CA ALA C 183 48.95 -33.84 11.73
C ALA C 183 48.15 -34.59 10.69
N ASN C 184 46.86 -34.79 10.99
CA ASN C 184 45.94 -35.52 10.11
C ASN C 184 44.80 -34.58 9.77
N VAL C 185 44.98 -33.79 8.71
CA VAL C 185 44.02 -32.74 8.35
C VAL C 185 42.69 -33.38 7.98
N HIS C 186 42.74 -34.61 7.47
CA HIS C 186 41.51 -35.31 7.11
C HIS C 186 40.72 -35.79 8.32
N ILE C 187 41.30 -35.71 9.53
CA ILE C 187 40.59 -36.11 10.72
C ILE C 187 39.32 -35.26 10.85
N ARG C 188 38.22 -35.91 11.20
CA ARG C 188 36.91 -35.28 11.23
C ARG C 188 36.31 -35.38 12.63
N ALA C 189 35.53 -34.35 12.98
CA ALA C 189 34.96 -34.22 14.33
C ALA C 189 33.51 -34.68 14.29
N CYS C 190 33.29 -35.96 14.55
CA CYS C 190 31.96 -36.58 14.50
C CYS C 190 31.51 -36.81 15.93
N GLY C 191 30.92 -35.79 16.54
CA GLY C 191 30.50 -35.86 17.92
C GLY C 191 29.01 -35.71 18.09
N ARG C 192 28.59 -34.70 18.83
CA ARG C 192 27.18 -34.39 19.01
C ARG C 192 26.86 -32.94 18.72
N PHE C 193 27.74 -32.01 19.09
CA PHE C 193 27.51 -30.60 18.78
C PHE C 193 27.59 -30.36 17.28
N PHE C 194 28.55 -30.97 16.61
CA PHE C 194 28.77 -30.73 15.20
C PHE C 194 27.73 -31.42 14.33
N GLN C 195 27.31 -32.62 14.73
CA GLN C 195 26.31 -33.35 13.96
C GLN C 195 25.02 -32.54 13.90
N LYS C 196 24.34 -32.58 12.76
CA LYS C 196 23.10 -31.83 12.60
C LYS C 196 22.01 -32.44 13.46
N HIS C 197 21.42 -31.64 14.34
CA HIS C 197 20.30 -32.07 15.17
C HIS C 197 19.60 -30.80 15.66
N GLN C 198 18.73 -30.96 16.66
CA GLN C 198 17.95 -29.86 17.20
C GLN C 198 18.53 -29.42 18.54
N GLY C 199 18.74 -28.11 18.68
CA GLY C 199 19.29 -27.56 19.92
C GLY C 199 20.53 -26.71 19.68
N THR C 200 21.52 -26.84 20.56
CA THR C 200 22.80 -26.16 20.37
C THR C 200 23.60 -26.91 19.32
N CYS C 201 23.82 -26.30 18.17
CA CYS C 201 24.48 -26.99 17.07
C CYS C 201 24.97 -25.98 16.06
N PHE C 202 25.95 -26.43 15.25
CA PHE C 202 26.41 -25.68 14.09
C PHE C 202 27.07 -26.66 13.14
N TYR C 203 26.44 -26.90 12.01
CA TYR C 203 26.94 -27.88 11.04
C TYR C 203 27.89 -27.20 10.08
N PHE C 204 29.08 -27.78 9.91
CA PHE C 204 30.06 -27.27 8.97
C PHE C 204 30.79 -28.38 8.23
N GLY C 205 30.32 -29.61 8.31
CA GLY C 205 30.96 -30.73 7.65
C GLY C 205 32.02 -31.45 8.46
N GLU C 206 32.30 -31.01 9.68
CA GLU C 206 33.28 -31.64 10.56
C GLU C 206 34.55 -32.05 9.82
N LEU C 207 35.02 -31.16 8.94
CA LEU C 207 36.35 -31.26 8.38
C LEU C 207 37.05 -29.93 8.62
N PRO C 208 38.35 -29.93 8.90
CA PRO C 208 39.04 -28.64 9.10
C PRO C 208 38.90 -27.72 7.90
N LEU C 209 39.00 -28.27 6.69
CA LEU C 209 38.86 -27.44 5.49
C LEU C 209 37.43 -26.93 5.35
N SER C 210 36.45 -27.79 5.59
CA SER C 210 35.06 -27.35 5.55
C SER C 210 34.79 -26.32 6.63
N LEU C 211 35.38 -26.49 7.82
CA LEU C 211 35.26 -25.48 8.86
C LEU C 211 35.83 -24.14 8.40
N ALA C 212 37.02 -24.18 7.80
CA ALA C 212 37.65 -22.94 7.34
C ALA C 212 36.78 -22.27 6.29
N ALA C 213 36.23 -23.05 5.36
CA ALA C 213 35.39 -22.49 4.30
C ALA C 213 34.11 -21.90 4.88
N CYS C 214 33.42 -22.64 5.74
CA CYS C 214 32.18 -22.16 6.33
C CYS C 214 32.42 -21.02 7.31
N THR C 215 33.66 -20.86 7.77
CA THR C 215 34.02 -19.78 8.69
C THR C 215 34.77 -18.65 8.02
N LYS C 216 34.70 -18.56 6.69
CA LYS C 216 35.28 -17.45 5.94
C LYS C 216 36.75 -17.26 6.26
N GLN C 217 37.50 -18.36 6.29
CA GLN C 217 38.95 -18.31 6.47
C GLN C 217 39.57 -18.47 5.10
N TRP C 218 39.65 -17.36 4.36
CA TRP C 218 40.25 -17.38 3.05
C TRP C 218 41.66 -17.92 3.04
N ASP C 219 42.42 -17.72 4.11
CA ASP C 219 43.84 -18.03 4.12
C ASP C 219 44.11 -19.41 4.70
N VAL C 220 43.32 -19.82 5.70
CA VAL C 220 43.52 -21.14 6.27
C VAL C 220 43.31 -22.21 5.22
N VAL C 221 42.22 -22.11 4.44
CA VAL C 221 41.97 -23.09 3.39
C VAL C 221 43.13 -23.12 2.41
N THR C 222 43.68 -21.95 2.08
CA THR C 222 44.79 -21.89 1.15
C THR C 222 45.99 -22.66 1.71
N TYR C 223 46.31 -22.44 2.98
CA TYR C 223 47.45 -23.15 3.56
C TYR C 223 47.20 -24.65 3.61
N LEU C 224 46.00 -25.06 4.00
CA LEU C 224 45.69 -26.48 4.04
C LEU C 224 45.82 -27.10 2.66
N LEU C 225 45.43 -26.37 1.61
CA LEU C 225 45.46 -26.95 0.28
C LEU C 225 46.87 -26.99 -0.28
N GLU C 226 47.69 -25.97 -0.01
CA GLU C 226 49.03 -25.86 -0.56
C GLU C 226 50.13 -25.94 0.49
N ASN C 227 49.92 -26.67 1.58
CA ASN C 227 51.02 -26.98 2.47
C ASN C 227 51.88 -28.07 1.84
N PRO C 228 53.18 -27.85 1.67
CA PRO C 228 54.00 -28.88 1.00
C PRO C 228 54.12 -30.17 1.79
N HIS C 229 54.10 -30.09 3.13
CA HIS C 229 54.34 -31.28 3.94
C HIS C 229 53.25 -32.32 3.71
N GLN C 230 51.99 -31.89 3.66
CA GLN C 230 50.87 -32.81 3.50
C GLN C 230 49.66 -32.04 2.99
N PRO C 231 49.51 -31.93 1.67
CA PRO C 231 48.38 -31.16 1.11
C PRO C 231 47.03 -31.71 1.55
N ALA C 232 46.06 -30.81 1.69
CA ALA C 232 44.73 -31.18 2.16
C ALA C 232 43.82 -31.43 0.96
N SER C 233 43.23 -32.62 0.92
CA SER C 233 42.32 -32.98 -0.17
C SER C 233 41.07 -32.11 -0.12
N LEU C 234 40.48 -31.88 -1.31
CA LEU C 234 39.29 -31.07 -1.44
C LEU C 234 38.02 -31.89 -1.67
N GLU C 235 38.16 -33.15 -2.08
CA GLU C 235 37.02 -34.02 -2.32
C GLU C 235 36.59 -34.75 -1.05
N ALA C 236 37.32 -34.54 0.05
CA ALA C 236 37.07 -35.29 1.27
C ALA C 236 35.64 -35.10 1.74
N THR C 237 35.00 -36.19 2.11
CA THR C 237 33.61 -36.22 2.53
C THR C 237 33.54 -36.39 4.05
N ASP C 238 32.49 -35.84 4.63
CA ASP C 238 32.27 -35.94 6.06
C ASP C 238 31.52 -37.22 6.38
N SER C 239 31.31 -37.50 7.66
CA SER C 239 30.64 -38.73 8.05
C SER C 239 29.28 -38.86 7.37
N LEU C 240 28.58 -37.74 7.23
CA LEU C 240 27.26 -37.75 6.61
C LEU C 240 27.33 -37.89 5.10
N GLY C 241 28.50 -37.68 4.50
CA GLY C 241 28.66 -37.73 3.07
C GLY C 241 28.82 -36.38 2.41
N ASN C 242 28.59 -35.30 3.13
CA ASN C 242 28.73 -33.97 2.56
C ASN C 242 30.20 -33.65 2.32
N THR C 243 30.46 -32.93 1.24
CA THR C 243 31.75 -32.33 0.95
C THR C 243 31.72 -30.88 1.36
N VAL C 244 32.83 -30.18 1.13
CA VAL C 244 32.88 -28.77 1.50
C VAL C 244 31.77 -28.00 0.79
N LEU C 245 31.50 -28.35 -0.47
CA LEU C 245 30.43 -27.67 -1.20
C LEU C 245 29.07 -28.03 -0.60
N HIS C 246 28.84 -29.30 -0.29
CA HIS C 246 27.60 -29.71 0.33
C HIS C 246 27.37 -28.97 1.63
N ALA C 247 28.36 -29.00 2.52
CA ALA C 247 28.23 -28.30 3.80
C ALA C 247 28.03 -26.82 3.60
N LEU C 248 28.77 -26.23 2.67
CA LEU C 248 28.70 -24.80 2.45
C LEU C 248 27.32 -24.41 1.95
N VAL C 249 26.65 -25.31 1.23
CA VAL C 249 25.24 -25.11 0.92
C VAL C 249 24.39 -25.26 2.17
N MET C 250 24.71 -26.24 3.01
CA MET C 250 23.85 -26.58 4.13
C MET C 250 23.69 -25.39 5.07
N ILE C 251 24.78 -24.68 5.37
CA ILE C 251 24.69 -23.48 6.19
C ILE C 251 24.01 -22.33 5.48
N ALA C 252 23.84 -22.43 4.17
CA ALA C 252 23.23 -21.34 3.42
C ALA C 252 21.83 -21.06 3.94
N ASP C 253 21.53 -19.79 4.15
CA ASP C 253 20.20 -19.34 4.49
C ASP C 253 19.89 -18.09 3.67
N ASN C 254 18.61 -17.78 3.52
CA ASN C 254 18.17 -16.74 2.61
C ASN C 254 18.51 -15.34 3.08
N SER C 255 19.26 -15.20 4.17
CA SER C 255 19.74 -13.88 4.58
C SER C 255 20.64 -13.31 3.50
N PRO C 256 20.48 -12.02 3.15
CA PRO C 256 21.32 -11.46 2.07
C PRO C 256 22.82 -11.56 2.36
N GLU C 257 23.23 -11.33 3.61
CA GLU C 257 24.65 -11.43 3.92
C GLU C 257 25.11 -12.87 3.92
N ASN C 258 24.31 -13.76 4.50
CA ASN C 258 24.64 -15.19 4.43
C ASN C 258 24.69 -15.67 3.00
N SER C 259 23.73 -15.25 2.18
CA SER C 259 23.71 -15.66 0.78
C SER C 259 24.95 -15.15 0.06
N ALA C 260 25.33 -13.89 0.31
CA ALA C 260 26.53 -13.35 -0.33
C ALA C 260 27.76 -14.15 0.08
N LEU C 261 27.89 -14.45 1.37
CA LEU C 261 29.03 -15.22 1.83
C LEU C 261 29.06 -16.60 1.17
N VAL C 262 27.92 -17.28 1.16
CA VAL C 262 27.87 -18.62 0.60
C VAL C 262 28.23 -18.58 -0.87
N ILE C 263 27.67 -17.63 -1.62
CA ILE C 263 27.95 -17.54 -3.05
C ILE C 263 29.44 -17.31 -3.27
N HIS C 264 30.01 -16.35 -2.56
CA HIS C 264 31.41 -16.01 -2.77
C HIS C 264 32.31 -17.19 -2.47
N MET C 265 32.12 -17.82 -1.31
CA MET C 265 32.99 -18.94 -0.95
C MET C 265 32.76 -20.13 -1.87
N TYR C 266 31.52 -20.37 -2.28
CA TYR C 266 31.21 -21.46 -3.20
C TYR C 266 31.98 -21.27 -4.51
N ASP C 267 31.85 -20.09 -5.12
CA ASP C 267 32.53 -19.82 -6.38
C ASP C 267 34.05 -19.92 -6.21
N SER C 268 34.58 -19.30 -5.16
CA SER C 268 36.02 -19.26 -5.00
C SER C 268 36.58 -20.67 -4.77
N LEU C 269 35.90 -21.46 -3.95
CA LEU C 269 36.39 -22.80 -3.67
C LEU C 269 36.29 -23.67 -4.90
N LEU C 270 35.24 -23.49 -5.71
CA LEU C 270 35.16 -24.23 -6.95
C LEU C 270 36.31 -23.87 -7.89
N GLN C 271 36.64 -22.58 -7.97
CA GLN C 271 37.77 -22.16 -8.79
C GLN C 271 39.07 -22.78 -8.28
N MET C 272 39.28 -22.77 -6.96
CA MET C 272 40.48 -23.38 -6.41
C MET C 272 40.53 -24.87 -6.74
N GLY C 273 39.40 -25.56 -6.60
CA GLY C 273 39.37 -26.97 -6.93
C GLY C 273 39.73 -27.23 -8.37
N ALA C 274 39.25 -26.37 -9.28
CA ALA C 274 39.64 -26.50 -10.67
C ALA C 274 41.14 -26.27 -10.85
N ARG C 275 41.69 -25.27 -10.17
CA ARG C 275 43.12 -24.99 -10.35
C ARG C 275 43.99 -26.13 -9.84
N LEU C 276 43.68 -26.68 -8.67
CA LEU C 276 44.53 -27.69 -8.06
C LEU C 276 44.45 -29.02 -8.80
N CYS C 277 43.27 -29.62 -8.85
CA CYS C 277 43.07 -30.94 -9.45
C CYS C 277 41.90 -30.86 -10.42
N PRO C 278 42.13 -30.37 -11.64
CA PRO C 278 41.02 -30.27 -12.61
C PRO C 278 40.41 -31.61 -12.97
N THR C 279 41.16 -32.71 -12.86
CA THR C 279 40.69 -34.00 -13.35
C THR C 279 39.40 -34.45 -12.68
N VAL C 280 39.11 -33.96 -11.48
CA VAL C 280 37.97 -34.41 -10.69
C VAL C 280 36.94 -33.29 -10.67
N GLN C 281 35.69 -33.64 -10.94
CA GLN C 281 34.61 -32.66 -11.04
C GLN C 281 33.88 -32.61 -9.70
N LEU C 282 34.02 -31.50 -8.97
CA LEU C 282 33.51 -31.43 -7.61
C LEU C 282 32.00 -31.24 -7.56
N GLU C 283 31.42 -30.54 -8.54
CA GLU C 283 29.99 -30.28 -8.50
C GLU C 283 29.17 -31.56 -8.51
N ASP C 284 29.76 -32.68 -8.93
CA ASP C 284 29.06 -33.95 -9.04
C ASP C 284 29.64 -34.90 -8.02
N ILE C 285 29.19 -34.76 -6.77
CA ILE C 285 29.59 -35.66 -5.70
C ILE C 285 28.36 -36.00 -4.88
N CYS C 286 27.85 -37.22 -5.06
CA CYS C 286 26.65 -37.65 -4.37
C CYS C 286 26.99 -37.97 -2.93
N ASN C 287 26.41 -37.23 -1.99
CA ASN C 287 26.61 -37.56 -0.59
C ASN C 287 25.80 -38.82 -0.27
N HIS C 288 25.73 -39.18 1.01
CA HIS C 288 25.07 -40.43 1.38
C HIS C 288 23.59 -40.41 0.98
N GLN C 289 23.00 -39.22 0.92
CA GLN C 289 21.62 -39.11 0.45
C GLN C 289 21.52 -39.16 -1.06
N GLY C 290 22.64 -39.05 -1.76
CA GLY C 290 22.63 -39.09 -3.21
C GLY C 290 22.28 -37.76 -3.83
N LEU C 291 22.68 -36.67 -3.19
CA LEU C 291 22.37 -35.34 -3.68
C LEU C 291 23.66 -34.58 -3.95
N THR C 292 23.68 -33.87 -5.05
CA THR C 292 24.73 -32.92 -5.38
C THR C 292 24.48 -31.61 -4.68
N PRO C 293 25.46 -30.71 -4.65
CA PRO C 293 25.22 -29.43 -3.98
C PRO C 293 24.01 -28.69 -4.54
N LEU C 294 23.77 -28.78 -5.85
CA LEU C 294 22.60 -28.13 -6.43
C LEU C 294 21.31 -28.83 -6.01
N LYS C 295 21.27 -30.16 -6.12
CA LYS C 295 20.10 -30.89 -5.66
C LYS C 295 19.90 -30.69 -4.17
N LEU C 296 20.99 -30.65 -3.41
CA LEU C 296 20.88 -30.41 -1.98
C LEU C 296 20.30 -29.04 -1.70
N ALA C 297 20.73 -28.02 -2.45
CA ALA C 297 20.16 -26.69 -2.29
C ALA C 297 18.68 -26.69 -2.61
N ALA C 298 18.29 -27.42 -3.65
CA ALA C 298 16.88 -27.49 -4.02
C ALA C 298 16.05 -28.15 -2.91
N LYS C 299 16.51 -29.30 -2.42
CA LYS C 299 15.76 -30.02 -1.39
C LYS C 299 15.70 -29.23 -0.09
N GLU C 300 16.82 -28.63 0.31
CA GLU C 300 16.89 -27.94 1.58
C GLU C 300 16.24 -26.56 1.54
N GLY C 301 15.65 -26.18 0.41
CA GLY C 301 14.92 -24.92 0.34
C GLY C 301 15.79 -23.70 0.13
N LYS C 302 17.11 -23.84 0.20
CA LYS C 302 17.97 -22.70 -0.06
C LYS C 302 17.71 -22.19 -1.46
N ILE C 303 17.26 -20.94 -1.57
CA ILE C 303 16.81 -20.37 -2.83
C ILE C 303 17.87 -19.49 -3.46
N GLU C 304 18.54 -18.66 -2.65
CA GLU C 304 19.53 -17.75 -3.20
C GLU C 304 20.73 -18.50 -3.74
N ILE C 305 21.29 -19.41 -2.94
CA ILE C 305 22.38 -20.24 -3.43
C ILE C 305 21.88 -21.14 -4.55
N PHE C 306 20.64 -21.61 -4.43
CA PHE C 306 20.09 -22.46 -5.49
C PHE C 306 20.02 -21.71 -6.81
N ARG C 307 19.44 -20.51 -6.81
CA ARG C 307 19.34 -19.77 -8.06
C ARG C 307 20.73 -19.40 -8.56
N HIS C 308 21.64 -18.99 -7.68
CA HIS C 308 22.98 -18.65 -8.13
C HIS C 308 23.64 -19.83 -8.81
N ILE C 309 23.66 -21.00 -8.17
CA ILE C 309 24.23 -22.18 -8.81
C ILE C 309 23.49 -22.46 -10.10
N LEU C 310 22.22 -22.12 -10.15
CA LEU C 310 21.39 -22.49 -11.29
C LEU C 310 21.73 -21.64 -12.51
N GLN C 311 22.38 -20.49 -12.29
CA GLN C 311 22.73 -19.56 -13.36
C GLN C 311 23.99 -18.81 -12.92
N ARG C 312 25.14 -19.28 -13.38
CA ARG C 312 26.42 -18.66 -13.05
C ARG C 312 27.35 -18.78 -14.25
N GLU C 313 28.20 -17.77 -14.43
CA GLU C 313 29.18 -17.76 -15.51
C GLU C 313 30.42 -17.01 -15.06
N PHE C 314 31.56 -17.44 -15.58
CA PHE C 314 32.86 -16.88 -15.24
C PHE C 314 33.53 -16.37 -16.52
N SER C 315 34.76 -15.90 -16.36
CA SER C 315 35.55 -15.37 -17.47
C SER C 315 36.13 -16.53 -18.27
N GLY C 316 37.09 -16.23 -19.14
CA GLY C 316 37.69 -17.28 -19.95
C GLY C 316 38.27 -18.39 -19.11
N LEU C 317 39.01 -18.03 -18.07
CA LEU C 317 39.54 -19.03 -17.15
C LEU C 317 38.43 -19.45 -16.18
N TYR C 318 38.39 -20.75 -15.87
CA TYR C 318 37.31 -21.36 -15.11
C TYR C 318 35.99 -21.33 -15.87
N GLN C 319 36.04 -21.04 -17.17
CA GLN C 319 34.80 -20.99 -17.94
C GLN C 319 34.03 -22.30 -17.87
N PRO C 320 34.64 -23.47 -17.93
CA PRO C 320 33.85 -24.71 -17.83
C PRO C 320 33.03 -24.79 -16.55
N LEU C 321 33.47 -24.14 -15.47
CA LEU C 321 32.69 -24.08 -14.23
C LEU C 321 31.61 -23.01 -14.33
N SER C 322 30.75 -23.17 -15.33
CA SER C 322 29.67 -22.21 -15.57
C SER C 322 28.43 -22.98 -15.99
N ARG C 323 27.26 -22.50 -15.54
CA ARG C 323 25.98 -23.12 -15.86
C ARG C 323 25.26 -22.34 -16.94
N LYS C 324 25.17 -21.02 -16.80
CA LYS C 324 24.71 -20.16 -17.87
C LYS C 324 25.85 -19.88 -18.84
N PHE C 325 25.52 -19.84 -20.13
CA PHE C 325 26.50 -19.49 -21.15
C PHE C 325 25.95 -18.41 -22.05
N THR C 326 26.67 -18.10 -23.13
CA THR C 326 26.15 -17.22 -24.17
C THR C 326 26.94 -17.51 -25.44
N GLU C 327 26.30 -18.15 -26.42
CA GLU C 327 27.01 -18.50 -27.64
C GLU C 327 27.39 -17.26 -28.43
N TRP C 328 26.41 -16.46 -28.85
CA TRP C 328 26.68 -15.25 -29.61
C TRP C 328 25.73 -14.16 -29.15
N CYS C 329 26.15 -12.92 -29.38
CA CYS C 329 25.41 -11.73 -29.01
C CYS C 329 25.20 -10.83 -30.22
N TYR C 330 24.74 -11.41 -31.32
CA TYR C 330 24.47 -10.63 -32.52
C TYR C 330 23.30 -9.69 -32.27
N GLY C 331 23.59 -8.40 -32.14
CA GLY C 331 22.58 -7.43 -31.82
C GLY C 331 22.34 -7.35 -30.33
N PRO C 332 21.15 -6.92 -29.93
CA PRO C 332 20.81 -6.88 -28.50
C PRO C 332 20.25 -8.16 -27.95
N VAL C 333 20.16 -9.22 -28.74
CA VAL C 333 19.58 -10.48 -28.30
C VAL C 333 20.66 -11.32 -27.63
N ARG C 334 20.29 -12.01 -26.57
CA ARG C 334 21.18 -12.91 -25.84
C ARG C 334 20.68 -14.33 -25.98
N VAL C 335 21.50 -15.19 -26.58
CA VAL C 335 21.21 -16.61 -26.65
C VAL C 335 21.79 -17.32 -25.45
N SER C 336 21.07 -17.30 -24.33
CA SER C 336 21.56 -17.95 -23.14
C SER C 336 21.40 -19.46 -23.25
N LEU C 337 22.39 -20.19 -22.75
CA LEU C 337 22.36 -21.64 -22.71
C LEU C 337 22.54 -22.04 -21.25
N TYR C 338 21.46 -22.43 -20.61
CA TYR C 338 21.51 -22.90 -19.24
C TYR C 338 21.82 -24.39 -19.22
N ASP C 339 22.81 -24.77 -18.41
CA ASP C 339 23.08 -26.18 -18.21
C ASP C 339 21.87 -26.87 -17.61
N LEU C 340 21.46 -27.98 -18.20
CA LEU C 340 20.33 -28.77 -17.73
C LEU C 340 20.79 -29.99 -16.96
N SER C 341 22.07 -30.03 -16.60
CA SER C 341 22.62 -31.16 -15.88
C SER C 341 22.12 -31.11 -14.45
N SER C 342 21.58 -32.23 -13.97
CA SER C 342 21.03 -32.37 -12.63
C SER C 342 19.75 -31.58 -12.42
N VAL C 343 19.15 -31.05 -13.49
CA VAL C 343 17.91 -30.29 -13.36
C VAL C 343 16.84 -30.74 -14.34
N ASP C 344 17.18 -31.41 -15.43
CA ASP C 344 16.15 -31.91 -16.31
C ASP C 344 15.52 -33.17 -15.73
N SER C 345 14.27 -33.42 -16.11
CA SER C 345 13.53 -34.54 -15.56
C SER C 345 13.89 -35.86 -16.22
N TRP C 346 14.71 -35.86 -17.26
CA TRP C 346 15.04 -37.11 -17.92
C TRP C 346 15.76 -38.06 -16.98
N GLU C 347 16.63 -37.53 -16.11
CA GLU C 347 17.37 -38.39 -15.21
C GLU C 347 16.45 -38.96 -14.13
N LYS C 348 16.97 -39.97 -13.43
CA LYS C 348 16.18 -40.64 -12.39
C LYS C 348 15.73 -39.67 -11.32
N ASN C 349 16.65 -38.80 -10.87
CA ASN C 349 16.37 -37.82 -9.83
C ASN C 349 16.89 -36.47 -10.29
N SER C 350 16.07 -35.43 -10.18
CA SER C 350 16.37 -34.15 -10.77
C SER C 350 15.92 -33.03 -9.85
N VAL C 351 16.43 -31.83 -10.11
CA VAL C 351 16.06 -30.67 -9.31
C VAL C 351 14.58 -30.38 -9.45
N LEU C 352 14.01 -30.57 -10.63
CA LEU C 352 12.58 -30.33 -10.82
C LEU C 352 11.77 -31.30 -9.97
N GLU C 353 12.11 -32.59 -10.03
CA GLU C 353 11.41 -33.58 -9.22
C GLU C 353 11.60 -33.32 -7.74
N ILE C 354 12.81 -32.93 -7.34
CA ILE C 354 13.05 -32.65 -5.92
C ILE C 354 12.21 -31.47 -5.45
N ILE C 355 12.17 -30.40 -6.23
CA ILE C 355 11.38 -29.24 -5.85
C ILE C 355 9.91 -29.60 -5.78
N ALA C 356 9.43 -30.37 -6.75
CA ALA C 356 7.99 -30.65 -6.82
C ALA C 356 7.56 -31.60 -5.71
N PHE C 357 8.28 -32.69 -5.51
CA PHE C 357 7.81 -33.78 -4.67
C PHE C 357 8.61 -33.95 -3.38
N HIS C 358 9.93 -33.80 -3.41
CA HIS C 358 10.77 -34.10 -2.27
C HIS C 358 11.02 -32.91 -1.36
N CYS C 359 10.98 -31.69 -1.89
CA CYS C 359 11.16 -30.52 -1.06
C CYS C 359 9.96 -30.37 -0.12
N LYS C 360 10.24 -29.95 1.11
CA LYS C 360 9.21 -29.72 2.11
C LYS C 360 9.25 -28.27 2.60
N SER C 361 9.89 -27.39 1.85
CA SER C 361 10.00 -26.01 2.25
C SER C 361 8.64 -25.34 2.24
N PRO C 362 8.43 -24.35 3.12
CA PRO C 362 7.10 -23.73 3.21
C PRO C 362 6.65 -23.09 1.92
N HIS C 363 7.58 -22.53 1.14
CA HIS C 363 7.26 -21.77 -0.06
C HIS C 363 8.10 -22.24 -1.23
N ARG C 364 8.15 -23.56 -1.42
CA ARG C 364 8.91 -24.10 -2.55
C ARG C 364 8.29 -23.70 -3.87
N HIS C 365 7.08 -23.17 -3.86
CA HIS C 365 6.45 -22.71 -5.09
C HIS C 365 7.19 -21.53 -5.70
N ARG C 366 8.09 -20.90 -4.95
CA ARG C 366 8.83 -19.76 -5.48
C ARG C 366 10.14 -20.15 -6.15
N MET C 367 10.55 -21.42 -6.10
CA MET C 367 11.73 -21.84 -6.84
C MET C 367 11.41 -22.29 -8.26
N VAL C 368 10.15 -22.55 -8.58
CA VAL C 368 9.75 -22.97 -9.92
C VAL C 368 9.43 -21.78 -10.80
N VAL C 369 9.78 -20.57 -10.38
CA VAL C 369 9.61 -19.38 -11.19
C VAL C 369 10.94 -18.75 -11.57
N LEU C 370 12.05 -19.39 -11.21
CA LEU C 370 13.36 -18.91 -11.63
C LEU C 370 13.55 -19.15 -13.12
N GLU C 371 14.55 -18.49 -13.69
CA GLU C 371 14.66 -18.39 -15.14
C GLU C 371 14.68 -19.76 -15.83
N PRO C 372 15.73 -20.58 -15.63
CA PRO C 372 15.74 -21.87 -16.35
C PRO C 372 14.53 -22.71 -16.04
N LEU C 373 14.10 -22.74 -14.78
CA LEU C 373 12.99 -23.60 -14.41
C LEU C 373 11.67 -23.06 -14.93
N ASN C 374 11.47 -21.74 -14.86
CA ASN C 374 10.26 -21.15 -15.38
C ASN C 374 10.12 -21.32 -16.88
N LYS C 375 11.23 -21.31 -17.62
CA LYS C 375 11.18 -21.51 -19.05
C LYS C 375 11.07 -22.97 -19.45
N LEU C 376 11.86 -23.84 -18.84
CA LEU C 376 11.80 -25.27 -19.14
C LEU C 376 10.42 -25.82 -18.79
N LEU C 377 9.90 -25.44 -17.61
CA LEU C 377 8.59 -25.93 -17.21
C LEU C 377 7.51 -25.40 -18.13
N GLN C 378 7.62 -24.15 -18.58
CA GLN C 378 6.65 -23.62 -19.52
C GLN C 378 6.69 -24.38 -20.84
N GLU C 379 7.89 -24.69 -21.32
CA GLU C 379 7.99 -25.45 -22.56
C GLU C 379 7.39 -26.84 -22.40
N LYS C 380 7.68 -27.49 -21.28
CA LYS C 380 7.13 -28.83 -21.06
C LYS C 380 5.61 -28.77 -20.96
N TRP C 381 5.08 -27.77 -20.26
CA TRP C 381 3.63 -27.60 -20.20
C TRP C 381 3.05 -27.41 -21.59
N ASP C 382 3.69 -26.58 -22.42
CA ASP C 382 3.17 -26.36 -23.76
C ASP C 382 3.18 -27.65 -24.56
N ARG C 383 4.23 -28.44 -24.44
CA ARG C 383 4.28 -29.72 -25.13
C ARG C 383 3.23 -30.68 -24.61
N LEU C 384 2.83 -30.56 -23.35
CA LEU C 384 1.92 -31.51 -22.73
C LEU C 384 0.46 -31.04 -22.73
N ILE C 385 0.18 -29.83 -23.19
CA ILE C 385 -1.21 -29.38 -23.28
C ILE C 385 -2.09 -30.40 -23.97
N PRO C 386 -1.68 -31.01 -25.09
CA PRO C 386 -2.54 -32.04 -25.69
C PRO C 386 -2.89 -33.15 -24.73
N ARG C 387 -1.93 -33.63 -23.93
CA ARG C 387 -2.26 -34.72 -23.02
C ARG C 387 -3.05 -34.22 -21.82
N PHE C 388 -2.78 -33.02 -21.34
CA PHE C 388 -3.59 -32.50 -20.25
C PHE C 388 -5.05 -32.41 -20.68
N PHE C 389 -5.30 -31.91 -21.88
CA PHE C 389 -6.67 -31.84 -22.36
C PHE C 389 -7.24 -33.21 -22.64
N PHE C 390 -6.42 -34.17 -23.09
CA PHE C 390 -6.93 -35.51 -23.30
C PHE C 390 -7.33 -36.16 -21.97
N ASN C 391 -6.51 -35.99 -20.93
CA ASN C 391 -6.88 -36.48 -19.62
C ASN C 391 -8.16 -35.81 -19.13
N PHE C 392 -8.26 -34.50 -19.32
CA PHE C 392 -9.46 -33.79 -18.91
C PHE C 392 -10.68 -34.30 -19.65
N ALA C 393 -10.55 -34.50 -20.96
CA ALA C 393 -11.68 -34.94 -21.77
C ALA C 393 -12.08 -36.36 -21.43
N CYS C 394 -11.11 -37.22 -21.18
CA CYS C 394 -11.43 -38.59 -20.79
C CYS C 394 -12.14 -38.61 -19.45
N TYR C 395 -11.68 -37.81 -18.49
CA TYR C 395 -12.35 -37.76 -17.19
C TYR C 395 -13.74 -37.15 -17.31
N LEU C 396 -13.88 -36.11 -18.14
CA LEU C 396 -15.17 -35.49 -18.33
C LEU C 396 -16.15 -36.46 -18.99
N VAL C 397 -15.68 -37.23 -19.97
CA VAL C 397 -16.54 -38.23 -20.57
C VAL C 397 -16.94 -39.27 -19.55
N TYR C 398 -16.00 -39.67 -18.70
CA TYR C 398 -16.33 -40.68 -17.70
C TYR C 398 -17.38 -40.15 -16.74
N MET C 399 -17.27 -38.88 -16.34
CA MET C 399 -18.29 -38.32 -15.45
C MET C 399 -19.61 -38.09 -16.17
N ILE C 400 -19.59 -37.77 -17.46
CA ILE C 400 -20.85 -37.71 -18.20
C ILE C 400 -21.54 -39.06 -18.18
N ILE C 401 -20.80 -40.13 -18.47
CA ILE C 401 -21.38 -41.47 -18.43
C ILE C 401 -21.87 -41.79 -17.02
N PHE C 402 -21.11 -41.37 -16.00
CA PHE C 402 -21.46 -41.71 -14.63
C PHE C 402 -22.73 -40.98 -14.20
N THR C 403 -22.85 -39.72 -14.60
CA THR C 403 -24.06 -38.96 -14.33
C THR C 403 -25.26 -39.58 -15.04
N ILE C 404 -25.08 -39.94 -16.31
CA ILE C 404 -26.19 -40.53 -17.06
C ILE C 404 -26.63 -41.83 -16.41
N VAL C 405 -25.68 -42.66 -16.01
CA VAL C 405 -26.02 -43.95 -15.40
C VAL C 405 -26.73 -43.72 -14.08
N ALA C 406 -26.23 -42.81 -13.24
CA ALA C 406 -26.87 -42.55 -11.96
C ALA C 406 -28.26 -41.97 -12.11
N TYR C 407 -28.47 -41.08 -13.07
CA TYR C 407 -29.79 -40.50 -13.29
C TYR C 407 -30.81 -41.55 -13.70
N HIS C 408 -30.41 -42.48 -14.58
CA HIS C 408 -31.29 -43.57 -15.00
C HIS C 408 -30.84 -44.88 -14.37
N GLN C 409 -31.43 -45.21 -13.23
CA GLN C 409 -31.20 -46.47 -12.56
C GLN C 409 -32.51 -47.14 -12.17
N PRO C 410 -32.49 -48.46 -11.97
CA PRO C 410 -33.68 -49.11 -11.41
C PRO C 410 -33.99 -48.54 -10.03
N SER C 411 -35.28 -48.41 -9.75
CA SER C 411 -35.71 -47.77 -8.51
C SER C 411 -35.75 -48.79 -7.38
N THR C 423 -33.66 -55.96 -22.53
CA THR C 423 -33.89 -55.33 -23.82
C THR C 423 -32.74 -54.37 -24.14
N PHE C 424 -32.94 -53.50 -25.14
CA PHE C 424 -31.88 -52.59 -25.55
C PHE C 424 -31.53 -51.61 -24.44
N GLY C 425 -32.55 -51.04 -23.80
CA GLY C 425 -32.27 -50.10 -22.72
C GLY C 425 -31.53 -50.76 -21.57
N ASP C 426 -31.94 -51.98 -21.20
CA ASP C 426 -31.23 -52.71 -20.16
C ASP C 426 -29.80 -52.99 -20.58
N SER C 427 -29.59 -53.36 -21.84
CA SER C 427 -28.24 -53.65 -22.32
C SER C 427 -27.35 -52.41 -22.25
N MET C 428 -27.88 -51.26 -22.67
CA MET C 428 -27.10 -50.03 -22.61
C MET C 428 -26.79 -49.66 -21.17
N LEU C 429 -27.78 -49.78 -20.29
CA LEU C 429 -27.53 -49.52 -18.87
C LEU C 429 -26.44 -50.44 -18.34
N LEU C 430 -26.48 -51.73 -18.72
CA LEU C 430 -25.50 -52.67 -18.22
C LEU C 430 -24.10 -52.33 -18.71
N LEU C 431 -23.97 -51.99 -20.00
CA LEU C 431 -22.62 -51.69 -20.50
C LEU C 431 -22.11 -50.41 -19.87
N GLY C 432 -22.99 -49.43 -19.65
CA GLY C 432 -22.58 -48.23 -18.94
C GLY C 432 -22.15 -48.53 -17.51
N HIS C 433 -22.88 -49.40 -16.82
CA HIS C 433 -22.52 -49.76 -15.45
C HIS C 433 -21.14 -50.41 -15.40
N ILE C 434 -20.89 -51.38 -16.29
CA ILE C 434 -19.60 -52.04 -16.27
C ILE C 434 -18.50 -51.05 -16.65
N LEU C 435 -18.80 -50.13 -17.57
CA LEU C 435 -17.83 -49.11 -17.92
C LEU C 435 -17.50 -48.23 -16.73
N ILE C 436 -18.50 -47.89 -15.93
CA ILE C 436 -18.27 -47.09 -14.73
C ILE C 436 -17.44 -47.85 -13.72
N LEU C 437 -17.74 -49.15 -13.54
CA LEU C 437 -16.95 -49.94 -12.62
C LEU C 437 -15.50 -50.00 -13.07
N LEU C 438 -15.28 -50.20 -14.37
CA LEU C 438 -13.92 -50.26 -14.90
C LEU C 438 -13.22 -48.93 -14.74
N GLY C 439 -13.91 -47.82 -15.00
CA GLY C 439 -13.30 -46.52 -14.83
C GLY C 439 -12.95 -46.23 -13.38
N GLY C 440 -13.84 -46.61 -12.47
CA GLY C 440 -13.56 -46.43 -11.06
C GLY C 440 -12.35 -47.24 -10.61
N ILE C 441 -12.26 -48.49 -11.07
CA ILE C 441 -11.09 -49.30 -10.75
C ILE C 441 -9.84 -48.70 -11.37
N TYR C 442 -9.95 -48.16 -12.58
CA TYR C 442 -8.82 -47.53 -13.22
C TYR C 442 -8.31 -46.34 -12.40
N LEU C 443 -9.22 -45.47 -11.98
CA LEU C 443 -8.80 -44.32 -11.18
C LEU C 443 -8.25 -44.76 -9.84
N LEU C 444 -8.86 -45.79 -9.24
CA LEU C 444 -8.35 -46.31 -7.98
C LEU C 444 -6.92 -46.83 -8.13
N LEU C 445 -6.67 -47.60 -9.19
CA LEU C 445 -5.32 -48.10 -9.42
C LEU C 445 -4.35 -46.96 -9.70
N GLY C 446 -4.78 -45.98 -10.49
CA GLY C 446 -3.92 -44.84 -10.76
C GLY C 446 -3.51 -44.12 -9.50
N GLN C 447 -4.48 -43.87 -8.61
CA GLN C 447 -4.17 -43.15 -7.38
C GLN C 447 -3.35 -44.01 -6.43
N LEU C 448 -3.66 -45.29 -6.35
CA LEU C 448 -2.87 -46.19 -5.52
C LEU C 448 -1.43 -46.23 -6.00
N TRP C 449 -1.22 -46.23 -7.31
CA TRP C 449 0.13 -46.26 -7.85
C TRP C 449 0.81 -44.91 -7.72
N TYR C 450 0.04 -43.83 -7.74
CA TYR C 450 0.61 -42.53 -7.45
C TYR C 450 1.13 -42.48 -6.02
N PHE C 451 0.48 -43.23 -5.12
CA PHE C 451 0.92 -43.22 -3.72
C PHE C 451 2.04 -44.24 -3.48
N TRP C 452 1.97 -45.40 -4.13
CA TRP C 452 2.99 -46.44 -3.92
C TRP C 452 4.28 -46.10 -4.66
N ARG C 453 4.18 -45.45 -5.82
CA ARG C 453 5.37 -44.94 -6.47
C ARG C 453 6.00 -43.83 -5.63
N ARG C 454 5.26 -43.33 -4.65
CA ARG C 454 5.66 -42.15 -3.88
C ARG C 454 5.35 -42.29 -2.41
N ARG C 455 5.65 -43.45 -1.79
CA ARG C 455 5.33 -43.64 -0.38
C ARG C 455 5.75 -42.47 0.49
N LEU C 456 6.75 -41.70 0.08
CA LEU C 456 7.42 -40.72 0.93
C LEU C 456 6.96 -39.30 0.64
N PHE C 457 5.66 -39.09 0.39
CA PHE C 457 5.14 -37.78 0.03
C PHE C 457 4.20 -37.16 1.05
N ILE C 458 3.22 -37.92 1.55
CA ILE C 458 2.16 -37.33 2.35
C ILE C 458 2.75 -36.57 3.54
N TRP C 459 3.75 -37.17 4.20
CA TRP C 459 4.33 -36.55 5.38
C TRP C 459 4.91 -35.17 5.09
N ILE C 460 5.41 -34.96 3.86
CA ILE C 460 5.96 -33.65 3.51
C ILE C 460 4.85 -32.61 3.46
N SER C 461 3.87 -32.79 2.57
CA SER C 461 2.77 -31.85 2.45
C SER C 461 1.58 -32.60 1.88
N PHE C 462 0.70 -33.07 2.78
CA PHE C 462 -0.50 -33.76 2.33
C PHE C 462 -1.44 -32.81 1.61
N MET C 463 -1.53 -31.56 2.06
CA MET C 463 -2.47 -30.60 1.49
C MET C 463 -1.89 -29.86 0.30
N ASP C 464 -0.67 -30.15 -0.12
CA ASP C 464 -0.19 -29.58 -1.36
C ASP C 464 -1.00 -30.10 -2.54
N SER C 465 -1.25 -31.39 -2.56
CA SER C 465 -2.01 -32.02 -3.64
C SER C 465 -3.51 -31.99 -3.39
N TYR C 466 -3.96 -32.66 -2.33
CA TYR C 466 -5.35 -32.67 -1.85
C TYR C 466 -6.35 -33.03 -2.93
N PHE C 467 -5.90 -33.45 -4.10
CA PHE C 467 -6.77 -33.93 -5.15
C PHE C 467 -6.54 -35.39 -5.47
N GLU C 468 -5.30 -35.87 -5.30
CA GLU C 468 -5.09 -37.31 -5.36
C GLU C 468 -5.80 -37.99 -4.20
N ILE C 469 -5.89 -37.33 -3.06
CA ILE C 469 -6.73 -37.83 -1.98
C ILE C 469 -8.19 -37.85 -2.43
N LEU C 470 -8.65 -36.75 -3.02
CA LEU C 470 -10.05 -36.68 -3.43
C LEU C 470 -10.33 -37.62 -4.60
N PHE C 471 -9.42 -37.71 -5.56
CA PHE C 471 -9.62 -38.66 -6.65
C PHE C 471 -9.63 -40.09 -6.13
N LEU C 472 -8.73 -40.41 -5.20
CA LEU C 472 -8.73 -41.74 -4.59
C LEU C 472 -10.03 -42.01 -3.86
N VAL C 473 -10.51 -41.04 -3.10
CA VAL C 473 -11.76 -41.22 -2.35
C VAL C 473 -12.92 -41.44 -3.31
N GLN C 474 -12.99 -40.66 -4.38
CA GLN C 474 -14.07 -40.81 -5.34
C GLN C 474 -14.03 -42.18 -5.99
N ALA C 475 -12.84 -42.64 -6.40
CA ALA C 475 -12.75 -43.96 -7.03
C ALA C 475 -13.09 -45.06 -6.04
N LEU C 476 -12.64 -44.93 -4.80
CA LEU C 476 -12.95 -45.91 -3.77
C LEU C 476 -14.45 -45.98 -3.53
N LEU C 477 -15.10 -44.82 -3.42
CA LEU C 477 -16.53 -44.80 -3.21
C LEU C 477 -17.26 -45.43 -4.38
N THR C 478 -16.78 -45.19 -5.60
CA THR C 478 -17.42 -45.78 -6.77
C THR C 478 -17.35 -47.31 -6.71
N VAL C 479 -16.14 -47.85 -6.51
CA VAL C 479 -16.01 -49.30 -6.52
C VAL C 479 -16.78 -49.92 -5.36
N LEU C 480 -16.69 -49.31 -4.18
CA LEU C 480 -17.41 -49.79 -3.02
C LEU C 480 -18.91 -49.74 -3.26
N SER C 481 -19.39 -48.71 -3.95
CA SER C 481 -20.79 -48.65 -4.31
C SER C 481 -21.18 -49.82 -5.19
N GLN C 482 -20.39 -50.11 -6.22
CA GLN C 482 -20.72 -51.23 -7.10
C GLN C 482 -20.75 -52.55 -6.33
N VAL C 483 -19.75 -52.81 -5.49
CA VAL C 483 -19.72 -54.08 -4.80
C VAL C 483 -20.91 -54.18 -3.84
N LEU C 484 -21.24 -53.09 -3.15
CA LEU C 484 -22.44 -53.11 -2.32
C LEU C 484 -23.70 -53.37 -3.13
N ARG C 485 -23.78 -52.86 -4.36
CA ARG C 485 -24.95 -53.18 -5.18
C ARG C 485 -25.00 -54.67 -5.45
N PHE C 486 -23.84 -55.26 -5.75
CA PHE C 486 -23.79 -56.71 -5.91
C PHE C 486 -24.30 -57.41 -4.66
N VAL C 487 -24.08 -56.80 -3.48
CA VAL C 487 -24.61 -57.31 -2.23
C VAL C 487 -26.07 -56.96 -2.03
N GLU C 488 -26.66 -56.17 -2.94
CA GLU C 488 -28.03 -55.71 -2.81
C GLU C 488 -28.26 -55.07 -1.42
N THR C 489 -27.53 -53.99 -1.18
CA THR C 489 -27.65 -53.20 0.03
C THR C 489 -28.28 -51.85 -0.30
N GLU C 490 -29.11 -51.38 0.63
CA GLU C 490 -29.80 -50.11 0.45
C GLU C 490 -28.87 -48.92 0.65
N TRP C 491 -27.63 -49.15 1.05
CA TRP C 491 -26.65 -48.09 1.22
C TRP C 491 -25.84 -47.85 -0.04
N TYR C 492 -26.17 -48.56 -1.11
CA TYR C 492 -25.70 -48.21 -2.45
C TYR C 492 -25.88 -46.73 -2.76
N LEU C 493 -27.12 -46.28 -2.81
CA LEU C 493 -27.40 -45.00 -3.46
C LEU C 493 -26.65 -43.85 -2.80
N PRO C 494 -26.58 -43.74 -1.47
CA PRO C 494 -25.77 -42.67 -0.88
C PRO C 494 -24.32 -42.68 -1.33
N LEU C 495 -23.71 -43.87 -1.44
CA LEU C 495 -22.32 -43.94 -1.84
C LEU C 495 -22.14 -43.59 -3.32
N LEU C 496 -23.01 -44.10 -4.18
CA LEU C 496 -22.90 -43.76 -5.59
C LEU C 496 -23.10 -42.27 -5.81
N VAL C 497 -24.05 -41.68 -5.10
CA VAL C 497 -24.33 -40.26 -5.26
C VAL C 497 -23.20 -39.42 -4.67
N SER C 498 -22.58 -39.88 -3.58
CA SER C 498 -21.41 -39.20 -3.06
C SER C 498 -20.27 -39.26 -4.05
N SER C 499 -20.08 -40.40 -4.71
CA SER C 499 -19.08 -40.50 -5.76
C SER C 499 -19.36 -39.52 -6.88
N LEU C 500 -20.63 -39.39 -7.27
CA LEU C 500 -21.01 -38.43 -8.31
C LEU C 500 -20.65 -37.02 -7.91
N VAL C 501 -21.07 -36.59 -6.72
CA VAL C 501 -20.78 -35.25 -6.28
C VAL C 501 -19.28 -35.02 -6.25
N LEU C 502 -18.54 -35.98 -5.68
CA LEU C 502 -17.12 -35.80 -5.50
C LEU C 502 -16.39 -35.76 -6.84
N GLY C 503 -16.82 -36.55 -7.81
CA GLY C 503 -16.18 -36.49 -9.12
C GLY C 503 -16.44 -35.17 -9.83
N TRP C 504 -17.67 -34.68 -9.72
CA TRP C 504 -17.95 -33.37 -10.31
C TRP C 504 -17.16 -32.27 -9.63
N LEU C 505 -16.94 -32.39 -8.33
CA LEU C 505 -16.06 -31.45 -7.65
C LEU C 505 -14.62 -31.62 -8.11
N ASN C 506 -14.19 -32.86 -8.34
CA ASN C 506 -12.82 -33.14 -8.75
C ASN C 506 -12.50 -32.53 -10.10
N LEU C 507 -13.50 -32.42 -10.98
CA LEU C 507 -13.27 -31.75 -12.26
C LEU C 507 -12.52 -30.43 -12.10
N LEU C 508 -12.65 -29.78 -10.95
CA LEU C 508 -11.92 -28.53 -10.75
C LEU C 508 -10.43 -28.79 -10.56
N TYR C 509 -10.02 -30.04 -10.44
CA TYR C 509 -8.60 -30.32 -10.61
C TYR C 509 -8.18 -29.92 -12.01
N TYR C 510 -8.96 -30.31 -13.00
CA TYR C 510 -8.60 -30.07 -14.39
C TYR C 510 -8.82 -28.63 -14.77
N THR C 511 -9.78 -27.96 -14.13
CA THR C 511 -10.09 -26.60 -14.54
C THR C 511 -8.89 -25.67 -14.41
N ARG C 512 -7.81 -26.10 -13.76
CA ARG C 512 -6.64 -25.24 -13.59
C ARG C 512 -5.51 -25.56 -14.55
N GLY C 513 -5.80 -25.97 -15.78
CA GLY C 513 -4.82 -25.88 -16.83
C GLY C 513 -4.78 -24.52 -17.47
N PHE C 514 -5.45 -23.55 -16.87
CA PHE C 514 -5.58 -22.20 -17.41
C PHE C 514 -5.11 -21.19 -16.37
N GLN C 515 -4.38 -20.18 -16.83
CA GLN C 515 -3.97 -19.09 -15.95
C GLN C 515 -5.17 -18.47 -15.27
N HIS C 516 -6.23 -18.23 -16.03
CA HIS C 516 -7.40 -17.54 -15.51
C HIS C 516 -8.10 -18.30 -14.40
N THR C 517 -8.26 -19.61 -14.55
CA THR C 517 -9.05 -20.40 -13.61
C THR C 517 -8.21 -21.13 -12.58
N GLY C 518 -6.96 -21.46 -12.90
CA GLY C 518 -6.12 -22.16 -11.94
C GLY C 518 -5.78 -21.30 -10.74
N ILE C 519 -5.52 -20.02 -10.97
CA ILE C 519 -5.29 -19.12 -9.85
C ILE C 519 -6.55 -18.98 -9.02
N TYR C 520 -7.71 -19.01 -9.66
CA TYR C 520 -8.97 -18.98 -8.92
C TYR C 520 -9.09 -20.20 -8.02
N SER C 521 -8.73 -21.38 -8.53
CA SER C 521 -8.79 -22.58 -7.72
C SER C 521 -7.82 -22.49 -6.55
N VAL C 522 -6.63 -21.96 -6.80
CA VAL C 522 -5.65 -21.76 -5.73
C VAL C 522 -6.23 -20.85 -4.65
N MET C 523 -6.87 -19.76 -5.07
CA MET C 523 -7.46 -18.84 -4.10
C MET C 523 -8.59 -19.50 -3.33
N ILE C 524 -9.38 -20.34 -3.98
CA ILE C 524 -10.43 -21.06 -3.28
C ILE C 524 -9.81 -21.93 -2.19
N GLN C 525 -8.75 -22.64 -2.53
CA GLN C 525 -8.08 -23.50 -1.56
C GLN C 525 -7.54 -22.68 -0.39
N LYS C 526 -6.90 -21.54 -0.69
CA LYS C 526 -6.33 -20.73 0.38
C LYS C 526 -7.43 -20.16 1.27
N VAL C 527 -8.54 -19.74 0.67
CA VAL C 527 -9.66 -19.21 1.45
C VAL C 527 -10.22 -20.29 2.36
N ILE C 528 -10.47 -21.49 1.82
CA ILE C 528 -11.00 -22.56 2.65
C ILE C 528 -10.06 -22.83 3.80
N LEU C 529 -8.77 -22.99 3.51
CA LEU C 529 -7.84 -23.46 4.51
C LEU C 529 -7.46 -22.37 5.49
N ARG C 530 -7.72 -21.11 5.15
CA ARG C 530 -7.27 -19.99 5.98
C ARG C 530 -8.41 -19.42 6.81
N ASP C 531 -9.51 -19.04 6.16
CA ASP C 531 -10.57 -18.31 6.84
C ASP C 531 -11.94 -18.89 6.50
N LEU C 532 -12.04 -20.21 6.48
CA LEU C 532 -13.32 -20.90 6.49
C LEU C 532 -13.43 -21.92 7.60
N LEU C 533 -12.34 -22.60 7.93
CA LEU C 533 -12.38 -23.56 9.03
C LEU C 533 -12.49 -22.85 10.38
N ARG C 534 -11.80 -21.72 10.55
CA ARG C 534 -11.99 -20.94 11.77
C ARG C 534 -13.43 -20.49 11.90
N PHE C 535 -14.00 -19.98 10.80
CA PHE C 535 -15.38 -19.55 10.83
C PHE C 535 -16.30 -20.71 11.16
N LEU C 536 -16.07 -21.87 10.57
CA LEU C 536 -16.92 -23.01 10.87
C LEU C 536 -16.82 -23.42 12.33
N LEU C 537 -15.61 -23.42 12.89
CA LEU C 537 -15.46 -23.78 14.29
C LEU C 537 -16.25 -22.83 15.19
N VAL C 538 -16.02 -21.53 15.04
CA VAL C 538 -16.70 -20.56 15.89
C VAL C 538 -18.20 -20.61 15.67
N TYR C 539 -18.61 -20.70 14.40
CA TYR C 539 -20.02 -20.71 14.06
C TYR C 539 -20.72 -21.92 14.64
N LEU C 540 -20.09 -23.10 14.57
CA LEU C 540 -20.72 -24.30 15.09
C LEU C 540 -20.79 -24.28 16.60
N VAL C 541 -19.78 -23.71 17.26
CA VAL C 541 -19.88 -23.54 18.71
C VAL C 541 -21.08 -22.67 19.06
N PHE C 542 -21.19 -21.51 18.39
CA PHE C 542 -22.32 -20.62 18.62
C PHE C 542 -23.64 -21.35 18.36
N LEU C 543 -23.71 -22.08 17.26
CA LEU C 543 -24.95 -22.70 16.84
C LEU C 543 -25.36 -23.79 17.81
N PHE C 544 -24.40 -24.62 18.25
CA PHE C 544 -24.74 -25.65 19.22
C PHE C 544 -25.22 -25.04 20.52
N GLY C 545 -24.54 -24.01 21.01
CA GLY C 545 -24.97 -23.39 22.25
C GLY C 545 -26.38 -22.84 22.14
N PHE C 546 -26.65 -22.08 21.07
CA PHE C 546 -27.97 -21.47 20.94
C PHE C 546 -29.04 -22.50 20.62
N ALA C 547 -28.69 -23.57 19.92
CA ALA C 547 -29.67 -24.59 19.58
C ALA C 547 -30.11 -25.35 20.82
N VAL C 548 -29.15 -25.78 21.64
CA VAL C 548 -29.53 -26.47 22.86
C VAL C 548 -30.25 -25.50 23.79
N ALA C 549 -29.88 -24.22 23.78
CA ALA C 549 -30.61 -23.25 24.57
C ALA C 549 -32.07 -23.15 24.14
N LEU C 550 -32.33 -22.99 22.85
CA LEU C 550 -33.69 -22.86 22.36
C LEU C 550 -34.49 -24.13 22.60
N VAL C 551 -33.86 -25.29 22.44
CA VAL C 551 -34.55 -26.54 22.74
C VAL C 551 -34.93 -26.59 24.21
N SER C 552 -34.03 -26.18 25.09
CA SER C 552 -34.34 -26.17 26.53
C SER C 552 -35.56 -25.30 26.81
N LEU C 553 -35.56 -24.07 26.30
CA LEU C 553 -36.79 -23.29 26.28
C LEU C 553 -37.71 -23.85 25.22
N SER C 554 -38.82 -23.18 24.96
CA SER C 554 -39.77 -23.61 23.96
C SER C 554 -40.24 -25.03 24.21
N ARG C 555 -40.02 -25.54 25.42
CA ARG C 555 -40.45 -26.86 25.83
C ARG C 555 -41.66 -26.81 26.76
N GLU C 556 -42.02 -25.61 27.24
CA GLU C 556 -43.19 -25.43 28.10
C GLU C 556 -44.09 -24.40 27.45
N ALA C 557 -45.31 -24.82 27.09
CA ALA C 557 -46.28 -23.91 26.53
C ALA C 557 -46.88 -23.05 27.64
N ARG C 558 -47.92 -22.29 27.28
CA ARG C 558 -48.65 -21.50 28.25
C ARG C 558 -49.93 -22.20 28.68
N PRO C 582 -46.91 -30.20 16.12
CA PRO C 582 -45.95 -29.32 15.45
C PRO C 582 -45.33 -28.29 16.41
N VAL C 583 -44.40 -28.76 17.24
CA VAL C 583 -43.75 -27.94 18.25
C VAL C 583 -42.44 -27.43 17.65
N PRO C 584 -42.21 -26.12 17.60
CA PRO C 584 -40.93 -25.62 17.08
C PRO C 584 -39.79 -26.00 18.01
N TYR C 585 -38.61 -26.17 17.43
CA TYR C 585 -37.42 -26.52 18.20
C TYR C 585 -37.66 -27.79 19.02
N GLY C 586 -38.24 -28.80 18.37
CA GLY C 586 -38.56 -30.02 19.07
C GLY C 586 -37.33 -30.71 19.63
N GLY C 587 -36.26 -30.79 18.84
CA GLY C 587 -35.05 -31.45 19.26
C GLY C 587 -33.81 -30.66 18.88
N ILE C 588 -32.65 -31.24 19.11
CA ILE C 588 -31.41 -30.54 18.79
C ILE C 588 -31.25 -30.39 17.28
N LEU C 589 -31.62 -31.41 16.52
CA LEU C 589 -31.48 -31.34 15.07
C LEU C 589 -32.36 -30.24 14.50
N ASP C 590 -33.62 -30.15 14.96
CA ASP C 590 -34.52 -29.13 14.43
C ASP C 590 -34.02 -27.73 14.77
N ALA C 591 -33.59 -27.51 16.00
CA ALA C 591 -33.11 -26.20 16.38
C ALA C 591 -31.86 -25.82 15.60
N SER C 592 -30.94 -26.78 15.43
CA SER C 592 -29.75 -26.50 14.66
C SER C 592 -30.10 -26.15 13.23
N LEU C 593 -31.06 -26.86 12.64
CA LEU C 593 -31.45 -26.58 11.27
C LEU C 593 -32.11 -25.21 11.14
N GLU C 594 -32.91 -24.82 12.14
CA GLU C 594 -33.50 -23.49 12.12
C GLU C 594 -32.43 -22.40 12.20
N LEU C 595 -31.43 -22.60 13.05
CA LEU C 595 -30.37 -21.61 13.16
C LEU C 595 -29.56 -21.53 11.87
N PHE C 596 -29.27 -22.67 11.25
CA PHE C 596 -28.58 -22.61 9.97
C PHE C 596 -29.45 -21.93 8.92
N LYS C 597 -30.76 -22.14 8.97
CA LYS C 597 -31.65 -21.38 8.11
C LYS C 597 -31.41 -19.88 8.27
N PHE C 598 -31.33 -19.42 9.52
CA PHE C 598 -30.94 -18.03 9.73
C PHE C 598 -29.67 -17.71 8.97
N THR C 599 -28.72 -18.62 8.98
CA THR C 599 -27.46 -18.35 8.28
C THR C 599 -27.67 -18.15 6.78
N ILE C 600 -28.58 -18.92 6.17
CA ILE C 600 -28.72 -18.88 4.71
C ILE C 600 -29.82 -17.93 4.22
N GLY C 601 -30.31 -17.03 5.06
CA GLY C 601 -31.32 -16.08 4.64
C GLY C 601 -32.74 -16.58 4.75
N MET C 602 -32.99 -17.62 5.52
CA MET C 602 -34.28 -18.28 5.60
C MET C 602 -34.70 -18.48 7.05
N GLY C 603 -34.20 -17.64 7.94
CA GLY C 603 -34.48 -17.81 9.36
C GLY C 603 -35.84 -17.26 9.73
N GLU C 604 -36.65 -18.09 10.38
CA GLU C 604 -37.97 -17.68 10.86
C GLU C 604 -37.80 -16.98 12.20
N LEU C 605 -37.97 -15.67 12.20
CA LEU C 605 -37.80 -14.84 13.38
C LEU C 605 -39.17 -14.29 13.75
N ALA C 606 -39.92 -15.07 14.50
CA ALA C 606 -41.29 -14.73 14.87
C ALA C 606 -41.40 -14.67 16.38
N PHE C 607 -42.56 -14.25 16.85
CA PHE C 607 -42.86 -14.15 18.27
C PHE C 607 -43.82 -15.28 18.59
N GLN C 608 -43.26 -16.47 18.84
CA GLN C 608 -44.10 -17.61 19.18
C GLN C 608 -44.93 -17.29 20.41
N GLU C 609 -46.26 -17.20 20.25
CA GLU C 609 -47.14 -16.84 21.35
C GLU C 609 -47.49 -18.02 22.23
N GLN C 610 -47.33 -19.25 21.75
CA GLN C 610 -47.75 -20.44 22.48
C GLN C 610 -46.82 -20.77 23.64
N LEU C 611 -45.52 -20.64 23.44
CA LEU C 611 -44.56 -20.99 24.47
C LEU C 611 -44.44 -19.86 25.50
N ARG C 612 -44.21 -20.25 26.75
CA ARG C 612 -44.32 -19.32 27.87
C ARG C 612 -43.14 -18.39 28.01
N PHE C 613 -42.09 -18.58 27.21
CA PHE C 613 -40.91 -17.72 27.28
C PHE C 613 -40.75 -17.02 25.95
N ARG C 614 -41.85 -16.46 25.44
CA ARG C 614 -41.85 -15.82 24.14
C ARG C 614 -40.72 -14.82 24.05
N GLY C 615 -40.65 -13.93 25.04
CA GLY C 615 -39.66 -12.87 25.00
C GLY C 615 -38.24 -13.40 25.10
N VAL C 616 -38.01 -14.36 25.99
CA VAL C 616 -36.66 -14.90 26.15
C VAL C 616 -36.23 -15.59 24.86
N VAL C 617 -37.11 -16.38 24.26
CA VAL C 617 -36.77 -17.06 23.02
C VAL C 617 -36.49 -16.04 21.92
N LEU C 618 -37.30 -14.99 21.83
CA LEU C 618 -37.08 -13.98 20.81
C LEU C 618 -35.77 -13.24 21.02
N LEU C 619 -35.47 -12.86 22.27
CA LEU C 619 -34.21 -12.16 22.54
C LEU C 619 -33.03 -13.06 22.27
N LEU C 620 -33.16 -14.35 22.59
CA LEU C 620 -32.09 -15.29 22.33
C LEU C 620 -31.85 -15.44 20.83
N LEU C 621 -32.94 -15.49 20.04
CA LEU C 621 -32.80 -15.55 18.60
C LEU C 621 -32.20 -14.27 18.05
N LEU C 622 -32.60 -13.12 18.58
CA LEU C 622 -32.04 -11.85 18.12
C LEU C 622 -30.56 -11.77 18.43
N ALA C 623 -30.15 -12.23 19.60
CA ALA C 623 -28.74 -12.27 19.94
C ALA C 623 -27.99 -13.22 19.01
N TYR C 624 -28.58 -14.37 18.70
CA TYR C 624 -27.94 -15.29 17.77
C TYR C 624 -27.76 -14.64 16.41
N VAL C 625 -28.80 -13.99 15.91
CA VAL C 625 -28.71 -13.32 14.63
C VAL C 625 -27.63 -12.25 14.66
N LEU C 626 -27.62 -11.43 15.71
CA LEU C 626 -26.64 -10.36 15.81
C LEU C 626 -25.22 -10.92 15.82
N LEU C 627 -25.00 -11.99 16.58
CA LEU C 627 -23.65 -12.53 16.72
C LEU C 627 -23.21 -13.31 15.50
N THR C 628 -24.15 -13.85 14.73
CA THR C 628 -23.82 -14.80 13.67
C THR C 628 -24.03 -14.23 12.27
N TYR C 629 -25.22 -13.75 11.97
CA TYR C 629 -25.51 -13.22 10.65
C TYR C 629 -24.88 -11.84 10.45
N VAL C 630 -24.98 -10.97 11.43
CA VAL C 630 -24.53 -9.59 11.27
C VAL C 630 -23.04 -9.53 11.51
N LEU C 631 -22.55 -10.24 12.52
CA LEU C 631 -21.14 -10.16 12.87
C LEU C 631 -20.32 -11.18 12.09
N LEU C 632 -20.60 -12.47 12.27
CA LEU C 632 -19.65 -13.49 11.83
C LEU C 632 -19.66 -13.68 10.33
N LEU C 633 -20.83 -13.63 9.69
CA LEU C 633 -20.86 -13.84 8.24
C LEU C 633 -20.25 -12.65 7.51
N ASN C 634 -20.63 -11.44 7.89
CA ASN C 634 -20.04 -10.27 7.25
C ASN C 634 -18.55 -10.22 7.55
N MET C 635 -18.16 -10.59 8.77
CA MET C 635 -16.74 -10.64 9.09
C MET C 635 -16.04 -11.71 8.27
N LEU C 636 -16.73 -12.78 7.93
CA LEU C 636 -16.13 -13.79 7.05
C LEU C 636 -15.89 -13.20 5.66
N ILE C 637 -16.84 -12.40 5.17
CA ILE C 637 -16.61 -11.72 3.90
C ILE C 637 -15.39 -10.82 4.00
N ALA C 638 -15.25 -10.12 5.11
CA ALA C 638 -14.10 -9.23 5.29
C ALA C 638 -12.79 -10.03 5.34
N LEU C 639 -12.79 -11.13 6.10
CA LEU C 639 -11.61 -11.98 6.18
C LEU C 639 -11.23 -12.56 4.82
N MET C 640 -12.21 -12.99 4.04
CA MET C 640 -11.87 -13.53 2.74
C MET C 640 -11.41 -12.44 1.79
N SER C 641 -11.92 -11.22 1.93
CA SER C 641 -11.33 -10.11 1.19
C SER C 641 -9.86 -9.95 1.55
N GLU C 642 -9.57 -10.02 2.85
CA GLU C 642 -8.20 -9.83 3.31
C GLU C 642 -7.28 -10.96 2.82
N THR C 643 -7.77 -12.20 2.83
CA THR C 643 -6.95 -13.31 2.36
C THR C 643 -6.77 -13.26 0.84
N VAL C 644 -7.83 -12.92 0.10
CA VAL C 644 -7.70 -12.82 -1.35
C VAL C 644 -6.68 -11.74 -1.71
N ASN C 645 -6.70 -10.63 -0.98
CA ASN C 645 -5.71 -9.59 -1.21
C ASN C 645 -4.31 -10.08 -0.85
N SER C 646 -4.19 -10.82 0.25
CA SER C 646 -2.88 -11.27 0.70
C SER C 646 -2.22 -12.19 -0.30
N VAL C 647 -2.96 -13.15 -0.84
CA VAL C 647 -2.41 -14.17 -1.73
C VAL C 647 -2.79 -13.78 -3.15
N ALA C 648 -1.96 -12.93 -3.77
CA ALA C 648 -2.14 -12.55 -5.17
C ALA C 648 -0.95 -12.99 -6.01
N THR C 649 0.26 -12.61 -5.62
CA THR C 649 1.45 -13.12 -6.29
C THR C 649 1.72 -14.57 -5.92
N ASP C 650 1.59 -14.90 -4.64
CA ASP C 650 1.77 -16.27 -4.21
C ASP C 650 0.79 -17.20 -4.92
N SER C 651 -0.40 -16.71 -5.26
CA SER C 651 -1.34 -17.53 -6.00
C SER C 651 -0.78 -17.90 -7.37
N TRP C 652 -0.20 -16.92 -8.06
CA TRP C 652 0.43 -17.20 -9.35
C TRP C 652 1.56 -18.21 -9.20
N SER C 653 2.43 -18.01 -8.22
CA SER C 653 3.55 -18.93 -8.04
C SER C 653 3.06 -20.33 -7.70
N ILE C 654 2.04 -20.44 -6.85
CA ILE C 654 1.51 -21.74 -6.46
C ILE C 654 0.85 -22.43 -7.64
N TRP C 655 0.17 -21.66 -8.49
CA TRP C 655 -0.40 -22.24 -9.70
C TRP C 655 0.69 -22.74 -10.63
N LYS C 656 1.79 -21.99 -10.76
CA LYS C 656 2.88 -22.46 -11.59
C LYS C 656 3.48 -23.73 -11.02
N LEU C 657 3.55 -23.84 -9.68
CA LEU C 657 4.01 -25.07 -9.07
C LEU C 657 3.04 -26.21 -9.33
N GLN C 658 1.74 -25.93 -9.34
CA GLN C 658 0.75 -26.95 -9.65
C GLN C 658 0.93 -27.46 -11.07
N LYS C 659 1.14 -26.55 -12.01
CA LYS C 659 1.46 -26.95 -13.38
C LYS C 659 2.74 -27.77 -13.43
N ALA C 660 3.75 -27.38 -12.65
CA ALA C 660 4.99 -28.14 -12.63
C ALA C 660 4.75 -29.55 -12.16
N ILE C 661 3.95 -29.71 -11.10
CA ILE C 661 3.67 -31.04 -10.58
C ILE C 661 2.90 -31.86 -11.61
N SER C 662 1.90 -31.26 -12.25
CA SER C 662 1.14 -32.00 -13.26
C SER C 662 2.02 -32.38 -14.43
N VAL C 663 2.93 -31.49 -14.84
CA VAL C 663 3.85 -31.81 -15.92
C VAL C 663 4.75 -32.97 -15.54
N LEU C 664 5.31 -32.93 -14.33
CA LEU C 664 6.22 -33.98 -13.90
C LEU C 664 5.50 -35.30 -13.75
N GLU C 665 4.21 -35.26 -13.42
CA GLU C 665 3.43 -36.49 -13.34
C GLU C 665 3.07 -37.01 -14.72
N MET C 666 2.86 -36.09 -15.67
CA MET C 666 2.49 -36.50 -17.01
C MET C 666 3.68 -37.03 -17.78
N GLU C 667 4.89 -36.57 -17.45
CA GLU C 667 6.08 -37.01 -18.16
C GLU C 667 6.23 -38.53 -18.08
N ASN C 668 6.18 -39.09 -16.89
CA ASN C 668 6.03 -40.52 -16.78
C ASN C 668 4.58 -40.89 -17.05
N GLY C 669 4.38 -41.96 -17.80
CA GLY C 669 3.06 -42.25 -18.31
C GLY C 669 2.09 -42.62 -17.21
N TYR C 670 1.02 -43.29 -17.62
CA TYR C 670 0.02 -43.78 -16.70
C TYR C 670 0.57 -44.94 -15.88
N TRP C 671 -0.20 -45.43 -14.93
CA TRP C 671 0.25 -46.57 -14.12
C TRP C 671 0.42 -47.83 -14.96
N TRP C 672 -0.10 -47.85 -16.17
CA TRP C 672 -0.04 -49.01 -17.05
C TRP C 672 0.90 -48.82 -18.23
N CYS C 673 1.07 -47.59 -18.70
CA CYS C 673 1.89 -47.31 -19.87
C CYS C 673 3.25 -46.78 -19.45
N ARG C 674 4.30 -47.50 -19.85
CA ARG C 674 5.68 -47.12 -19.54
C ARG C 674 6.12 -46.08 -20.56
N ARG C 675 5.88 -44.80 -20.26
CA ARG C 675 6.19 -43.75 -21.22
C ARG C 675 7.69 -43.66 -21.48
N LYS C 676 8.03 -43.38 -22.74
CA LYS C 676 9.42 -43.13 -23.13
C LYS C 676 9.77 -41.68 -22.82
N ARG C 677 10.91 -41.47 -22.18
CA ARG C 677 11.32 -40.13 -21.80
C ARG C 677 11.74 -39.32 -23.01
N HIS C 678 11.59 -38.01 -22.92
CA HIS C 678 12.03 -37.08 -23.96
C HIS C 678 12.95 -36.06 -23.30
N ARG C 679 14.23 -36.13 -23.61
CA ARG C 679 15.26 -35.39 -22.87
C ARG C 679 15.37 -33.99 -23.47
N ALA C 680 14.89 -33.00 -22.73
CA ALA C 680 14.86 -31.63 -23.20
C ALA C 680 16.28 -31.04 -23.24
N GLY C 681 16.45 -30.06 -24.10
CA GLY C 681 17.73 -29.40 -24.26
C GLY C 681 18.47 -29.91 -25.48
N ARG C 682 19.60 -29.28 -25.76
CA ARG C 682 20.44 -29.61 -26.91
C ARG C 682 21.82 -30.03 -26.42
N LEU C 683 22.35 -31.11 -27.00
CA LEU C 683 23.74 -31.50 -26.76
C LEU C 683 24.64 -30.55 -27.54
N LEU C 684 24.91 -29.41 -26.92
CA LEU C 684 25.71 -28.36 -27.54
C LEU C 684 27.12 -28.41 -26.97
N LYS C 685 28.10 -28.56 -27.86
CA LYS C 685 29.50 -28.45 -27.45
C LYS C 685 29.76 -27.03 -26.99
N VAL C 686 30.18 -26.88 -25.73
CA VAL C 686 30.47 -25.59 -25.14
C VAL C 686 31.90 -25.61 -24.65
N GLY C 687 32.72 -24.69 -25.17
CA GLY C 687 34.10 -24.58 -24.76
C GLY C 687 34.87 -25.87 -24.90
N THR C 688 36.11 -25.87 -24.41
CA THR C 688 36.97 -27.04 -24.42
C THR C 688 37.52 -27.24 -23.01
N LYS C 689 37.41 -28.46 -22.50
CA LYS C 689 37.91 -28.76 -21.17
C LYS C 689 39.44 -28.74 -21.16
N GLY C 690 40.00 -28.75 -19.95
CA GLY C 690 41.45 -28.74 -19.79
C GLY C 690 42.07 -30.07 -20.15
N ASP C 691 41.84 -30.53 -21.38
CA ASP C 691 42.30 -31.82 -21.86
C ASP C 691 42.51 -31.68 -23.37
N GLY C 692 42.53 -32.82 -24.07
CA GLY C 692 42.65 -32.82 -25.51
C GLY C 692 41.28 -32.84 -26.16
N ILE C 693 40.85 -34.00 -26.63
CA ILE C 693 39.56 -34.19 -27.28
C ILE C 693 38.51 -33.38 -26.51
N PRO C 694 37.62 -32.64 -27.19
CA PRO C 694 36.73 -31.71 -26.49
C PRO C 694 35.57 -32.43 -25.82
N ASP C 695 34.66 -31.64 -25.25
CA ASP C 695 33.55 -32.13 -24.45
C ASP C 695 32.22 -31.66 -25.03
N GLU C 696 31.14 -32.14 -24.42
CA GLU C 696 29.78 -31.76 -24.79
C GLU C 696 28.94 -31.64 -23.53
N ARG C 697 27.77 -31.02 -23.65
CA ARG C 697 26.92 -30.78 -22.49
C ARG C 697 25.53 -30.38 -22.93
N TRP C 698 24.51 -30.88 -22.24
CA TRP C 698 23.14 -30.55 -22.59
C TRP C 698 22.74 -29.21 -21.99
N CYS C 699 22.22 -28.34 -22.83
CA CYS C 699 21.89 -26.98 -22.42
C CYS C 699 20.49 -26.64 -22.89
N PHE C 700 19.87 -25.67 -22.22
CA PHE C 700 18.52 -25.23 -22.52
C PHE C 700 18.63 -23.89 -23.25
N ARG C 701 18.15 -23.87 -24.48
CA ARG C 701 18.41 -22.76 -25.37
C ARG C 701 17.34 -21.68 -25.18
N VAL C 702 17.78 -20.46 -24.85
CA VAL C 702 16.87 -19.39 -24.49
C VAL C 702 17.26 -18.09 -25.19
N GLU C 703 16.26 -17.38 -25.72
CA GLU C 703 16.47 -16.10 -26.37
C GLU C 703 15.99 -14.97 -25.46
N GLU C 704 16.83 -13.96 -25.29
CA GLU C 704 16.47 -12.79 -24.53
C GLU C 704 16.85 -11.56 -25.33
N VAL C 705 15.95 -10.58 -25.38
CA VAL C 705 16.25 -9.29 -25.99
C VAL C 705 16.57 -8.33 -24.86
N ASN C 706 17.84 -7.96 -24.74
CA ASN C 706 18.30 -7.14 -23.63
C ASN C 706 19.06 -5.94 -24.16
N TRP C 707 18.81 -4.78 -23.58
CA TRP C 707 19.50 -3.55 -23.93
C TRP C 707 20.36 -3.01 -22.80
N ALA C 708 20.03 -3.33 -21.54
CA ALA C 708 20.91 -2.96 -20.44
C ALA C 708 22.24 -3.70 -20.54
N ALA C 709 22.21 -4.99 -20.89
CA ALA C 709 23.44 -5.74 -21.04
C ALA C 709 24.15 -5.38 -22.34
N TRP C 710 23.37 -5.12 -23.40
CA TRP C 710 23.97 -4.87 -24.71
C TRP C 710 24.76 -3.57 -24.74
N GLU C 711 24.40 -2.59 -23.91
CA GLU C 711 25.10 -1.32 -23.92
C GLU C 711 26.44 -1.38 -23.18
N LYS C 712 26.70 -2.45 -22.44
CA LYS C 712 27.94 -2.58 -21.67
C LYS C 712 28.97 -3.47 -22.36
N THR C 713 28.66 -4.03 -23.53
CA THR C 713 29.56 -4.93 -24.24
C THR C 713 30.36 -4.21 -25.32
N LEU C 714 30.66 -2.93 -25.10
CA LEU C 714 31.33 -2.13 -26.11
C LEU C 714 32.43 -1.26 -25.50
N PRO D 67 23.12 57.64 48.55
CA PRO D 67 23.68 56.34 48.20
C PRO D 67 23.83 55.41 49.41
N ASN D 68 23.38 55.86 50.57
CA ASN D 68 23.48 55.09 51.81
C ASN D 68 22.29 54.15 51.97
N ARG D 69 21.08 54.70 51.96
CA ARG D 69 19.87 53.89 52.11
C ARG D 69 19.60 53.16 50.80
N PHE D 70 19.54 51.84 50.85
CA PHE D 70 19.34 51.00 49.67
C PHE D 70 17.92 50.44 49.67
N ASP D 71 17.36 50.31 48.47
CA ASP D 71 16.03 49.77 48.27
C ASP D 71 16.10 48.61 47.27
N ARG D 72 15.04 47.80 47.28
CA ARG D 72 15.00 46.64 46.40
C ARG D 72 15.06 47.05 44.94
N ASP D 73 14.31 48.08 44.55
CA ASP D 73 14.22 48.44 43.14
C ASP D 73 15.56 48.94 42.61
N ARG D 74 16.18 49.89 43.32
CA ARG D 74 17.45 50.45 42.86
C ARG D 74 18.55 49.40 42.89
N LEU D 75 18.56 48.54 43.91
CA LEU D 75 19.56 47.49 43.97
C LEU D 75 19.37 46.50 42.82
N PHE D 76 18.12 46.15 42.50
CA PHE D 76 17.87 45.26 41.37
C PHE D 76 18.31 45.89 40.06
N SER D 77 18.04 47.19 39.88
CA SER D 77 18.50 47.87 38.69
C SER D 77 20.02 47.86 38.60
N VAL D 78 20.69 48.09 39.74
CA VAL D 78 22.14 48.11 39.75
C VAL D 78 22.71 46.75 39.36
N VAL D 79 22.17 45.68 39.94
CA VAL D 79 22.68 44.35 39.63
C VAL D 79 22.33 43.95 38.21
N SER D 80 21.21 44.46 37.68
CA SER D 80 20.81 44.11 36.32
C SER D 80 21.82 44.60 35.29
N ARG D 81 22.30 45.84 35.45
CA ARG D 81 23.24 46.39 34.48
C ARG D 81 24.57 45.67 34.49
N GLY D 82 24.91 44.99 35.59
CA GLY D 82 26.18 44.30 35.66
C GLY D 82 27.39 45.19 35.88
N VAL D 83 27.18 46.41 36.36
CA VAL D 83 28.27 47.34 36.67
C VAL D 83 28.38 47.41 38.19
N PRO D 84 29.48 46.91 38.78
CA PRO D 84 29.58 46.86 40.24
C PRO D 84 30.19 48.09 40.90
N GLU D 85 30.48 49.15 40.14
CA GLU D 85 31.14 50.32 40.73
C GLU D 85 30.28 50.96 41.80
N GLU D 86 28.97 51.05 41.58
CA GLU D 86 28.07 51.74 42.50
C GLU D 86 27.52 50.81 43.58
N LEU D 87 28.24 49.74 43.92
CA LEU D 87 27.86 48.89 45.04
C LEU D 87 28.54 49.30 46.35
N THR D 88 29.30 50.39 46.34
CA THR D 88 29.90 50.91 47.55
C THR D 88 28.83 51.59 48.39
N GLY D 89 28.51 51.00 49.55
CA GLY D 89 27.48 51.55 50.41
C GLY D 89 26.63 50.46 51.03
N LEU D 90 26.64 49.27 50.42
CA LEU D 90 25.89 48.15 50.98
C LEU D 90 26.39 47.79 52.37
N LEU D 91 27.72 47.73 52.53
CA LEU D 91 28.28 47.40 53.84
C LEU D 91 27.87 48.43 54.89
N GLU D 92 27.93 49.71 54.54
CA GLU D 92 27.58 50.76 55.50
C GLU D 92 26.12 50.66 55.91
N TYR D 93 25.24 50.43 54.95
CA TYR D 93 23.82 50.30 55.29
C TYR D 93 23.58 49.06 56.15
N LEU D 94 24.22 47.94 55.80
CA LEU D 94 24.00 46.72 56.56
C LEU D 94 24.49 46.84 57.99
N ARG D 95 25.64 47.48 58.20
CA ARG D 95 26.18 47.66 59.54
C ARG D 95 25.58 48.85 60.28
N ARG D 96 24.86 49.72 59.58
CA ARG D 96 24.23 50.87 60.21
C ARG D 96 22.80 50.56 60.64
N THR D 97 22.01 49.94 59.76
CA THR D 97 20.67 49.52 60.08
C THR D 97 20.62 48.15 60.75
N SER D 98 21.76 47.48 60.87
CA SER D 98 21.82 46.16 61.49
C SER D 98 20.88 45.17 60.79
N LYS D 99 20.96 45.17 59.46
CA LYS D 99 20.13 44.29 58.65
C LYS D 99 21.01 43.56 57.65
N TYR D 100 20.57 42.37 57.24
CA TYR D 100 21.28 41.54 56.30
C TYR D 100 20.72 41.76 54.89
N LEU D 101 21.33 41.09 53.92
CA LEU D 101 20.86 41.14 52.54
C LEU D 101 19.73 40.15 52.26
N THR D 102 19.47 39.23 53.17
CA THR D 102 18.40 38.24 53.02
C THR D 102 17.07 38.74 53.58
N ASP D 103 17.01 39.99 54.04
CA ASP D 103 15.79 40.53 54.61
C ASP D 103 14.71 40.64 53.55
N SER D 104 13.45 40.68 54.02
CA SER D 104 12.31 40.78 53.10
C SER D 104 12.36 42.06 52.28
N ALA D 105 13.06 43.10 52.77
CA ALA D 105 13.07 44.37 52.07
C ALA D 105 13.74 44.28 50.69
N TYR D 106 14.71 43.39 50.53
CA TYR D 106 15.45 43.26 49.28
C TYR D 106 15.01 42.08 48.43
N THR D 107 13.98 41.35 48.85
CA THR D 107 13.44 40.23 48.09
C THR D 107 11.95 40.46 47.86
N GLU D 108 11.47 39.98 46.72
CA GLU D 108 10.06 40.09 46.42
C GLU D 108 9.23 39.42 47.51
N GLY D 109 8.24 40.15 48.03
CA GLY D 109 7.45 39.67 49.14
C GLY D 109 6.35 38.71 48.78
N SER D 110 6.20 38.39 47.49
CA SER D 110 5.13 37.51 47.02
C SER D 110 5.64 36.11 46.69
N THR D 111 6.81 35.99 46.07
CA THR D 111 7.34 34.70 45.66
C THR D 111 8.54 34.26 46.49
N GLY D 112 9.47 35.18 46.79
CA GLY D 112 10.71 34.84 47.44
C GLY D 112 11.95 35.12 46.60
N LYS D 113 11.79 35.63 45.39
CA LYS D 113 12.94 35.96 44.55
C LYS D 113 13.81 37.00 45.24
N THR D 114 15.12 36.82 45.14
CA THR D 114 16.09 37.75 45.72
C THR D 114 16.94 38.39 44.62
N CYS D 115 17.81 39.30 45.03
CA CYS D 115 18.64 40.01 44.05
C CYS D 115 19.53 39.03 43.29
N LEU D 116 20.02 37.99 43.97
CA LEU D 116 20.81 36.98 43.29
C LEU D 116 20.04 36.40 42.12
N MET D 117 18.74 36.17 42.30
CA MET D 117 17.93 35.58 41.25
C MET D 117 17.91 36.48 40.01
N LYS D 118 17.63 37.78 40.21
CA LYS D 118 17.60 38.70 39.08
C LYS D 118 18.96 38.79 38.41
N ALA D 119 20.03 38.85 39.20
CA ALA D 119 21.36 38.97 38.63
C ALA D 119 21.70 37.76 37.78
N VAL D 120 21.38 36.55 38.25
CA VAL D 120 21.73 35.34 37.52
C VAL D 120 20.78 35.07 36.36
N LEU D 121 19.56 35.63 36.41
CA LEU D 121 18.64 35.49 35.29
C LEU D 121 19.07 36.31 34.09
N ASN D 122 19.80 37.42 34.32
CA ASN D 122 20.23 38.31 33.25
C ASN D 122 21.74 38.33 33.21
N LEU D 123 22.31 38.00 32.07
CA LEU D 123 23.76 38.00 31.86
C LEU D 123 24.07 38.58 30.49
N GLN D 124 25.14 39.37 30.41
CA GLN D 124 25.63 39.89 29.15
C GLN D 124 26.55 38.83 28.55
N ASP D 125 26.10 38.20 27.46
CA ASP D 125 26.88 37.17 26.77
C ASP D 125 27.47 36.15 27.75
N GLY D 126 26.77 35.92 28.86
CA GLY D 126 27.20 34.94 29.84
C GLY D 126 28.09 35.44 30.93
N VAL D 127 28.23 36.75 31.10
CA VAL D 127 29.11 37.34 32.11
C VAL D 127 28.29 38.23 33.03
N ASN D 128 28.63 38.21 34.32
CA ASN D 128 28.02 39.11 35.30
C ASN D 128 29.04 39.35 36.41
N ALA D 129 29.76 40.46 36.31
CA ALA D 129 30.81 40.77 37.28
C ALA D 129 30.25 41.13 38.65
N CYS D 130 29.05 41.70 38.70
CA CYS D 130 28.50 42.16 39.98
C CYS D 130 28.29 41.03 40.97
N ILE D 131 28.27 39.78 40.50
CA ILE D 131 27.98 38.66 41.38
C ILE D 131 29.06 38.53 42.45
N LEU D 132 30.33 38.67 42.05
CA LEU D 132 31.43 38.49 43.00
C LEU D 132 31.39 39.50 44.14
N PRO D 133 31.28 40.82 43.88
CA PRO D 133 31.06 41.74 45.00
C PRO D 133 29.82 41.39 45.81
N LEU D 134 28.74 40.99 45.14
CA LEU D 134 27.51 40.66 45.85
C LEU D 134 27.76 39.53 46.84
N LEU D 135 28.35 38.43 46.38
CA LEU D 135 28.55 37.28 47.25
C LEU D 135 29.55 37.60 48.35
N GLN D 136 30.63 38.31 48.02
CA GLN D 136 31.64 38.58 49.04
C GLN D 136 31.08 39.49 50.13
N ILE D 137 30.32 40.52 49.75
CA ILE D 137 29.74 41.40 50.76
C ILE D 137 28.69 40.64 51.56
N ASP D 138 27.91 39.76 50.92
CA ASP D 138 26.92 38.98 51.64
C ASP D 138 27.60 38.11 52.71
N ARG D 139 28.66 37.41 52.34
CA ARG D 139 29.35 36.55 53.30
C ARG D 139 30.04 37.38 54.39
N ASP D 140 30.56 38.55 54.04
CA ASP D 140 31.14 39.41 55.06
C ASP D 140 30.10 39.86 56.08
N SER D 141 28.85 40.07 55.64
CA SER D 141 27.79 40.52 56.54
C SER D 141 26.48 39.90 56.05
N GLY D 142 25.92 39.00 56.85
CA GLY D 142 24.68 38.35 56.46
C GLY D 142 24.28 37.30 57.47
N ASN D 143 23.09 36.76 57.27
CA ASN D 143 22.59 35.67 58.08
C ASN D 143 23.37 34.40 57.73
N PRO D 144 23.37 33.38 58.60
CA PRO D 144 24.20 32.19 58.33
C PRO D 144 24.06 31.66 56.91
N GLN D 145 22.89 31.81 56.29
CA GLN D 145 22.72 31.46 54.89
C GLN D 145 23.06 32.68 54.04
N PRO D 146 24.08 32.62 53.18
CA PRO D 146 24.41 33.79 52.35
C PRO D 146 23.62 33.82 51.05
N LEU D 147 22.29 33.85 51.18
CA LEU D 147 21.37 33.98 50.06
C LEU D 147 21.60 32.92 48.98
N VAL D 148 22.27 31.82 49.33
CA VAL D 148 22.42 30.69 48.41
C VAL D 148 21.47 29.56 48.74
N ASN D 149 21.15 29.34 50.02
CA ASN D 149 20.13 28.37 50.41
C ASN D 149 18.74 28.95 50.41
N ALA D 150 18.60 30.28 50.31
CA ALA D 150 17.28 30.89 50.20
C ALA D 150 16.65 30.48 48.88
N GLN D 151 15.38 30.07 48.95
CA GLN D 151 14.68 29.50 47.81
C GLN D 151 13.29 30.12 47.69
N CYS D 152 12.75 30.10 46.48
CA CYS D 152 11.42 30.64 46.25
C CYS D 152 10.40 29.90 47.10
N THR D 153 9.47 30.68 47.66
CA THR D 153 8.43 30.15 48.53
C THR D 153 7.09 29.98 47.84
N ASP D 154 6.89 30.59 46.68
CA ASP D 154 5.59 30.51 46.01
C ASP D 154 5.24 29.07 45.68
N GLU D 155 3.94 28.76 45.75
CA GLU D 155 3.48 27.41 45.46
C GLU D 155 3.98 26.94 44.10
N PHE D 156 4.12 27.85 43.14
CA PHE D 156 4.58 27.47 41.81
C PHE D 156 5.99 26.89 41.87
N TYR D 157 6.85 27.45 42.71
CA TYR D 157 8.28 27.14 42.74
C TYR D 157 8.78 26.93 44.16
N ARG D 158 8.04 26.19 44.99
CA ARG D 158 8.53 25.91 46.34
C ARG D 158 9.79 25.06 46.27
N GLY D 159 10.76 25.39 47.11
CA GLY D 159 12.04 24.72 47.10
C GLY D 159 12.96 25.13 45.97
N HIS D 160 12.45 25.79 44.93
CA HIS D 160 13.26 26.22 43.81
C HIS D 160 14.32 27.21 44.29
N SER D 161 15.59 26.86 44.06
CA SER D 161 16.71 27.61 44.58
C SER D 161 17.47 28.28 43.43
N ALA D 162 18.46 29.09 43.81
CA ALA D 162 19.28 29.78 42.81
C ALA D 162 20.08 28.79 41.97
N LEU D 163 20.42 27.64 42.54
CA LEU D 163 21.21 26.65 41.79
C LEU D 163 20.45 26.16 40.57
N HIS D 164 19.16 25.87 40.73
CA HIS D 164 18.35 25.47 39.58
C HIS D 164 18.28 26.58 38.55
N ILE D 165 18.08 27.82 39.01
CA ILE D 165 18.03 28.96 38.10
C ILE D 165 19.30 29.04 37.27
N ALA D 166 20.46 28.92 37.92
CA ALA D 166 21.72 28.94 37.21
C ALA D 166 21.83 27.77 36.23
N ILE D 167 21.43 26.58 36.67
CA ILE D 167 21.59 25.39 35.85
C ILE D 167 20.68 25.45 34.63
N GLU D 168 19.63 26.25 34.69
CA GLU D 168 18.72 26.35 33.54
C GLU D 168 19.43 26.91 32.31
N LYS D 169 20.15 28.03 32.47
CA LYS D 169 20.68 28.73 31.31
C LYS D 169 21.81 27.98 30.62
N ARG D 170 22.19 26.79 31.10
CA ARG D 170 23.25 26.00 30.48
C ARG D 170 24.60 26.71 30.63
N SER D 171 24.92 27.11 31.86
CA SER D 171 26.14 27.83 32.16
C SER D 171 26.89 27.12 33.28
N LEU D 172 28.22 27.28 33.27
CA LEU D 172 29.08 26.59 34.21
C LEU D 172 29.66 27.55 35.25
N TRP D 173 30.12 28.71 34.78
CA TRP D 173 30.89 29.59 35.65
C TRP D 173 30.08 30.02 36.86
N CYS D 174 28.81 30.36 36.66
CA CYS D 174 27.97 30.71 37.79
C CYS D 174 27.83 29.53 38.75
N VAL D 175 27.72 28.31 38.21
CA VAL D 175 27.66 27.13 39.06
C VAL D 175 28.94 26.99 39.86
N LYS D 176 30.09 27.20 39.22
CA LYS D 176 31.36 27.11 39.92
C LYS D 176 31.42 28.11 41.07
N LEU D 177 31.03 29.35 40.81
CA LEU D 177 31.08 30.36 41.86
C LEU D 177 30.10 30.04 42.99
N LEU D 178 28.91 29.57 42.63
CA LEU D 178 27.91 29.25 43.65
C LEU D 178 28.39 28.13 44.55
N VAL D 179 28.89 27.04 43.97
CA VAL D 179 29.33 25.91 44.77
C VAL D 179 30.58 26.27 45.56
N GLU D 180 31.48 27.05 44.98
CA GLU D 180 32.69 27.45 45.70
C GLU D 180 32.34 28.24 46.95
N ASN D 181 31.42 29.19 46.84
CA ASN D 181 31.01 29.98 47.99
C ASN D 181 30.13 29.19 48.97
N GLY D 182 29.71 28.00 48.59
CA GLY D 182 28.89 27.17 49.46
C GLY D 182 27.46 27.15 48.97
N ALA D 183 26.82 25.99 49.07
CA ALA D 183 25.44 25.81 48.63
C ALA D 183 24.99 24.42 49.09
N ASN D 184 23.72 24.12 48.84
CA ASN D 184 23.12 22.83 49.20
C ASN D 184 22.62 22.19 47.92
N VAL D 185 23.51 21.46 47.25
CA VAL D 185 23.22 20.88 45.94
C VAL D 185 22.08 19.87 46.05
N HIS D 186 21.93 19.25 47.23
CA HIS D 186 20.85 18.30 47.43
C HIS D 186 19.50 18.97 47.60
N ILE D 187 19.46 20.30 47.72
CA ILE D 187 18.19 20.99 47.87
C ILE D 187 17.33 20.71 46.65
N ARG D 188 16.05 20.45 46.88
CA ARG D 188 15.13 20.03 45.84
C ARG D 188 13.98 21.02 45.73
N ALA D 189 13.46 21.17 44.51
CA ALA D 189 12.43 22.14 44.20
C ALA D 189 11.09 21.43 44.12
N CYS D 190 10.38 21.38 45.25
CA CYS D 190 9.11 20.67 45.37
C CYS D 190 8.01 21.73 45.44
N GLY D 191 7.56 22.17 44.27
CA GLY D 191 6.55 23.21 44.20
C GLY D 191 5.26 22.76 43.55
N ARG D 192 4.89 23.40 42.45
CA ARG D 192 3.72 23.01 41.67
C ARG D 192 4.02 22.83 40.20
N PHE D 193 4.88 23.69 39.63
CA PHE D 193 5.27 23.53 38.23
C PHE D 193 6.09 22.26 38.03
N PHE D 194 7.02 21.99 38.94
CA PHE D 194 7.92 20.86 38.79
C PHE D 194 7.22 19.54 39.09
N GLN D 195 6.30 19.53 40.06
CA GLN D 195 5.60 18.32 40.40
C GLN D 195 4.80 17.82 39.21
N LYS D 196 4.70 16.51 39.06
CA LYS D 196 3.99 15.92 37.93
C LYS D 196 2.50 16.11 38.10
N HIS D 197 1.88 16.81 37.15
CA HIS D 197 0.43 17.00 37.14
C HIS D 197 0.01 17.35 35.71
N GLN D 198 -1.22 17.82 35.56
CA GLN D 198 -1.77 18.16 34.26
C GLN D 198 -1.76 19.67 34.06
N GLY D 199 -1.24 20.11 32.92
CA GLY D 199 -1.18 21.54 32.61
C GLY D 199 0.22 22.03 32.30
N THR D 200 0.58 23.18 32.84
CA THR D 200 1.94 23.71 32.68
C THR D 200 2.86 22.95 33.63
N CYS D 201 3.77 22.16 33.08
CA CYS D 201 4.61 21.30 33.91
C CYS D 201 5.78 20.78 33.10
N PHE D 202 6.83 20.41 33.82
CA PHE D 202 7.97 19.69 33.24
C PHE D 202 8.66 18.95 34.38
N TYR D 203 8.56 17.63 34.39
CA TYR D 203 9.11 16.83 35.46
C TYR D 203 10.56 16.47 35.16
N PHE D 204 11.44 16.73 36.12
CA PHE D 204 12.84 16.38 35.97
C PHE D 204 13.45 15.85 37.27
N GLY D 205 12.62 15.54 38.27
CA GLY D 205 13.10 15.03 39.54
C GLY D 205 13.42 16.08 40.58
N GLU D 206 13.24 17.36 40.27
CA GLU D 206 13.48 18.47 41.20
C GLU D 206 14.76 18.27 42.02
N LEU D 207 15.81 17.83 41.33
CA LEU D 207 17.15 17.87 41.89
C LEU D 207 18.04 18.58 40.88
N PRO D 208 19.00 19.39 41.34
CA PRO D 208 19.89 20.05 40.36
C PRO D 208 20.61 19.07 39.46
N LEU D 209 21.05 17.94 40.00
CA LEU D 209 21.73 16.95 39.17
C LEU D 209 20.76 16.29 38.21
N SER D 210 19.56 15.96 38.68
CA SER D 210 18.54 15.40 37.79
C SER D 210 18.16 16.42 36.72
N LEU D 211 18.07 17.69 37.08
CA LEU D 211 17.81 18.72 36.08
C LEU D 211 18.92 18.76 35.05
N ALA D 212 20.18 18.73 35.49
CA ALA D 212 21.30 18.76 34.55
C ALA D 212 21.24 17.55 33.62
N ALA D 213 20.96 16.38 34.16
CA ALA D 213 20.91 15.17 33.34
C ALA D 213 19.75 15.24 32.34
N CYS D 214 18.57 15.64 32.81
CA CYS D 214 17.43 15.71 31.91
C CYS D 214 17.54 16.88 30.94
N THR D 215 18.45 17.80 31.21
CA THR D 215 18.68 18.95 30.35
C THR D 215 19.96 18.84 29.54
N LYS D 216 20.51 17.64 29.38
CA LYS D 216 21.67 17.40 28.53
C LYS D 216 22.82 18.33 28.91
N GLN D 217 23.02 18.50 30.20
CA GLN D 217 24.14 19.29 30.71
C GLN D 217 25.24 18.32 31.08
N TRP D 218 25.97 17.85 30.07
CA TRP D 218 27.06 16.92 30.26
C TRP D 218 28.10 17.43 31.23
N ASP D 219 28.32 18.74 31.29
CA ASP D 219 29.43 19.31 32.04
C ASP D 219 29.00 19.74 33.44
N VAL D 220 27.79 20.28 33.57
CA VAL D 220 27.32 20.67 34.89
C VAL D 220 27.24 19.46 35.80
N VAL D 221 26.69 18.35 35.31
CA VAL D 221 26.64 17.14 36.14
C VAL D 221 28.03 16.73 36.56
N THR D 222 29.00 16.83 35.65
CA THR D 222 30.36 16.45 35.99
C THR D 222 30.90 17.34 37.11
N TYR D 223 30.66 18.64 37.03
CA TYR D 223 31.15 19.52 38.10
C TYR D 223 30.45 19.21 39.41
N LEU D 224 29.14 18.98 39.39
CA LEU D 224 28.43 18.65 40.61
C LEU D 224 28.97 17.37 41.23
N LEU D 225 29.33 16.40 40.40
CA LEU D 225 29.79 15.12 40.92
C LEU D 225 31.22 15.21 41.45
N GLU D 226 32.08 15.98 40.78
CA GLU D 226 33.50 16.07 41.14
C GLU D 226 33.91 17.47 41.60
N ASN D 227 33.01 18.23 42.19
CA ASN D 227 33.44 19.46 42.87
C ASN D 227 34.11 19.08 44.18
N PRO D 228 35.35 19.50 44.43
CA PRO D 228 36.01 19.09 45.68
C PRO D 228 35.34 19.65 46.93
N HIS D 229 34.75 20.84 46.85
CA HIS D 229 34.22 21.49 48.05
C HIS D 229 33.09 20.67 48.65
N GLN D 230 32.18 20.17 47.81
CA GLN D 230 31.04 19.38 48.29
C GLN D 230 30.50 18.53 47.15
N PRO D 231 31.02 17.31 46.98
CA PRO D 231 30.57 16.46 45.89
C PRO D 231 29.07 16.18 45.95
N ALA D 232 28.46 16.05 44.78
CA ALA D 232 27.02 15.85 44.66
C ALA D 232 26.71 14.36 44.59
N SER D 233 25.87 13.89 45.50
CA SER D 233 25.49 12.47 45.52
C SER D 233 24.68 12.12 44.28
N LEU D 234 24.79 10.86 43.86
CA LEU D 234 24.10 10.36 42.67
C LEU D 234 22.89 9.50 43.01
N GLU D 235 22.81 8.98 44.23
CA GLU D 235 21.68 8.16 44.66
C GLU D 235 20.54 9.01 45.20
N ALA D 236 20.72 10.32 45.27
CA ALA D 236 19.74 11.20 45.89
C ALA D 236 18.38 11.05 45.21
N THR D 237 17.35 10.91 46.03
CA THR D 237 15.98 10.72 45.57
C THR D 237 15.20 12.02 45.71
N ASP D 238 14.19 12.18 44.85
CA ASP D 238 13.34 13.35 44.88
C ASP D 238 12.17 13.09 45.82
N SER D 239 11.35 14.13 46.03
CA SER D 239 10.22 13.99 46.95
C SER D 239 9.36 12.80 46.59
N LEU D 240 9.17 12.56 45.29
CA LEU D 240 8.35 11.45 44.84
C LEU D 240 9.03 10.10 44.99
N GLY D 241 10.35 10.09 45.19
CA GLY D 241 11.11 8.87 45.30
C GLY D 241 11.96 8.56 44.08
N ASN D 242 11.77 9.29 42.98
CA ASN D 242 12.55 9.05 41.78
C ASN D 242 13.99 9.50 41.98
N THR D 243 14.91 8.79 41.33
CA THR D 243 16.30 9.17 41.21
C THR D 243 16.52 9.73 39.81
N VAL D 244 17.77 10.09 39.51
CA VAL D 244 18.07 10.65 38.20
C VAL D 244 17.71 9.66 37.10
N LEU D 245 17.98 8.37 37.32
CA LEU D 245 17.62 7.37 36.33
C LEU D 245 16.11 7.26 36.17
N HIS D 246 15.40 7.25 37.30
CA HIS D 246 13.94 7.26 37.25
C HIS D 246 13.45 8.46 36.44
N ALA D 247 14.01 9.64 36.70
CA ALA D 247 13.58 10.84 35.99
C ALA D 247 13.87 10.72 34.51
N LEU D 248 15.06 10.26 34.14
CA LEU D 248 15.38 10.07 32.72
C LEU D 248 14.38 9.14 32.06
N VAL D 249 13.90 8.14 32.80
CA VAL D 249 12.83 7.30 32.26
C VAL D 249 11.55 8.10 32.10
N MET D 250 11.19 8.88 33.12
CA MET D 250 9.90 9.56 33.10
C MET D 250 9.77 10.51 31.93
N ILE D 251 10.81 11.32 31.67
CA ILE D 251 10.79 12.22 30.53
C ILE D 251 10.89 11.47 29.22
N ALA D 252 11.24 10.19 29.25
CA ALA D 252 11.40 9.43 28.02
C ALA D 252 10.10 9.40 27.24
N ASP D 253 10.21 9.63 25.94
CA ASP D 253 9.11 9.51 25.00
C ASP D 253 9.60 8.72 23.79
N ASN D 254 8.65 8.21 23.03
CA ASN D 254 8.96 7.35 21.89
C ASN D 254 9.45 8.14 20.68
N SER D 255 9.62 9.44 20.82
CA SER D 255 10.26 10.22 19.77
C SER D 255 11.70 9.74 19.57
N PRO D 256 12.13 9.54 18.32
CA PRO D 256 13.50 9.04 18.13
C PRO D 256 14.58 9.91 18.76
N GLU D 257 14.42 11.23 18.67
CA GLU D 257 15.42 12.11 19.27
C GLU D 257 15.35 12.03 20.80
N ASN D 258 14.15 12.03 21.36
CA ASN D 258 14.01 11.90 22.80
C ASN D 258 14.56 10.55 23.27
N SER D 259 14.27 9.48 22.53
CA SER D 259 14.77 8.17 22.92
C SER D 259 16.29 8.15 22.86
N ALA D 260 16.88 8.73 21.82
CA ALA D 260 18.33 8.77 21.73
C ALA D 260 18.93 9.54 22.89
N LEU D 261 18.35 10.70 23.20
CA LEU D 261 18.85 11.49 24.34
C LEU D 261 18.78 10.70 25.63
N VAL D 262 17.62 10.09 25.90
CA VAL D 262 17.44 9.38 27.15
C VAL D 262 18.40 8.21 27.22
N ILE D 263 18.54 7.46 26.13
CA ILE D 263 19.45 6.32 26.14
C ILE D 263 20.87 6.78 26.42
N HIS D 264 21.32 7.82 25.72
CA HIS D 264 22.70 8.27 25.90
C HIS D 264 22.95 8.73 27.33
N MET D 265 22.05 9.55 27.87
CA MET D 265 22.27 10.05 29.22
C MET D 265 22.14 8.94 30.24
N TYR D 266 21.22 7.99 30.02
CA TYR D 266 21.06 6.87 30.93
C TYR D 266 22.34 6.06 31.00
N ASP D 267 22.88 5.66 29.84
CA ASP D 267 24.11 4.88 29.80
C ASP D 267 25.26 5.65 30.43
N SER D 268 25.42 6.92 30.04
CA SER D 268 26.57 7.67 30.51
C SER D 268 26.50 7.89 32.01
N LEU D 269 25.32 8.21 32.53
CA LEU D 269 25.20 8.45 33.96
C LEU D 269 25.39 7.16 34.74
N LEU D 270 24.94 6.03 34.19
CA LEU D 270 25.21 4.75 34.84
C LEU D 270 26.70 4.46 34.89
N GLN D 271 27.42 4.72 33.79
CA GLN D 271 28.86 4.53 33.80
C GLN D 271 29.53 5.43 34.82
N MET D 272 29.12 6.70 34.88
CA MET D 272 29.68 7.62 35.87
C MET D 272 29.43 7.10 37.28
N GLY D 273 28.21 6.66 37.56
CA GLY D 273 27.92 6.12 38.88
C GLY D 273 28.78 4.93 39.21
N ALA D 274 29.05 4.08 38.21
CA ALA D 274 29.93 2.94 38.45
C ALA D 274 31.33 3.40 38.82
N ARG D 275 31.92 4.30 38.02
CA ARG D 275 33.31 4.67 38.27
C ARG D 275 33.45 5.49 39.55
N LEU D 276 32.44 6.29 39.90
CA LEU D 276 32.51 7.14 41.08
C LEU D 276 32.37 6.35 42.37
N CYS D 277 31.22 5.70 42.55
CA CYS D 277 30.94 4.90 43.75
C CYS D 277 30.43 3.54 43.31
N PRO D 278 31.33 2.62 42.94
CA PRO D 278 30.88 1.30 42.48
C PRO D 278 30.11 0.51 43.53
N THR D 279 30.35 0.78 44.82
CA THR D 279 29.80 -0.07 45.86
C THR D 279 28.28 -0.09 45.87
N VAL D 280 27.63 0.90 45.26
CA VAL D 280 26.18 1.04 45.30
C VAL D 280 25.64 0.79 43.90
N GLN D 281 24.59 -0.02 43.81
CA GLN D 281 24.02 -0.42 42.53
C GLN D 281 22.80 0.47 42.25
N LEU D 282 22.94 1.36 41.27
CA LEU D 282 21.91 2.36 41.03
C LEU D 282 20.69 1.81 40.32
N GLU D 283 20.86 0.78 39.48
CA GLU D 283 19.72 0.25 38.73
C GLU D 283 18.65 -0.29 39.65
N ASP D 284 18.98 -0.60 40.90
CA ASP D 284 18.05 -1.19 41.85
C ASP D 284 17.78 -0.16 42.95
N ILE D 285 16.89 0.77 42.67
CA ILE D 285 16.47 1.76 43.65
C ILE D 285 14.96 1.92 43.55
N CYS D 286 14.25 1.34 44.49
CA CYS D 286 12.80 1.40 44.49
C CYS D 286 12.35 2.79 44.91
N ASN D 287 11.62 3.48 44.03
CA ASN D 287 11.07 4.77 44.41
C ASN D 287 9.86 4.52 45.31
N HIS D 288 9.10 5.57 45.61
CA HIS D 288 8.00 5.43 46.56
C HIS D 288 6.95 4.45 46.03
N GLN D 289 6.83 4.33 44.71
CA GLN D 289 5.92 3.33 44.15
C GLN D 289 6.53 1.94 44.17
N GLY D 290 7.82 1.82 44.44
CA GLY D 290 8.46 0.52 44.47
C GLY D 290 8.85 0.02 43.10
N LEU D 291 9.23 0.94 42.22
CA LEU D 291 9.59 0.60 40.86
C LEU D 291 11.03 1.02 40.59
N THR D 292 11.76 0.15 39.93
CA THR D 292 13.08 0.45 39.41
C THR D 292 12.95 1.16 38.07
N PRO D 293 14.04 1.75 37.57
CA PRO D 293 13.93 2.43 36.28
C PRO D 293 13.40 1.53 35.18
N LEU D 294 13.75 0.25 35.18
CA LEU D 294 13.24 -0.67 34.17
C LEU D 294 11.75 -0.94 34.38
N LYS D 295 11.37 -1.25 35.62
CA LYS D 295 9.95 -1.46 35.90
C LYS D 295 9.17 -0.18 35.65
N LEU D 296 9.75 0.97 36.01
CA LEU D 296 9.10 2.24 35.75
C LEU D 296 8.90 2.47 34.25
N ALA D 297 9.90 2.14 33.45
CA ALA D 297 9.76 2.26 32.00
C ALA D 297 8.67 1.34 31.48
N ALA D 298 8.59 0.13 32.03
CA ALA D 298 7.56 -0.80 31.60
C ALA D 298 6.17 -0.28 31.95
N LYS D 299 5.97 0.18 33.17
CA LYS D 299 4.67 0.66 33.59
C LYS D 299 4.27 1.93 32.84
N GLU D 300 5.21 2.85 32.66
CA GLU D 300 4.89 4.12 32.04
C GLU D 300 4.80 4.03 30.52
N GLY D 301 4.93 2.84 29.95
CA GLY D 301 4.75 2.67 28.53
C GLY D 301 5.94 3.04 27.69
N LYS D 302 6.97 3.63 28.26
CA LYS D 302 8.17 3.96 27.50
C LYS D 302 8.74 2.67 26.92
N ILE D 303 8.77 2.58 25.60
CA ILE D 303 9.13 1.34 24.91
C ILE D 303 10.58 1.38 24.44
N GLU D 304 11.03 2.50 23.89
CA GLU D 304 12.39 2.57 23.37
C GLU D 304 13.41 2.46 24.49
N ILE D 305 13.25 3.28 25.53
CA ILE D 305 14.14 3.17 26.68
C ILE D 305 13.95 1.82 27.35
N PHE D 306 12.70 1.32 27.37
CA PHE D 306 12.45 0.02 27.97
C PHE D 306 13.21 -1.07 27.24
N ARG D 307 13.09 -1.13 25.92
CA ARG D 307 13.80 -2.17 25.19
C ARG D 307 15.30 -1.98 25.31
N HIS D 308 15.79 -0.74 25.25
CA HIS D 308 17.22 -0.53 25.39
C HIS D 308 17.72 -1.06 26.73
N ILE D 309 17.11 -0.64 27.83
CA ILE D 309 17.51 -1.17 29.13
C ILE D 309 17.38 -2.67 29.14
N LEU D 310 16.43 -3.20 28.38
CA LEU D 310 16.13 -4.62 28.44
C LEU D 310 17.23 -5.43 27.75
N GLN D 311 18.02 -4.78 26.91
CA GLN D 311 19.09 -5.43 26.16
C GLN D 311 20.18 -4.40 25.88
N ARG D 312 21.22 -4.40 26.73
CA ARG D 312 22.33 -3.48 26.58
C ARG D 312 23.62 -4.17 27.00
N GLU D 313 24.72 -3.80 26.35
CA GLU D 313 26.02 -4.35 26.68
C GLU D 313 27.10 -3.32 26.40
N PHE D 314 28.16 -3.38 27.19
CA PHE D 314 29.27 -2.45 27.11
C PHE D 314 30.57 -3.23 26.85
N SER D 315 31.68 -2.49 26.83
CA SER D 315 32.99 -3.07 26.61
C SER D 315 33.48 -3.70 27.90
N GLY D 316 34.78 -4.03 27.95
CA GLY D 316 35.32 -4.67 29.14
C GLY D 316 35.10 -3.85 30.40
N LEU D 317 35.37 -2.55 30.33
CA LEU D 317 35.09 -1.66 31.45
C LEU D 317 33.61 -1.32 31.46
N TYR D 318 33.03 -1.29 32.66
CA TYR D 318 31.59 -1.13 32.84
C TYR D 318 30.82 -2.34 32.33
N GLN D 319 31.51 -3.45 32.08
CA GLN D 319 30.82 -4.65 31.62
C GLN D 319 29.73 -5.10 32.58
N PRO D 320 29.92 -5.09 33.90
CA PRO D 320 28.83 -5.53 34.79
C PRO D 320 27.55 -4.75 34.59
N LEU D 321 27.64 -3.50 34.12
CA LEU D 321 26.45 -2.71 33.82
C LEU D 321 25.90 -3.08 32.43
N SER D 322 25.65 -4.37 32.26
CA SER D 322 25.15 -4.89 31.00
C SER D 322 24.05 -5.89 31.30
N ARG D 323 22.97 -5.82 30.52
CA ARG D 323 21.84 -6.74 30.69
C ARG D 323 21.94 -7.92 29.72
N LYS D 324 22.33 -7.65 28.48
CA LYS D 324 22.60 -8.71 27.53
C LYS D 324 24.08 -9.03 27.49
N PHE D 325 24.41 -10.31 27.43
CA PHE D 325 25.79 -10.76 27.41
C PHE D 325 26.04 -11.64 26.18
N THR D 326 27.20 -12.27 26.12
CA THR D 326 27.49 -13.25 25.09
C THR D 326 28.62 -14.14 25.61
N GLU D 327 28.30 -15.39 25.95
CA GLU D 327 29.31 -16.26 26.53
C GLU D 327 30.37 -16.63 25.51
N TRP D 328 29.97 -17.30 24.43
CA TRP D 328 30.90 -17.65 23.38
C TRP D 328 30.23 -17.51 22.02
N CYS D 329 31.05 -17.30 21.00
CA CYS D 329 30.60 -17.11 19.63
C CYS D 329 31.28 -18.11 18.71
N TYR D 330 31.28 -19.39 19.11
CA TYR D 330 31.86 -20.43 18.28
C TYR D 330 31.09 -20.57 16.99
N GLY D 331 31.66 -20.08 15.89
CA GLY D 331 30.96 -20.05 14.62
C GLY D 331 30.09 -18.82 14.51
N PRO D 332 29.02 -18.90 13.71
CA PRO D 332 28.09 -17.77 13.58
C PRO D 332 26.99 -17.77 14.63
N VAL D 333 27.08 -18.60 15.67
CA VAL D 333 26.05 -18.65 16.70
C VAL D 333 26.41 -17.68 17.82
N ARG D 334 25.37 -17.12 18.45
CA ARG D 334 25.53 -16.24 19.60
C ARG D 334 24.75 -16.78 20.77
N VAL D 335 25.44 -16.96 21.89
CA VAL D 335 24.81 -17.39 23.13
C VAL D 335 24.45 -16.12 23.87
N SER D 336 23.33 -15.50 23.52
CA SER D 336 22.90 -14.33 24.26
C SER D 336 22.36 -14.74 25.62
N LEU D 337 22.79 -14.02 26.65
CA LEU D 337 22.34 -14.25 28.01
C LEU D 337 21.73 -12.94 28.47
N TYR D 338 20.41 -12.84 28.38
CA TYR D 338 19.68 -11.68 28.84
C TYR D 338 19.46 -11.78 30.34
N ASP D 339 19.80 -10.71 31.05
CA ASP D 339 19.52 -10.67 32.47
C ASP D 339 18.01 -10.74 32.70
N LEU D 340 17.60 -11.60 33.62
CA LEU D 340 16.20 -11.80 33.96
C LEU D 340 15.86 -11.12 35.28
N SER D 341 16.73 -10.24 35.75
CA SER D 341 16.52 -9.57 37.03
C SER D 341 15.43 -8.52 36.84
N SER D 342 14.42 -8.57 37.69
CA SER D 342 13.27 -7.67 37.68
C SER D 342 12.42 -7.82 36.43
N VAL D 343 12.60 -8.90 35.67
CA VAL D 343 11.75 -9.17 34.52
C VAL D 343 11.16 -10.57 34.54
N ASP D 344 11.71 -11.50 35.30
CA ASP D 344 11.10 -12.79 35.44
C ASP D 344 9.94 -12.72 36.42
N SER D 345 8.97 -13.62 36.24
CA SER D 345 7.76 -13.59 37.05
C SER D 345 7.95 -14.17 38.43
N TRP D 346 9.15 -14.68 38.75
CA TRP D 346 9.35 -15.30 40.05
C TRP D 346 9.11 -14.33 41.19
N GLU D 347 9.68 -13.14 41.13
CA GLU D 347 9.60 -12.23 42.26
C GLU D 347 8.21 -11.57 42.33
N LYS D 348 7.93 -10.95 43.47
CA LYS D 348 6.59 -10.46 43.75
C LYS D 348 6.08 -9.55 42.65
N ASN D 349 6.92 -8.64 42.17
CA ASN D 349 6.56 -7.70 41.12
C ASN D 349 7.62 -7.74 40.04
N SER D 350 7.19 -7.84 38.78
CA SER D 350 8.11 -8.07 37.68
C SER D 350 7.66 -7.28 36.46
N VAL D 351 8.57 -7.12 35.51
CA VAL D 351 8.27 -6.39 34.30
C VAL D 351 7.16 -7.07 33.51
N LEU D 352 7.17 -8.41 33.50
CA LEU D 352 6.13 -9.13 32.78
C LEU D 352 4.77 -8.88 33.40
N GLU D 353 4.68 -8.98 34.73
CA GLU D 353 3.42 -8.73 35.41
C GLU D 353 3.00 -7.27 35.23
N ILE D 354 3.94 -6.34 35.30
CA ILE D 354 3.60 -4.93 35.12
C ILE D 354 3.05 -4.68 33.72
N ILE D 355 3.70 -5.23 32.70
CA ILE D 355 3.21 -5.04 31.34
C ILE D 355 1.84 -5.66 31.19
N ALA D 356 1.63 -6.85 31.75
CA ALA D 356 0.38 -7.55 31.52
C ALA D 356 -0.79 -6.87 32.24
N PHE D 357 -0.61 -6.55 33.53
CA PHE D 357 -1.72 -6.13 34.37
C PHE D 357 -1.65 -4.66 34.79
N HIS D 358 -0.48 -4.15 35.16
CA HIS D 358 -0.37 -2.82 35.73
C HIS D 358 -0.21 -1.72 34.70
N CYS D 359 0.33 -2.02 33.53
CA CYS D 359 0.46 -1.02 32.48
C CYS D 359 -0.92 -0.65 31.96
N LYS D 360 -1.10 0.64 31.67
CA LYS D 360 -2.33 1.16 31.09
C LYS D 360 -2.06 1.83 29.75
N SER D 361 -0.93 1.52 29.13
CA SER D 361 -0.57 2.15 27.88
C SER D 361 -1.51 1.67 26.78
N PRO D 362 -1.78 2.51 25.78
CA PRO D 362 -2.74 2.12 24.75
C PRO D 362 -2.35 0.87 23.99
N HIS D 363 -1.05 0.66 23.76
CA HIS D 363 -0.55 -0.42 22.93
C HIS D 363 0.53 -1.19 23.66
N ARG D 364 0.26 -1.55 24.91
CA ARG D 364 1.24 -2.32 25.68
C ARG D 364 1.44 -3.70 25.10
N HIS D 365 0.57 -4.12 24.18
CA HIS D 365 0.74 -5.40 23.52
C HIS D 365 2.00 -5.44 22.67
N ARG D 366 2.61 -4.31 22.39
CA ARG D 366 3.82 -4.28 21.58
C ARG D 366 5.10 -4.39 22.40
N MET D 367 5.03 -4.37 23.73
CA MET D 367 6.22 -4.61 24.53
C MET D 367 6.45 -6.08 24.84
N VAL D 368 5.45 -6.93 24.64
CA VAL D 368 5.61 -8.36 24.90
C VAL D 368 6.08 -9.10 23.67
N VAL D 369 6.57 -8.39 22.66
CA VAL D 369 7.17 -9.01 21.48
C VAL D 369 8.64 -8.68 21.35
N LEU D 370 9.22 -8.00 22.34
CA LEU D 370 10.64 -7.73 22.34
C LEU D 370 11.41 -9.02 22.63
N GLU D 371 12.70 -9.01 22.34
CA GLU D 371 13.48 -10.25 22.29
C GLU D 371 13.40 -11.06 23.58
N PRO D 372 13.89 -10.54 24.71
CA PRO D 372 13.83 -11.34 25.93
C PRO D 372 12.42 -11.74 26.28
N LEU D 373 11.47 -10.81 26.14
CA LEU D 373 10.10 -11.08 26.56
C LEU D 373 9.41 -12.03 25.60
N ASN D 374 9.61 -11.85 24.30
CA ASN D 374 9.02 -12.73 23.33
C ASN D 374 9.54 -14.16 23.45
N LYS D 375 10.81 -14.33 23.79
CA LYS D 375 11.36 -15.68 23.95
C LYS D 375 11.00 -16.31 25.29
N LEU D 376 11.13 -15.56 26.39
CA LEU D 376 10.76 -16.09 27.70
C LEU D 376 9.29 -16.45 27.74
N LEU D 377 8.44 -15.57 27.22
CA LEU D 377 7.02 -15.83 27.22
C LEU D 377 6.67 -17.03 26.36
N GLN D 378 7.36 -17.19 25.22
CA GLN D 378 7.12 -18.35 24.39
C GLN D 378 7.51 -19.62 25.11
N GLU D 379 8.65 -19.62 25.81
CA GLU D 379 9.06 -20.80 26.56
C GLU D 379 8.06 -21.12 27.66
N LYS D 380 7.60 -20.10 28.37
CA LYS D 380 6.62 -20.34 29.43
C LYS D 380 5.32 -20.89 28.87
N TRP D 381 4.86 -20.34 27.74
CA TRP D 381 3.68 -20.86 27.09
C TRP D 381 3.86 -22.31 26.72
N ASP D 382 5.02 -22.65 26.15
CA ASP D 382 5.26 -24.03 25.77
C ASP D 382 5.23 -24.95 26.96
N ARG D 383 5.81 -24.52 28.08
CA ARG D 383 5.77 -25.33 29.29
C ARG D 383 4.35 -25.46 29.84
N LEU D 384 3.50 -24.48 29.59
CA LEU D 384 2.17 -24.47 30.17
C LEU D 384 1.10 -25.01 29.23
N ILE D 385 1.44 -25.34 27.98
CA ILE D 385 0.45 -25.94 27.09
C ILE D 385 -0.29 -27.09 27.75
N PRO D 386 0.38 -28.02 28.45
CA PRO D 386 -0.38 -29.07 29.14
C PRO D 386 -1.45 -28.53 30.05
N ARG D 387 -1.16 -27.50 30.85
CA ARG D 387 -2.18 -26.99 31.76
C ARG D 387 -3.22 -26.17 31.03
N PHE D 388 -2.84 -25.44 29.99
CA PHE D 388 -3.85 -24.73 29.23
C PHE D 388 -4.85 -25.70 28.65
N PHE D 389 -4.38 -26.80 28.06
CA PHE D 389 -5.30 -27.78 27.53
C PHE D 389 -6.07 -28.49 28.63
N PHE D 390 -5.46 -28.71 29.80
CA PHE D 390 -6.22 -29.31 30.88
C PHE D 390 -7.34 -28.41 31.35
N ASN D 391 -7.07 -27.11 31.48
CA ASN D 391 -8.13 -26.17 31.81
C ASN D 391 -9.21 -26.18 30.74
N PHE D 392 -8.80 -26.17 29.48
CA PHE D 392 -9.76 -26.22 28.39
C PHE D 392 -10.62 -27.47 28.47
N ALA D 393 -9.99 -28.62 28.71
CA ALA D 393 -10.72 -29.88 28.72
C ALA D 393 -11.65 -29.96 29.93
N CYS D 394 -11.20 -29.47 31.07
CA CYS D 394 -12.07 -29.46 32.24
C CYS D 394 -13.28 -28.57 32.02
N TYR D 395 -13.07 -27.39 31.42
CA TYR D 395 -14.19 -26.50 31.15
C TYR D 395 -15.11 -27.10 30.09
N LEU D 396 -14.55 -27.73 29.07
CA LEU D 396 -15.36 -28.36 28.04
C LEU D 396 -16.18 -29.50 28.62
N VAL D 397 -15.59 -30.30 29.50
CA VAL D 397 -16.34 -31.37 30.14
C VAL D 397 -17.46 -30.78 30.98
N TYR D 398 -17.17 -29.68 31.69
CA TYR D 398 -18.20 -29.08 32.51
C TYR D 398 -19.35 -28.58 31.66
N MET D 399 -19.05 -27.98 30.50
CA MET D 399 -20.13 -27.53 29.64
C MET D 399 -20.85 -28.69 28.96
N ILE D 400 -20.16 -29.79 28.69
CA ILE D 400 -20.86 -30.96 28.20
C ILE D 400 -21.87 -31.44 29.23
N ILE D 401 -21.44 -31.56 30.48
CA ILE D 401 -22.35 -31.97 31.55
C ILE D 401 -23.50 -30.98 31.66
N PHE D 402 -23.19 -29.68 31.52
CA PHE D 402 -24.21 -28.65 31.73
C PHE D 402 -25.24 -28.69 30.62
N THR D 403 -24.79 -28.91 29.39
CA THR D 403 -25.70 -29.08 28.26
C THR D 403 -26.56 -30.32 28.45
N ILE D 404 -25.95 -31.43 28.87
CA ILE D 404 -26.71 -32.66 29.07
C ILE D 404 -27.79 -32.43 30.13
N VAL D 405 -27.42 -31.78 31.23
CA VAL D 405 -28.39 -31.56 32.30
C VAL D 405 -29.51 -30.66 31.83
N ALA D 406 -29.18 -29.57 31.13
CA ALA D 406 -30.20 -28.65 30.66
C ALA D 406 -31.13 -29.31 29.63
N TYR D 407 -30.61 -30.21 28.81
CA TYR D 407 -31.43 -30.87 27.80
C TYR D 407 -32.40 -31.87 28.43
N HIS D 408 -31.89 -32.75 29.28
CA HIS D 408 -32.72 -33.75 29.96
C HIS D 408 -33.02 -33.30 31.39
N GLN D 409 -34.02 -32.46 31.53
CA GLN D 409 -34.39 -31.94 32.83
C GLN D 409 -35.92 -31.90 32.97
N PRO D 410 -36.45 -32.16 34.17
CA PRO D 410 -37.91 -32.30 34.27
C PRO D 410 -38.62 -31.03 33.86
N SER D 411 -39.75 -31.19 33.18
CA SER D 411 -40.41 -30.08 32.55
C SER D 411 -41.10 -29.20 33.58
N THR D 423 -35.29 -43.08 40.93
CA THR D 423 -34.69 -44.23 40.26
C THR D 423 -33.30 -43.89 39.74
N PHE D 424 -32.76 -44.73 38.86
CA PHE D 424 -31.40 -44.52 38.37
C PHE D 424 -31.31 -43.21 37.57
N GLY D 425 -32.27 -42.97 36.69
CA GLY D 425 -32.25 -41.74 35.92
C GLY D 425 -32.32 -40.51 36.80
N ASP D 426 -33.20 -40.54 37.80
CA ASP D 426 -33.30 -39.44 38.74
C ASP D 426 -31.99 -39.25 39.50
N SER D 427 -31.36 -40.36 39.91
CA SER D 427 -30.11 -40.25 40.64
C SER D 427 -29.01 -39.63 39.79
N MET D 428 -28.90 -40.07 38.53
CA MET D 428 -27.90 -39.49 37.64
C MET D 428 -28.17 -38.02 37.39
N LEU D 429 -29.44 -37.66 37.17
CA LEU D 429 -29.78 -36.26 37.01
C LEU D 429 -29.40 -35.46 38.24
N LEU D 430 -29.66 -35.99 39.43
CA LEU D 430 -29.36 -35.27 40.66
C LEU D 430 -27.85 -35.07 40.81
N LEU D 431 -27.07 -36.11 40.56
CA LEU D 431 -25.62 -35.96 40.72
C LEU D 431 -25.08 -34.97 39.69
N GLY D 432 -25.62 -35.01 38.47
CA GLY D 432 -25.22 -34.02 37.47
C GLY D 432 -25.59 -32.61 37.89
N HIS D 433 -26.78 -32.43 38.45
CA HIS D 433 -27.19 -31.11 38.92
C HIS D 433 -26.26 -30.59 40.01
N ILE D 434 -25.95 -31.43 40.99
CA ILE D 434 -25.08 -30.97 42.07
C ILE D 434 -23.69 -30.70 41.53
N LEU D 435 -23.24 -31.50 40.56
CA LEU D 435 -21.95 -31.25 39.94
C LEU D 435 -21.94 -29.91 39.22
N ILE D 436 -23.04 -29.57 38.56
CA ILE D 436 -23.13 -28.28 37.87
C ILE D 436 -23.13 -27.14 38.87
N LEU D 437 -23.84 -27.31 39.98
CA LEU D 437 -23.84 -26.27 41.01
C LEU D 437 -22.43 -26.07 41.55
N LEU D 438 -21.72 -27.18 41.82
CA LEU D 438 -20.37 -27.09 42.34
C LEU D 438 -19.44 -26.43 41.33
N GLY D 439 -19.56 -26.80 40.05
CA GLY D 439 -18.73 -26.17 39.03
C GLY D 439 -19.01 -24.69 38.89
N GLY D 440 -20.29 -24.31 38.95
CA GLY D 440 -20.62 -22.90 38.89
C GLY D 440 -20.05 -22.13 40.06
N ILE D 441 -20.15 -22.70 41.26
CA ILE D 441 -19.57 -22.03 42.42
C ILE D 441 -18.06 -21.97 42.29
N TYR D 442 -17.44 -23.02 41.75
CA TYR D 442 -16.00 -23.02 41.53
C TYR D 442 -15.58 -21.89 40.61
N LEU D 443 -16.27 -21.74 39.48
CA LEU D 443 -15.93 -20.67 38.54
C LEU D 443 -16.21 -19.31 39.16
N LEU D 444 -17.30 -19.19 39.91
CA LEU D 444 -17.60 -17.93 40.58
C LEU D 444 -16.49 -17.56 41.56
N LEU D 445 -16.04 -18.51 42.36
CA LEU D 445 -14.96 -18.24 43.31
C LEU D 445 -13.68 -17.90 42.57
N GLY D 446 -13.38 -18.62 41.50
CA GLY D 446 -12.18 -18.33 40.74
C GLY D 446 -12.19 -16.91 40.19
N GLN D 447 -13.32 -16.49 39.63
CA GLN D 447 -13.39 -15.15 39.05
C GLN D 447 -13.39 -14.09 40.14
N LEU D 448 -14.08 -14.36 41.26
CA LEU D 448 -14.08 -13.42 42.36
C LEU D 448 -12.68 -13.23 42.91
N TRP D 449 -11.91 -14.31 42.99
CA TRP D 449 -10.54 -14.20 43.49
C TRP D 449 -9.62 -13.57 42.46
N TYR D 450 -9.89 -13.80 41.18
CA TYR D 450 -9.15 -13.08 40.14
C TYR D 450 -9.35 -11.58 40.29
N PHE D 451 -10.55 -11.18 40.71
CA PHE D 451 -10.82 -9.75 40.84
C PHE D 451 -10.31 -9.19 42.16
N TRP D 452 -10.50 -9.92 43.27
CA TRP D 452 -10.02 -9.45 44.57
C TRP D 452 -8.51 -9.39 44.59
N ARG D 453 -7.84 -10.48 44.20
CA ARG D 453 -6.39 -10.48 44.12
C ARG D 453 -5.89 -9.43 43.14
N ARG D 454 -6.76 -9.00 42.24
CA ARG D 454 -6.40 -8.03 41.21
C ARG D 454 -7.41 -6.89 41.16
N ARG D 455 -7.78 -6.36 42.34
CA ARG D 455 -8.82 -5.35 42.41
C ARG D 455 -8.42 -4.04 41.75
N LEU D 456 -7.13 -3.88 41.40
CA LEU D 456 -6.62 -2.65 40.80
C LEU D 456 -6.40 -2.80 39.30
N PHE D 457 -7.31 -3.50 38.61
CA PHE D 457 -7.13 -3.81 37.19
C PHE D 457 -8.25 -3.27 36.30
N ILE D 458 -9.50 -3.29 36.78
CA ILE D 458 -10.61 -2.88 35.93
C ILE D 458 -10.38 -1.49 35.38
N TRP D 459 -10.00 -0.55 36.24
CA TRP D 459 -9.88 0.85 35.82
C TRP D 459 -8.81 1.03 34.75
N ILE D 460 -7.78 0.19 34.73
CA ILE D 460 -6.73 0.34 33.71
C ILE D 460 -7.30 0.01 32.34
N SER D 461 -7.80 -1.21 32.15
CA SER D 461 -8.34 -1.61 30.85
C SER D 461 -9.52 -2.54 31.13
N PHE D 462 -10.72 -1.98 31.05
CA PHE D 462 -11.93 -2.76 31.25
C PHE D 462 -12.07 -3.85 30.19
N MET D 463 -11.81 -3.50 28.94
CA MET D 463 -12.11 -4.37 27.81
C MET D 463 -10.89 -5.19 27.37
N ASP D 464 -9.77 -5.10 28.07
CA ASP D 464 -8.64 -5.96 27.71
C ASP D 464 -8.99 -7.42 27.90
N SER D 465 -9.59 -7.76 29.04
CA SER D 465 -9.91 -9.13 29.37
C SER D 465 -11.27 -9.54 28.83
N TYR D 466 -12.34 -8.90 29.30
CA TYR D 466 -13.72 -9.07 28.83
C TYR D 466 -14.17 -10.52 28.82
N PHE D 467 -13.37 -11.43 29.37
CA PHE D 467 -13.76 -12.82 29.51
C PHE D 467 -13.85 -13.23 30.96
N GLU D 468 -13.03 -12.66 31.83
CA GLU D 468 -13.26 -12.83 33.26
C GLU D 468 -14.58 -12.20 33.66
N ILE D 469 -14.97 -11.11 33.01
CA ILE D 469 -16.31 -10.59 33.21
C ILE D 469 -17.35 -11.59 32.72
N LEU D 470 -17.14 -12.15 31.52
CA LEU D 470 -18.11 -13.09 30.98
C LEU D 470 -18.11 -14.40 31.74
N PHE D 471 -16.94 -14.90 32.15
CA PHE D 471 -16.92 -16.10 32.97
C PHE D 471 -17.60 -15.85 34.31
N LEU D 472 -17.37 -14.68 34.91
CA LEU D 472 -18.04 -14.36 36.16
C LEU D 472 -19.54 -14.29 35.97
N VAL D 473 -19.99 -13.67 34.89
CA VAL D 473 -21.43 -13.55 34.64
C VAL D 473 -22.04 -14.93 34.44
N GLN D 474 -21.36 -15.79 33.68
CA GLN D 474 -21.90 -17.14 33.45
C GLN D 474 -21.99 -17.92 34.75
N ALA D 475 -20.95 -17.85 35.58
CA ALA D 475 -20.99 -18.57 36.85
C ALA D 475 -22.06 -18.01 37.78
N LEU D 476 -22.19 -16.69 37.82
CA LEU D 476 -23.22 -16.05 38.64
C LEU D 476 -24.60 -16.49 38.19
N LEU D 477 -24.84 -16.48 36.87
CA LEU D 477 -26.13 -16.89 36.36
C LEU D 477 -26.41 -18.35 36.68
N THR D 478 -25.38 -19.20 36.63
CA THR D 478 -25.59 -20.60 36.95
C THR D 478 -26.01 -20.77 38.40
N VAL D 479 -25.28 -20.17 39.34
CA VAL D 479 -25.60 -20.35 40.75
C VAL D 479 -26.95 -19.72 41.07
N LEU D 480 -27.21 -18.54 40.51
CA LEU D 480 -28.49 -17.88 40.72
C LEU D 480 -29.62 -18.72 40.15
N SER D 481 -29.39 -19.37 39.01
CA SER D 481 -30.39 -20.26 38.46
C SER D 481 -30.70 -21.38 39.43
N GLN D 482 -29.66 -22.01 39.98
CA GLN D 482 -29.90 -23.11 40.92
C GLN D 482 -30.67 -22.63 42.15
N VAL D 483 -30.29 -21.49 42.72
CA VAL D 483 -30.97 -21.05 43.94
C VAL D 483 -32.43 -20.77 43.65
N LEU D 484 -32.73 -20.07 42.55
CA LEU D 484 -34.12 -19.85 42.19
C LEU D 484 -34.85 -21.16 41.94
N ARG D 485 -34.17 -22.19 41.46
CA ARG D 485 -34.85 -23.48 41.33
C ARG D 485 -35.24 -23.99 42.70
N PHE D 486 -34.34 -23.85 43.67
CA PHE D 486 -34.68 -24.20 45.05
C PHE D 486 -35.90 -23.42 45.51
N VAL D 487 -36.04 -22.18 45.03
CA VAL D 487 -37.21 -21.37 45.32
C VAL D 487 -38.41 -21.74 44.48
N GLU D 488 -38.25 -22.67 43.54
CA GLU D 488 -39.33 -23.06 42.62
C GLU D 488 -39.93 -21.82 41.96
N THR D 489 -39.10 -21.15 41.18
CA THR D 489 -39.51 -19.98 40.41
C THR D 489 -39.48 -20.31 38.93
N GLU D 490 -40.44 -19.76 38.19
CA GLU D 490 -40.54 -20.00 36.77
C GLU D 490 -39.51 -19.22 35.96
N TRP D 491 -38.75 -18.34 36.61
CA TRP D 491 -37.69 -17.60 35.96
C TRP D 491 -36.38 -18.37 36.01
N TYR D 492 -36.41 -19.58 36.54
CA TYR D 492 -35.28 -20.50 36.41
C TYR D 492 -34.81 -20.66 34.98
N LEU D 493 -35.69 -21.16 34.11
CA LEU D 493 -35.23 -21.66 32.82
C LEU D 493 -34.53 -20.59 31.99
N PRO D 494 -35.03 -19.36 31.91
CA PRO D 494 -34.28 -18.34 31.16
C PRO D 494 -32.88 -18.13 31.68
N LEU D 495 -32.69 -18.15 33.00
CA LEU D 495 -31.36 -17.95 33.56
C LEU D 495 -30.45 -19.14 33.29
N LEU D 496 -30.95 -20.36 33.47
CA LEU D 496 -30.11 -21.52 33.19
C LEU D 496 -29.72 -21.56 31.71
N VAL D 497 -30.66 -21.23 30.83
CA VAL D 497 -30.38 -21.28 29.40
C VAL D 497 -29.44 -20.14 29.00
N SER D 498 -29.55 -18.99 29.65
CA SER D 498 -28.59 -17.92 29.40
C SER D 498 -27.20 -18.34 29.86
N SER D 499 -27.11 -19.03 30.99
CA SER D 499 -25.82 -19.56 31.43
C SER D 499 -25.26 -20.53 30.41
N LEU D 500 -26.11 -21.38 29.86
CA LEU D 500 -25.67 -22.32 28.83
C LEU D 500 -25.10 -21.59 27.62
N VAL D 501 -25.86 -20.64 27.08
CA VAL D 501 -25.40 -19.91 25.91
C VAL D 501 -24.09 -19.21 26.23
N LEU D 502 -24.02 -18.55 27.38
CA LEU D 502 -22.84 -17.76 27.69
C LEU D 502 -21.61 -18.64 27.90
N GLY D 503 -21.79 -19.82 28.50
CA GLY D 503 -20.64 -20.70 28.65
C GLY D 503 -20.15 -21.23 27.33
N TRP D 504 -21.07 -21.58 26.44
CA TRP D 504 -20.65 -22.03 25.12
C TRP D 504 -19.94 -20.92 24.35
N LEU D 505 -20.39 -19.67 24.53
CA LEU D 505 -19.65 -18.55 23.95
C LEU D 505 -18.29 -18.39 24.62
N ASN D 506 -18.22 -18.60 25.93
CA ASN D 506 -16.98 -18.44 26.66
C ASN D 506 -15.91 -19.41 26.19
N LEU D 507 -16.31 -20.58 25.72
CA LEU D 507 -15.34 -21.52 25.16
C LEU D 507 -14.38 -20.84 24.19
N LEU D 508 -14.80 -19.75 23.55
CA LEU D 508 -13.90 -19.04 22.66
C LEU D 508 -12.79 -18.35 23.41
N TYR D 509 -12.89 -18.27 24.73
CA TYR D 509 -11.72 -17.88 25.49
C TYR D 509 -10.61 -18.89 25.25
N TYR D 510 -10.95 -20.16 25.32
CA TYR D 510 -9.94 -21.20 25.22
C TYR D 510 -9.52 -21.42 23.78
N THR D 511 -10.41 -21.13 22.83
CA THR D 511 -10.06 -21.40 21.44
C THR D 511 -8.84 -20.62 20.97
N ARG D 512 -8.34 -19.68 21.77
CA ARG D 512 -7.18 -18.90 21.38
C ARG D 512 -5.89 -19.32 22.07
N GLY D 513 -5.70 -20.60 22.33
CA GLY D 513 -4.39 -21.12 22.59
C GLY D 513 -3.64 -21.47 21.32
N PHE D 514 -4.19 -21.07 20.17
CA PHE D 514 -3.65 -21.40 18.86
C PHE D 514 -3.42 -20.11 18.08
N GLN D 515 -2.29 -20.05 17.38
CA GLN D 515 -2.00 -18.92 16.51
C GLN D 515 -3.13 -18.73 15.50
N HIS D 516 -3.59 -19.82 14.90
CA HIS D 516 -4.59 -19.75 13.85
C HIS D 516 -5.92 -19.17 14.34
N THR D 517 -6.39 -19.59 15.51
CA THR D 517 -7.71 -19.20 15.99
C THR D 517 -7.68 -18.05 16.98
N GLY D 518 -6.57 -17.87 17.70
CA GLY D 518 -6.51 -16.79 18.65
C GLY D 518 -6.51 -15.43 18.00
N ILE D 519 -5.81 -15.30 16.87
CA ILE D 519 -5.84 -14.05 16.13
C ILE D 519 -7.23 -13.81 15.58
N TYR D 520 -7.92 -14.88 15.18
CA TYR D 520 -9.30 -14.74 14.74
C TYR D 520 -10.18 -14.20 15.85
N SER D 521 -10.01 -14.70 17.07
CA SER D 521 -10.80 -14.20 18.19
C SER D 521 -10.49 -12.75 18.49
N VAL D 522 -9.20 -12.39 18.51
CA VAL D 522 -8.82 -11.00 18.74
C VAL D 522 -9.47 -10.11 17.70
N MET D 523 -9.48 -10.56 16.45
CA MET D 523 -9.95 -9.72 15.36
C MET D 523 -11.48 -9.67 15.33
N ILE D 524 -12.14 -10.71 15.84
CA ILE D 524 -13.57 -10.62 16.10
C ILE D 524 -13.85 -9.54 17.14
N GLN D 525 -13.05 -9.52 18.20
CA GLN D 525 -13.23 -8.51 19.24
C GLN D 525 -13.05 -7.12 18.68
N LYS D 526 -12.02 -6.92 17.86
CA LYS D 526 -11.78 -5.61 17.28
C LYS D 526 -12.93 -5.21 16.36
N VAL D 527 -13.44 -6.16 15.57
CA VAL D 527 -14.58 -5.85 14.70
C VAL D 527 -15.78 -5.42 15.53
N ILE D 528 -16.11 -6.20 16.56
CA ILE D 528 -17.28 -5.86 17.39
C ILE D 528 -17.11 -4.47 17.97
N LEU D 529 -15.95 -4.21 18.56
CA LEU D 529 -15.78 -3.00 19.33
C LEU D 529 -15.56 -1.80 18.45
N ARG D 530 -15.23 -2.01 17.17
CA ARG D 530 -14.90 -0.89 16.29
C ARG D 530 -16.05 -0.54 15.36
N ASP D 531 -16.57 -1.52 14.64
CA ASP D 531 -17.55 -1.24 13.59
C ASP D 531 -18.71 -2.21 13.66
N LEU D 532 -19.19 -2.49 14.87
CA LEU D 532 -20.49 -3.12 15.07
C LEU D 532 -21.40 -2.33 15.98
N LEU D 533 -20.85 -1.66 16.98
CA LEU D 533 -21.66 -0.84 17.87
C LEU D 533 -22.14 0.43 17.19
N ARG D 534 -21.29 1.05 16.36
CA ARG D 534 -21.76 2.18 15.57
C ARG D 534 -22.88 1.76 14.64
N PHE D 535 -22.71 0.62 13.97
CA PHE D 535 -23.75 0.13 13.09
C PHE D 535 -25.03 -0.13 13.86
N LEU D 536 -24.93 -0.75 15.03
CA LEU D 536 -26.14 -1.02 15.80
C LEU D 536 -26.83 0.27 16.23
N LEU D 537 -26.07 1.27 16.66
CA LEU D 537 -26.69 2.53 17.05
C LEU D 537 -27.46 3.14 15.89
N VAL D 538 -26.80 3.30 14.75
CA VAL D 538 -27.45 3.94 13.61
C VAL D 538 -28.63 3.09 13.13
N TYR D 539 -28.44 1.78 13.08
CA TYR D 539 -29.46 0.87 12.60
C TYR D 539 -30.68 0.90 13.50
N LEU D 540 -30.48 0.92 14.81
CA LEU D 540 -31.61 0.92 15.72
C LEU D 540 -32.34 2.25 15.70
N VAL D 541 -31.62 3.35 15.50
CA VAL D 541 -32.31 4.64 15.32
C VAL D 541 -33.20 4.57 14.08
N PHE D 542 -32.65 4.12 12.95
CA PHE D 542 -33.44 3.98 11.74
C PHE D 542 -34.63 3.09 11.97
N LEU D 543 -34.41 1.94 12.62
CA LEU D 543 -35.45 0.95 12.78
C LEU D 543 -36.57 1.48 13.67
N PHE D 544 -36.23 2.14 14.76
CA PHE D 544 -37.27 2.69 15.62
C PHE D 544 -38.06 3.75 14.88
N GLY D 545 -37.39 4.65 14.16
CA GLY D 545 -38.11 5.66 13.43
C GLY D 545 -39.08 5.06 12.44
N PHE D 546 -38.61 4.12 11.63
CA PHE D 546 -39.46 3.54 10.60
C PHE D 546 -40.54 2.65 11.19
N ALA D 547 -40.25 2.01 12.32
CA ALA D 547 -41.24 1.12 12.94
C ALA D 547 -42.39 1.92 13.50
N VAL D 548 -42.09 2.99 14.23
CA VAL D 548 -43.17 3.81 14.76
C VAL D 548 -43.90 4.50 13.62
N ALA D 549 -43.19 4.83 12.54
CA ALA D 549 -43.85 5.39 11.37
C ALA D 549 -44.86 4.41 10.78
N LEU D 550 -44.44 3.17 10.54
CA LEU D 550 -45.34 2.19 9.93
C LEU D 550 -46.51 1.86 10.85
N VAL D 551 -46.25 1.80 12.16
CA VAL D 551 -47.34 1.58 13.10
C VAL D 551 -48.35 2.72 13.03
N SER D 552 -47.85 3.96 12.96
CA SER D 552 -48.75 5.10 12.83
C SER D 552 -49.62 4.99 11.59
N LEU D 553 -49.00 4.73 10.44
CA LEU D 553 -49.76 4.34 9.27
C LEU D 553 -50.27 2.92 9.48
N SER D 554 -50.88 2.34 8.45
CA SER D 554 -51.37 0.97 8.52
C SER D 554 -52.32 0.77 9.69
N ARG D 555 -52.82 1.85 10.27
CA ARG D 555 -53.77 1.82 11.36
C ARG D 555 -55.18 2.14 10.90
N GLU D 556 -55.35 2.58 9.65
CA GLU D 556 -56.65 2.88 9.09
C GLU D 556 -56.82 2.09 7.81
N ALA D 557 -57.80 1.20 7.78
CA ALA D 557 -58.10 0.44 6.59
C ALA D 557 -58.82 1.31 5.57
N ARG D 558 -59.30 0.67 4.52
CA ARG D 558 -60.11 1.37 3.52
C ARG D 558 -61.59 1.11 3.74
N PRO D 582 -55.87 -10.12 12.25
CA PRO D 582 -54.49 -10.16 11.76
C PRO D 582 -54.10 -8.88 11.01
N VAL D 583 -53.82 -7.83 11.77
CA VAL D 583 -53.47 -6.52 11.22
C VAL D 583 -51.94 -6.42 11.21
N PRO D 584 -51.32 -6.18 10.06
CA PRO D 584 -49.87 -6.01 10.04
C PRO D 584 -49.45 -4.75 10.78
N TYR D 585 -48.25 -4.80 11.36
CA TYR D 585 -47.71 -3.66 12.09
C TYR D 585 -48.67 -3.24 13.20
N GLY D 586 -49.17 -4.23 13.95
CA GLY D 586 -50.13 -3.93 15.00
C GLY D 586 -49.56 -3.02 16.07
N GLY D 587 -48.33 -3.28 16.49
CA GLY D 587 -47.71 -2.49 17.53
C GLY D 587 -46.27 -2.20 17.22
N ILE D 588 -45.55 -1.59 18.17
CA ILE D 588 -44.16 -1.25 17.93
C ILE D 588 -43.31 -2.51 17.83
N LEU D 589 -43.59 -3.51 18.66
CA LEU D 589 -42.80 -4.73 18.63
C LEU D 589 -42.95 -5.44 17.29
N ASP D 590 -44.18 -5.55 16.78
CA ASP D 590 -44.38 -6.24 15.51
C ASP D 590 -43.68 -5.51 14.38
N ALA D 591 -43.82 -4.18 14.32
CA ALA D 591 -43.18 -3.43 13.25
C ALA D 591 -41.67 -3.55 13.34
N SER D 592 -41.12 -3.46 14.54
CA SER D 592 -39.68 -3.61 14.70
C SER D 592 -39.22 -4.98 14.23
N LEU D 593 -40.00 -6.02 14.56
CA LEU D 593 -39.60 -7.37 14.17
C LEU D 593 -39.69 -7.54 12.65
N GLU D 594 -40.68 -6.93 12.01
CA GLU D 594 -40.76 -6.98 10.55
C GLU D 594 -39.57 -6.29 9.90
N LEU D 595 -39.18 -5.14 10.42
CA LEU D 595 -38.02 -4.43 9.88
C LEU D 595 -36.74 -5.24 10.08
N PHE D 596 -36.56 -5.83 11.25
CA PHE D 596 -35.40 -6.68 11.43
C PHE D 596 -35.45 -7.87 10.48
N LYS D 597 -36.62 -8.44 10.23
CA LYS D 597 -36.74 -9.47 9.23
C LYS D 597 -36.15 -9.00 7.91
N PHE D 598 -36.50 -7.78 7.50
CA PHE D 598 -35.84 -7.21 6.33
C PHE D 598 -34.33 -7.31 6.47
N THR D 599 -33.83 -7.02 7.66
CA THR D 599 -32.37 -7.07 7.84
C THR D 599 -31.81 -8.46 7.61
N ILE D 600 -32.53 -9.51 8.00
CA ILE D 600 -31.98 -10.87 7.90
C ILE D 600 -32.38 -11.59 6.63
N GLY D 601 -32.91 -10.89 5.64
CA GLY D 601 -33.25 -11.49 4.37
C GLY D 601 -34.65 -12.06 4.30
N MET D 602 -35.54 -11.68 5.20
CA MET D 602 -36.87 -12.25 5.33
C MET D 602 -37.94 -11.18 5.34
N GLY D 603 -37.63 -10.02 4.77
CA GLY D 603 -38.57 -8.91 4.82
C GLY D 603 -39.72 -9.11 3.86
N GLU D 604 -40.94 -9.01 4.38
CA GLU D 604 -42.16 -9.07 3.56
C GLU D 604 -42.40 -7.69 2.98
N LEU D 605 -42.13 -7.56 1.69
CA LEU D 605 -42.28 -6.30 0.98
C LEU D 605 -43.42 -6.48 -0.02
N ALA D 606 -44.64 -6.25 0.45
CA ALA D 606 -45.84 -6.43 -0.32
C ALA D 606 -46.59 -5.12 -0.43
N PHE D 607 -47.64 -5.12 -1.22
CA PHE D 607 -48.50 -3.95 -1.41
C PHE D 607 -49.81 -4.26 -0.68
N GLN D 608 -49.82 -3.98 0.63
CA GLN D 608 -51.03 -4.21 1.42
C GLN D 608 -52.17 -3.41 0.83
N GLU D 609 -53.17 -4.10 0.28
CA GLU D 609 -54.31 -3.45 -0.35
C GLU D 609 -55.36 -2.97 0.64
N GLN D 610 -55.38 -3.53 1.84
CA GLN D 610 -56.43 -3.26 2.81
C GLN D 610 -56.28 -1.88 3.44
N LEU D 611 -55.05 -1.49 3.78
CA LEU D 611 -54.82 -0.21 4.43
C LEU D 611 -54.84 0.92 3.42
N ARG D 612 -55.32 2.08 3.86
CA ARG D 612 -55.64 3.17 2.96
C ARG D 612 -54.41 3.95 2.51
N PHE D 613 -53.23 3.66 3.04
CA PHE D 613 -52.02 4.35 2.64
C PHE D 613 -51.06 3.34 2.03
N ARG D 614 -51.59 2.51 1.12
CA ARG D 614 -50.81 1.45 0.52
C ARG D 614 -49.51 2.01 -0.03
N GLY D 615 -49.62 3.07 -0.84
CA GLY D 615 -48.45 3.61 -1.50
C GLY D 615 -47.48 4.22 -0.51
N VAL D 616 -47.98 4.93 0.48
CA VAL D 616 -47.08 5.56 1.45
C VAL D 616 -46.34 4.50 2.24
N VAL D 617 -47.05 3.46 2.67
CA VAL D 617 -46.41 2.38 3.42
C VAL D 617 -45.37 1.69 2.56
N LEU D 618 -45.70 1.43 1.29
CA LEU D 618 -44.74 0.76 0.42
C LEU D 618 -43.51 1.64 0.18
N LEU D 619 -43.70 2.93 -0.09
CA LEU D 619 -42.57 3.81 -0.30
C LEU D 619 -41.73 3.94 0.95
N LEU D 620 -42.36 3.96 2.11
CA LEU D 620 -41.63 4.03 3.36
C LEU D 620 -40.81 2.76 3.58
N LEU D 621 -41.38 1.61 3.25
CA LEU D 621 -40.63 0.36 3.35
C LEU D 621 -39.47 0.33 2.35
N LEU D 622 -39.69 0.81 1.14
CA LEU D 622 -38.63 0.84 0.13
C LEU D 622 -37.51 1.76 0.58
N ALA D 623 -37.85 2.91 1.14
CA ALA D 623 -36.83 3.80 1.67
C ALA D 623 -36.08 3.13 2.81
N TYR D 624 -36.78 2.42 3.68
CA TYR D 624 -36.11 1.72 4.76
C TYR D 624 -35.14 0.69 4.20
N VAL D 625 -35.57 -0.05 3.19
CA VAL D 625 -34.69 -1.05 2.58
C VAL D 625 -33.47 -0.39 1.98
N LEU D 626 -33.66 0.68 1.22
CA LEU D 626 -32.52 1.35 0.62
C LEU D 626 -31.56 1.88 1.67
N LEU D 627 -32.09 2.49 2.73
CA LEU D 627 -31.22 3.08 3.74
C LEU D 627 -30.55 2.05 4.61
N THR D 628 -31.13 0.86 4.77
CA THR D 628 -30.68 -0.11 5.75
C THR D 628 -30.04 -1.34 5.13
N TYR D 629 -30.76 -2.03 4.26
CA TYR D 629 -30.24 -3.25 3.67
C TYR D 629 -29.20 -2.97 2.59
N VAL D 630 -29.46 -2.00 1.72
CA VAL D 630 -28.58 -1.75 0.59
C VAL D 630 -27.41 -0.89 1.05
N LEU D 631 -27.68 0.10 1.89
CA LEU D 631 -26.63 1.01 2.32
C LEU D 631 -25.90 0.49 3.55
N LEU D 632 -26.62 0.32 4.66
CA LEU D 632 -25.94 0.17 5.94
C LEU D 632 -25.33 -1.22 6.11
N LEU D 633 -26.00 -2.26 5.66
CA LEU D 633 -25.45 -3.60 5.83
C LEU D 633 -24.23 -3.81 4.93
N ASN D 634 -24.36 -3.44 3.66
CA ASN D 634 -23.22 -3.58 2.77
C ASN D 634 -22.09 -2.68 3.22
N MET D 635 -22.42 -1.49 3.72
CA MET D 635 -21.40 -0.61 4.26
C MET D 635 -20.75 -1.20 5.50
N LEU D 636 -21.51 -1.98 6.27
CA LEU D 636 -20.92 -2.68 7.40
C LEU D 636 -19.92 -3.72 6.94
N ILE D 637 -20.25 -4.42 5.86
CA ILE D 637 -19.29 -5.37 5.30
C ILE D 637 -18.02 -4.62 4.88
N ALA D 638 -18.20 -3.45 4.27
CA ALA D 638 -17.03 -2.67 3.84
C ALA D 638 -16.21 -2.20 5.03
N LEU D 639 -16.87 -1.71 6.07
CA LEU D 639 -16.18 -1.27 7.28
C LEU D 639 -15.44 -2.41 7.94
N MET D 640 -16.04 -3.58 8.01
CA MET D 640 -15.33 -4.69 8.63
C MET D 640 -14.18 -5.18 7.76
N SER D 641 -14.31 -5.08 6.44
CA SER D 641 -13.14 -5.32 5.59
C SER D 641 -12.03 -4.36 5.94
N GLU D 642 -12.38 -3.08 6.12
CA GLU D 642 -11.37 -2.08 6.44
C GLU D 642 -10.72 -2.35 7.80
N THR D 643 -11.52 -2.73 8.79
CA THR D 643 -10.95 -2.97 10.13
C THR D 643 -10.12 -4.23 10.15
N VAL D 644 -10.55 -5.29 9.45
CA VAL D 644 -9.75 -6.50 9.38
C VAL D 644 -8.42 -6.21 8.72
N ASN D 645 -8.43 -5.39 7.66
CA ASN D 645 -7.17 -5.01 7.03
C ASN D 645 -6.32 -4.18 7.97
N SER D 646 -6.94 -3.27 8.72
CA SER D 646 -6.18 -2.38 9.59
C SER D 646 -5.45 -3.13 10.69
N VAL D 647 -6.13 -4.08 11.33
CA VAL D 647 -5.59 -4.79 12.48
C VAL D 647 -5.14 -6.16 11.99
N ALA D 648 -3.91 -6.23 11.46
CA ALA D 648 -3.33 -7.49 11.04
C ALA D 648 -2.08 -7.81 11.85
N THR D 649 -1.12 -6.89 11.92
CA THR D 649 0.02 -7.08 12.80
C THR D 649 -0.35 -6.85 14.25
N ASP D 650 -1.15 -5.82 14.52
CA ASP D 650 -1.60 -5.58 15.88
C ASP D 650 -2.40 -6.76 16.41
N SER D 651 -3.08 -7.50 15.53
CA SER D 651 -3.80 -8.68 15.99
C SER D 651 -2.82 -9.72 16.52
N TRP D 652 -1.72 -9.94 15.80
CA TRP D 652 -0.70 -10.87 16.27
C TRP D 652 -0.13 -10.43 17.61
N SER D 653 0.22 -9.15 17.72
CA SER D 653 0.79 -8.66 18.97
C SER D 653 -0.20 -8.79 20.12
N ILE D 654 -1.47 -8.48 19.87
CA ILE D 654 -2.48 -8.56 20.92
C ILE D 654 -2.72 -9.99 21.32
N TRP D 655 -2.67 -10.92 20.37
CA TRP D 655 -2.78 -12.33 20.72
C TRP D 655 -1.60 -12.79 21.56
N LYS D 656 -0.40 -12.34 21.23
CA LYS D 656 0.75 -12.68 22.06
C LYS D 656 0.60 -12.11 23.45
N LEU D 657 0.05 -10.91 23.57
CA LEU D 657 -0.23 -10.36 24.89
C LEU D 657 -1.27 -11.18 25.63
N GLN D 658 -2.27 -11.69 24.92
CA GLN D 658 -3.28 -12.54 25.54
C GLN D 658 -2.65 -13.82 26.08
N LYS D 659 -1.77 -14.43 25.29
CA LYS D 659 -1.01 -15.58 25.76
C LYS D 659 -0.17 -15.21 26.98
N ALA D 660 0.46 -14.04 26.96
CA ALA D 660 1.26 -13.62 28.10
C ALA D 660 0.41 -13.52 29.35
N ILE D 661 -0.78 -12.94 29.23
CA ILE D 661 -1.68 -12.80 30.37
C ILE D 661 -2.11 -14.17 30.88
N SER D 662 -2.47 -15.06 29.97
CA SER D 662 -2.88 -16.40 30.39
C SER D 662 -1.73 -17.14 31.06
N VAL D 663 -0.51 -17.00 30.53
CA VAL D 663 0.64 -17.62 31.14
C VAL D 663 0.86 -17.09 32.54
N LEU D 664 0.79 -15.76 32.70
CA LEU D 664 1.05 -15.16 34.00
C LEU D 664 -0.02 -15.54 35.01
N GLU D 665 -1.26 -15.73 34.54
CA GLU D 665 -2.32 -16.18 35.44
C GLU D 665 -2.18 -17.66 35.76
N MET D 666 -1.63 -18.43 34.83
CA MET D 666 -1.46 -19.86 35.08
C MET D 666 -0.29 -20.14 36.01
N GLU D 667 0.72 -19.27 35.99
CA GLU D 667 1.89 -19.50 36.83
C GLU D 667 1.52 -19.60 38.29
N ASN D 668 0.79 -18.62 38.80
CA ASN D 668 0.16 -18.81 40.10
C ASN D 668 -1.03 -19.74 39.95
N GLY D 669 -1.17 -20.65 40.89
CA GLY D 669 -2.14 -21.72 40.75
C GLY D 669 -3.56 -21.21 40.71
N TYR D 670 -4.48 -22.13 40.95
CA TYR D 670 -5.89 -21.81 41.05
C TYR D 670 -6.16 -21.02 42.33
N TRP D 671 -7.39 -20.57 42.53
CA TRP D 671 -7.71 -19.85 43.75
C TRP D 671 -7.58 -20.71 44.99
N TRP D 672 -7.47 -22.02 44.84
CA TRP D 672 -7.39 -22.96 45.95
C TRP D 672 -6.01 -23.58 46.09
N CYS D 673 -5.27 -23.73 45.00
CA CYS D 673 -3.97 -24.38 45.02
C CYS D 673 -2.87 -23.34 45.03
N ARG D 674 -2.02 -23.38 46.06
CA ARG D 674 -0.90 -22.46 46.19
C ARG D 674 0.26 -23.03 45.37
N ARG D 675 0.32 -22.64 44.10
CA ARG D 675 1.31 -23.22 43.20
C ARG D 675 2.73 -22.83 43.60
N LYS D 676 3.65 -23.77 43.45
CA LYS D 676 5.07 -23.52 43.67
C LYS D 676 5.68 -22.88 42.42
N ARG D 677 6.39 -21.78 42.62
CA ARG D 677 6.97 -21.06 41.50
C ARG D 677 8.12 -21.84 40.89
N HIS D 678 8.38 -21.58 39.60
CA HIS D 678 9.50 -22.17 38.89
C HIS D 678 10.29 -21.04 38.24
N ARG D 679 11.51 -20.80 38.72
CA ARG D 679 12.25 -19.58 38.41
C ARG D 679 13.05 -19.83 37.12
N ALA D 680 12.60 -19.22 36.03
CA ALA D 680 13.21 -19.41 34.74
C ALA D 680 14.59 -18.77 34.68
N GLY D 681 15.43 -19.32 33.83
CA GLY D 681 16.77 -18.82 33.64
C GLY D 681 17.79 -19.69 34.37
N ARG D 682 19.06 -19.36 34.18
CA ARG D 682 20.17 -20.08 34.76
C ARG D 682 20.99 -19.14 35.63
N LEU D 683 21.37 -19.61 36.82
CA LEU D 683 22.31 -18.87 37.67
C LEU D 683 23.70 -19.03 37.08
N LEU D 684 24.01 -18.18 36.10
CA LEU D 684 25.28 -18.23 35.39
C LEU D 684 26.20 -17.14 35.93
N LYS D 685 27.36 -17.54 36.43
CA LYS D 685 28.37 -16.57 36.80
C LYS D 685 28.83 -15.83 35.56
N VAL D 686 28.66 -14.50 35.57
CA VAL D 686 29.04 -13.66 34.45
C VAL D 686 30.02 -12.62 34.96
N GLY D 687 31.21 -12.60 34.37
CA GLY D 687 32.22 -11.64 34.75
C GLY D 687 32.54 -11.62 36.23
N THR D 688 33.36 -10.68 36.65
CA THR D 688 33.72 -10.49 38.05
C THR D 688 33.50 -9.04 38.43
N LYS D 689 32.80 -8.82 39.53
CA LYS D 689 32.52 -7.47 39.99
C LYS D 689 33.81 -6.81 40.50
N GLY D 690 33.73 -5.50 40.70
CA GLY D 690 34.88 -4.74 41.19
C GLY D 690 35.15 -5.01 42.66
N ASP D 691 35.36 -6.28 43.00
CA ASP D 691 35.58 -6.72 44.37
C ASP D 691 36.47 -7.96 44.32
N GLY D 692 36.45 -8.74 45.39
CA GLY D 692 37.20 -9.99 45.43
C GLY D 692 36.34 -11.15 44.98
N ILE D 693 35.84 -11.94 45.93
CA ILE D 693 34.99 -13.09 45.65
C ILE D 693 34.00 -12.72 44.52
N PRO D 694 33.79 -13.57 43.54
CA PRO D 694 33.01 -13.18 42.35
C PRO D 694 31.52 -13.18 42.62
N ASP D 695 30.75 -12.94 41.57
CA ASP D 695 29.31 -12.78 41.66
C ASP D 695 28.59 -13.78 40.75
N GLU D 696 27.26 -13.76 40.82
CA GLU D 696 26.40 -14.60 39.99
C GLU D 696 25.17 -13.80 39.60
N ARG D 697 24.44 -14.31 38.61
CA ARG D 697 23.28 -13.59 38.10
C ARG D 697 22.44 -14.52 37.24
N TRP D 698 21.11 -14.39 37.35
CA TRP D 698 20.22 -15.24 36.56
C TRP D 698 20.03 -14.65 35.18
N CYS D 699 20.25 -15.47 34.16
CA CYS D 699 20.21 -15.02 32.77
C CYS D 699 19.40 -16.00 31.96
N PHE D 700 18.89 -15.52 30.83
CA PHE D 700 17.99 -16.28 29.97
C PHE D 700 18.80 -16.76 28.77
N ARG D 701 18.96 -18.08 28.66
CA ARG D 701 19.83 -18.67 27.66
C ARG D 701 19.16 -18.64 26.30
N VAL D 702 19.83 -18.05 25.31
CA VAL D 702 19.23 -17.92 23.99
C VAL D 702 20.26 -18.20 22.90
N GLU D 703 19.89 -19.08 21.97
CA GLU D 703 20.67 -19.31 20.77
C GLU D 703 20.09 -18.52 19.60
N GLU D 704 20.98 -17.97 18.79
CA GLU D 704 20.58 -17.31 17.56
C GLU D 704 21.72 -17.44 16.55
N VAL D 705 21.36 -17.71 15.29
CA VAL D 705 22.33 -17.81 14.21
C VAL D 705 22.38 -16.45 13.54
N ASN D 706 23.56 -15.83 13.53
CA ASN D 706 23.73 -14.50 12.95
C ASN D 706 24.97 -14.50 12.08
N TRP D 707 24.86 -13.87 10.92
CA TRP D 707 25.98 -13.70 10.00
C TRP D 707 26.36 -12.24 9.79
N ALA D 708 25.45 -11.31 10.03
CA ALA D 708 25.80 -9.89 9.94
C ALA D 708 26.78 -9.52 11.05
N ALA D 709 26.52 -9.98 12.28
CA ALA D 709 27.44 -9.71 13.37
C ALA D 709 28.72 -10.52 13.22
N TRP D 710 28.62 -11.74 12.68
CA TRP D 710 29.78 -12.62 12.59
C TRP D 710 30.84 -12.07 11.64
N GLU D 711 30.44 -11.38 10.56
CA GLU D 711 31.42 -10.87 9.63
C GLU D 711 32.20 -9.68 10.17
N LYS D 712 31.79 -9.12 11.31
CA LYS D 712 32.44 -7.96 11.89
C LYS D 712 33.35 -8.30 13.06
N THR D 713 33.34 -9.54 13.53
CA THR D 713 34.15 -9.95 14.68
C THR D 713 35.51 -10.48 14.26
N LEU D 714 36.03 -10.03 13.13
CA LEU D 714 37.28 -10.53 12.58
C LEU D 714 38.21 -9.39 12.19
#